data_3BF1
#
_entry.id   3BF1
#
_cell.length_a   74.962
_cell.length_b   136.685
_cell.length_c   75.010
_cell.angle_alpha   90.00
_cell.angle_beta   109.71
_cell.angle_gamma   90.00
#
_symmetry.space_group_name_H-M   'P 1 21 1'
#
loop_
_entity.id
_entity.type
_entity.pdbx_description
1 polymer 'Type III pantothenate kinase'
2 non-polymer "ADENOSINE-5'-DIPHOSPHATE"
3 non-polymer 'PANTOTHENOIC ACID'
4 water water
#
_entity_poly.entity_id   1
_entity_poly.type   'polypeptide(L)'
_entity_poly.pdbx_seq_one_letter_code
;MDPMYLLVDVGNTHSVFSITEDGKTFRRWRLSTGVFQTEDELFSHLHPLLGDAMREIKGIGVASVVPTQNTVIERFSQKY
FHISPIWVKAKNGCVKWNVKNPSEVGADRVANVVAFVKEYGKNGIIIDMGTATTVDLVVNGSYEGGAILPGFFMMVHSLF
RGTAKLPLVEVKPADFVVGKDTEENIRLGVVNGSVYALEGIIGRIKEVYGDLPVVLTGGQSKIVKDMIKHEIFDEDLTIK
GVYHFCFGD
;
_entity_poly.pdbx_strand_id   A,B,C,D,E,F
#
loop_
_chem_comp.id
_chem_comp.type
_chem_comp.name
_chem_comp.formula
ADP non-polymer ADENOSINE-5'-DIPHOSPHATE 'C10 H15 N5 O10 P2'
PAU peptide-like 'PANTOTHENOIC ACID' 'C9 H17 N O5'
#
# COMPACT_ATOMS: atom_id res chain seq x y z
N MET A 1 -17.55 -28.42 39.99
CA MET A 1 -18.13 -28.60 38.64
C MET A 1 -17.00 -28.51 37.62
N ASP A 2 -17.35 -28.54 36.34
CA ASP A 2 -16.39 -28.37 35.25
C ASP A 2 -16.77 -27.12 34.43
N PRO A 3 -16.44 -25.92 34.95
CA PRO A 3 -16.82 -24.67 34.28
C PRO A 3 -16.13 -24.50 32.93
N MET A 4 -16.84 -23.91 31.98
CA MET A 4 -16.30 -23.71 30.64
C MET A 4 -15.47 -22.43 30.54
N TYR A 5 -14.29 -22.57 29.94
CA TYR A 5 -13.38 -21.46 29.76
C TYR A 5 -13.09 -21.22 28.30
N LEU A 6 -13.21 -19.96 27.88
CA LEU A 6 -12.84 -19.54 26.54
C LEU A 6 -11.38 -19.09 26.53
N LEU A 7 -10.61 -19.69 25.64
CA LEU A 7 -9.20 -19.39 25.49
C LEU A 7 -8.94 -18.80 24.13
N VAL A 8 -8.29 -17.64 24.10
CA VAL A 8 -8.08 -16.90 22.87
C VAL A 8 -6.59 -16.70 22.63
N ASP A 9 -6.16 -16.99 21.41
CA ASP A 9 -4.81 -16.72 20.96
C ASP A 9 -4.88 -15.81 19.75
N VAL A 10 -4.72 -14.50 19.99
CA VAL A 10 -4.79 -13.50 18.93
C VAL A 10 -3.44 -13.35 18.24
N GLY A 11 -3.33 -13.88 17.01
CA GLY A 11 -2.12 -13.71 16.20
C GLY A 11 -2.29 -12.68 15.10
N ASN A 12 -1.20 -12.36 14.41
CA ASN A 12 -1.21 -11.29 13.42
C ASN A 12 -2.11 -11.51 12.22
N THR A 13 -2.28 -12.76 11.82
CA THR A 13 -3.20 -13.05 10.73
C THR A 13 -4.45 -13.77 11.23
N HIS A 14 -4.27 -14.72 12.15
CA HIS A 14 -5.37 -15.50 12.68
C HIS A 14 -5.48 -15.49 14.20
N SER A 15 -6.70 -15.69 14.67
CA SER A 15 -7.03 -15.75 16.07
C SER A 15 -7.66 -17.10 16.35
N VAL A 16 -7.07 -17.82 17.31
CA VAL A 16 -7.57 -19.13 17.74
C VAL A 16 -8.51 -18.96 18.93
N PHE A 17 -9.68 -19.60 18.84
CA PHE A 17 -10.66 -19.59 19.93
C PHE A 17 -10.94 -21.02 20.39
N SER A 18 -10.67 -21.28 21.65
CA SER A 18 -10.84 -22.62 22.15
C SER A 18 -11.65 -22.67 23.45
N ILE A 19 -12.46 -23.70 23.61
CA ILE A 19 -13.20 -23.93 24.86
C ILE A 19 -12.78 -25.24 25.55
N THR A 20 -12.74 -25.21 26.87
CA THR A 20 -12.40 -26.39 27.66
C THR A 20 -13.13 -26.41 28.99
N GLU A 21 -13.26 -27.59 29.56
CA GLU A 21 -13.93 -27.79 30.85
C GLU A 21 -13.00 -28.49 31.82
N ASP A 22 -11.79 -28.84 31.38
CA ASP A 22 -10.82 -29.54 32.23
C ASP A 22 -9.39 -29.06 32.06
N GLY A 23 -9.16 -28.23 31.04
CA GLY A 23 -7.83 -27.75 30.71
C GLY A 23 -6.93 -28.82 30.13
N LYS A 24 -7.55 -29.85 29.56
CA LYS A 24 -6.82 -31.01 29.07
C LYS A 24 -7.30 -31.42 27.68
N THR A 25 -8.61 -31.29 27.45
CA THR A 25 -9.19 -31.55 26.13
C THR A 25 -9.87 -30.29 25.61
N PHE A 26 -9.52 -29.89 24.39
CA PHE A 26 -9.94 -28.60 23.84
C PHE A 26 -10.74 -28.75 22.54
N ARG A 27 -11.85 -28.02 22.43
CA ARG A 27 -12.52 -27.77 21.15
C ARG A 27 -12.01 -26.43 20.63
N ARG A 28 -11.55 -26.40 19.38
CA ARG A 28 -11.00 -25.16 18.82
C ARG A 28 -11.55 -24.72 17.47
N TRP A 29 -11.53 -23.42 17.26
CA TRP A 29 -11.90 -22.78 16.02
C TRP A 29 -10.86 -21.72 15.67
N ARG A 30 -10.86 -21.29 14.42
CA ARG A 30 -9.93 -20.29 13.94
C ARG A 30 -10.64 -19.29 13.04
N LEU A 31 -10.35 -18.01 13.26
CA LEU A 31 -10.91 -16.90 12.49
C LEU A 31 -9.78 -15.95 12.12
N SER A 32 -9.94 -15.23 11.01
CA SER A 32 -8.97 -14.20 10.66
C SER A 32 -8.99 -13.14 11.78
N THR A 33 -7.86 -12.50 12.04
CA THR A 33 -7.77 -11.50 13.11
C THR A 33 -8.60 -10.24 12.76
N GLY A 34 -8.45 -9.73 11.55
CA GLY A 34 -9.37 -8.69 11.07
C GLY A 34 -9.24 -7.34 11.78
N VAL A 35 -8.49 -6.45 11.13
CA VAL A 35 -8.21 -5.08 11.60
C VAL A 35 -9.40 -4.28 12.19
N PHE A 36 -10.48 -4.10 11.42
CA PHE A 36 -11.56 -3.21 11.85
C PHE A 36 -12.74 -3.94 12.51
N GLN A 37 -12.53 -5.20 12.91
CA GLN A 37 -13.57 -6.05 13.47
C GLN A 37 -14.07 -5.52 14.80
N THR A 38 -15.37 -5.65 15.07
CA THR A 38 -15.99 -5.21 16.32
C THR A 38 -16.38 -6.39 17.21
N GLU A 39 -16.77 -6.08 18.46
CA GLU A 39 -17.22 -7.10 19.40
C GLU A 39 -18.48 -7.83 18.93
N ASP A 40 -19.38 -7.11 18.28
CA ASP A 40 -20.59 -7.70 17.67
C ASP A 40 -20.27 -8.60 16.48
N GLU A 41 -19.30 -8.16 15.67
CA GLU A 41 -18.81 -8.96 14.55
C GLU A 41 -18.24 -10.29 15.03
N LEU A 42 -17.35 -10.21 16.03
CA LEU A 42 -16.76 -11.38 16.67
C LEU A 42 -17.80 -12.33 17.29
N PHE A 43 -18.76 -11.79 18.02
CA PHE A 43 -19.88 -12.59 18.55
C PHE A 43 -20.63 -13.27 17.41
N SER A 44 -20.91 -12.51 16.35
CA SER A 44 -21.62 -13.02 15.19
C SER A 44 -20.88 -14.16 14.51
N HIS A 45 -19.55 -14.06 14.42
CA HIS A 45 -18.73 -15.12 13.82
C HIS A 45 -18.69 -16.40 14.67
N LEU A 46 -18.64 -16.21 15.99
CA LEU A 46 -18.54 -17.33 16.95
C LEU A 46 -19.87 -18.03 17.24
N HIS A 47 -20.98 -17.32 17.06
CA HIS A 47 -22.34 -17.84 17.37
C HIS A 47 -22.67 -19.22 16.80
N PRO A 48 -22.56 -19.41 15.46
CA PRO A 48 -22.90 -20.73 14.91
C PRO A 48 -21.80 -21.78 15.12
N LEU A 49 -20.63 -21.36 15.59
CA LEU A 49 -19.51 -22.27 15.85
C LEU A 49 -19.58 -22.90 17.23
N LEU A 50 -19.68 -22.04 18.25
CA LEU A 50 -19.74 -22.49 19.63
C LEU A 50 -21.11 -23.07 20.00
N GLY A 51 -22.17 -22.52 19.39
CA GLY A 51 -23.53 -22.99 19.63
C GLY A 51 -23.95 -22.77 21.07
N ASP A 52 -24.54 -23.80 21.68
CA ASP A 52 -25.00 -23.77 23.07
C ASP A 52 -23.87 -23.49 24.04
N ALA A 53 -22.68 -23.98 23.70
CA ALA A 53 -21.49 -23.80 24.54
C ALA A 53 -21.24 -22.32 24.89
N MET A 54 -21.73 -21.42 24.04
CA MET A 54 -21.52 -19.98 24.18
C MET A 54 -21.91 -19.46 25.57
N ARG A 55 -23.09 -19.85 26.06
CA ARG A 55 -23.60 -19.36 27.35
C ARG A 55 -23.05 -20.08 28.59
N GLU A 56 -22.25 -21.12 28.38
CA GLU A 56 -21.61 -21.83 29.47
C GLU A 56 -20.29 -21.17 29.93
N ILE A 57 -19.78 -20.23 29.13
CA ILE A 57 -18.46 -19.62 29.38
C ILE A 57 -18.41 -18.81 30.69
N LYS A 58 -17.49 -19.19 31.57
CA LYS A 58 -17.37 -18.54 32.88
C LYS A 58 -16.06 -17.76 33.07
N GLY A 59 -15.13 -17.95 32.13
CA GLY A 59 -13.84 -17.27 32.18
C GLY A 59 -13.24 -17.10 30.79
N ILE A 60 -12.60 -15.95 30.56
CA ILE A 60 -11.97 -15.67 29.28
C ILE A 60 -10.48 -15.35 29.44
N GLY A 61 -9.65 -16.18 28.80
CA GLY A 61 -8.20 -16.03 28.86
C GLY A 61 -7.64 -15.72 27.50
N VAL A 62 -6.75 -14.72 27.44
CA VAL A 62 -6.21 -14.23 26.15
C VAL A 62 -4.68 -14.03 26.13
N ALA A 63 -4.04 -14.63 25.13
CA ALA A 63 -2.72 -14.19 24.69
C ALA A 63 -2.89 -13.43 23.36
N SER A 64 -2.23 -12.28 23.26
CA SER A 64 -2.40 -11.42 22.08
C SER A 64 -1.09 -10.78 21.70
N VAL A 65 -0.75 -10.83 20.42
CA VAL A 65 0.41 -10.11 19.88
C VAL A 65 0.00 -8.98 18.94
N VAL A 66 -1.28 -8.59 19.01
CA VAL A 66 -1.84 -7.46 18.25
C VAL A 66 -2.57 -6.51 19.21
N PRO A 67 -1.83 -5.55 19.83
CA PRO A 67 -2.43 -4.59 20.77
C PRO A 67 -3.73 -3.87 20.31
N THR A 68 -3.85 -3.44 19.05
CA THR A 68 -5.09 -2.80 18.58
C THR A 68 -6.33 -3.67 18.77
N GLN A 69 -6.12 -4.98 18.72
CA GLN A 69 -7.19 -5.96 18.80
C GLN A 69 -7.71 -6.15 20.24
N ASN A 70 -6.98 -5.63 21.22
CA ASN A 70 -7.28 -5.88 22.64
C ASN A 70 -8.56 -5.24 23.17
N THR A 71 -8.85 -4.00 22.75
CA THR A 71 -10.08 -3.34 23.17
C THR A 71 -11.32 -4.06 22.61
N VAL A 72 -11.15 -4.72 21.47
CA VAL A 72 -12.22 -5.49 20.84
C VAL A 72 -12.54 -6.74 21.68
N ILE A 73 -11.51 -7.48 22.06
CA ILE A 73 -11.65 -8.64 22.95
C ILE A 73 -12.24 -8.24 24.30
N GLU A 74 -11.77 -7.12 24.83
CA GLU A 74 -12.23 -6.57 26.10
C GLU A 74 -13.73 -6.29 26.05
N ARG A 75 -14.18 -5.67 24.97
CA ARG A 75 -15.58 -5.30 24.81
C ARG A 75 -16.50 -6.48 24.57
N PHE A 76 -16.00 -7.47 23.82
CA PHE A 76 -16.66 -8.74 23.59
C PHE A 76 -16.93 -9.45 24.91
N SER A 77 -15.89 -9.56 25.74
CA SER A 77 -15.98 -10.20 27.05
C SER A 77 -16.97 -9.49 27.98
N GLN A 78 -16.85 -8.17 28.08
CA GLN A 78 -17.73 -7.38 28.94
C GLN A 78 -19.17 -7.35 28.44
N LYS A 79 -19.36 -7.09 27.13
CA LYS A 79 -20.71 -7.04 26.54
C LYS A 79 -21.46 -8.36 26.65
N TYR A 80 -20.80 -9.45 26.27
CA TYR A 80 -21.50 -10.73 26.14
C TYR A 80 -21.40 -11.64 27.37
N PHE A 81 -20.42 -11.39 28.23
CA PHE A 81 -20.19 -12.26 29.39
C PHE A 81 -20.10 -11.53 30.72
N HIS A 82 -20.08 -10.19 30.65
CA HIS A 82 -19.99 -9.33 31.83
C HIS A 82 -18.76 -9.66 32.69
N ILE A 83 -17.69 -10.06 32.02
CA ILE A 83 -16.42 -10.35 32.65
C ILE A 83 -15.31 -9.64 31.88
N SER A 84 -14.21 -9.37 32.57
CA SER A 84 -13.02 -8.87 31.90
C SER A 84 -12.14 -10.06 31.57
N PRO A 85 -11.45 -10.02 30.40
CA PRO A 85 -10.54 -11.11 30.05
C PRO A 85 -9.27 -11.05 30.87
N ILE A 86 -8.66 -12.22 31.10
CA ILE A 86 -7.35 -12.31 31.72
C ILE A 86 -6.28 -12.34 30.63
N TRP A 87 -5.33 -11.42 30.73
CA TRP A 87 -4.31 -11.24 29.72
C TRP A 87 -3.00 -11.94 30.06
N VAL A 88 -2.57 -12.85 29.18
CA VAL A 88 -1.29 -13.53 29.35
C VAL A 88 -0.14 -12.53 29.14
N LYS A 89 0.73 -12.46 30.15
CA LYS A 89 2.02 -11.75 30.03
C LYS A 89 3.08 -12.41 30.92
N ALA A 90 4.34 -12.04 30.66
CA ALA A 90 5.46 -12.51 31.46
C ALA A 90 5.39 -11.92 32.87
N LYS A 91 5.31 -12.81 33.85
CA LYS A 91 5.41 -12.40 35.25
C LYS A 91 6.21 -13.44 36.03
N ASN A 92 6.74 -13.03 37.19
CA ASN A 92 7.48 -13.93 38.08
C ASN A 92 6.60 -15.03 38.67
N GLY A 93 7.20 -16.17 39.01
CA GLY A 93 6.46 -17.33 39.50
C GLY A 93 7.09 -18.62 38.99
N CYS A 94 6.28 -19.46 38.35
CA CYS A 94 6.75 -20.74 37.79
C CYS A 94 7.92 -20.60 36.79
N VAL A 95 7.90 -19.56 35.97
CA VAL A 95 8.98 -19.32 34.99
C VAL A 95 9.87 -18.16 35.44
N LYS A 96 11.18 -18.35 35.33
CA LYS A 96 12.14 -17.25 35.49
C LYS A 96 12.42 -16.63 34.12
N TRP A 97 12.35 -15.31 34.04
CA TRP A 97 12.52 -14.61 32.78
C TRP A 97 13.91 -13.97 32.67
N ASN A 98 14.86 -14.74 32.14
CA ASN A 98 16.26 -14.33 32.04
C ASN A 98 16.59 -13.64 30.71
N VAL A 99 15.85 -12.56 30.42
CA VAL A 99 16.09 -11.75 29.23
C VAL A 99 16.12 -10.28 29.65
N LYS A 100 16.56 -9.40 28.77
CA LYS A 100 16.73 -7.98 29.14
C LYS A 100 15.39 -7.29 29.50
N ASN A 101 14.36 -7.49 28.69
CA ASN A 101 13.04 -6.93 28.96
C ASN A 101 11.88 -7.92 28.76
N PRO A 102 11.52 -8.65 29.84
CA PRO A 102 10.49 -9.69 29.80
C PRO A 102 9.09 -9.22 29.37
N SER A 103 8.77 -7.95 29.60
CA SER A 103 7.46 -7.41 29.20
C SER A 103 7.36 -7.26 27.67
N GLU A 104 8.49 -7.36 26.98
CA GLU A 104 8.51 -7.22 25.52
C GLU A 104 8.34 -8.54 24.78
N VAL A 105 8.48 -9.66 25.47
CA VAL A 105 8.30 -10.96 24.80
C VAL A 105 6.83 -11.23 24.50
N GLY A 106 6.59 -11.77 23.29
CA GLY A 106 5.25 -12.01 22.77
C GLY A 106 4.45 -12.87 23.70
N ALA A 107 3.17 -12.53 23.87
CA ALA A 107 2.27 -13.25 24.78
C ALA A 107 2.14 -14.71 24.39
N ASP A 108 2.18 -14.98 23.08
CA ASP A 108 2.11 -16.34 22.56
C ASP A 108 3.30 -17.17 23.03
N ARG A 109 4.47 -16.56 23.07
CA ARG A 109 5.69 -17.20 23.55
C ARG A 109 5.61 -17.44 25.05
N VAL A 110 5.20 -16.41 25.79
CA VAL A 110 4.97 -16.54 27.23
C VAL A 110 4.08 -17.76 27.51
N ALA A 111 2.96 -17.86 26.80
CA ALA A 111 2.01 -18.96 26.94
C ALA A 111 2.66 -20.30 26.64
N ASN A 112 3.40 -20.37 25.52
CA ASN A 112 4.12 -21.58 25.11
C ASN A 112 5.05 -22.11 26.18
N VAL A 113 5.82 -21.20 26.79
CA VAL A 113 6.79 -21.53 27.83
C VAL A 113 6.09 -22.03 29.10
N VAL A 114 5.04 -21.31 29.52
CA VAL A 114 4.23 -21.70 30.67
C VAL A 114 3.64 -23.10 30.47
N ALA A 115 3.04 -23.33 29.30
CA ALA A 115 2.54 -24.66 28.93
C ALA A 115 3.66 -25.70 29.01
N PHE A 116 4.84 -25.38 28.46
CA PHE A 116 5.96 -26.32 28.48
C PHE A 116 6.40 -26.72 29.89
N VAL A 117 6.56 -25.72 30.76
CA VAL A 117 7.04 -25.95 32.13
C VAL A 117 6.02 -26.69 33.02
N LYS A 118 4.74 -26.44 32.77
CA LYS A 118 3.66 -27.13 33.48
C LYS A 118 3.48 -28.57 33.00
N GLU A 119 3.67 -28.81 31.70
CA GLU A 119 3.33 -30.12 31.12
C GLU A 119 4.53 -31.00 30.77
N TYR A 120 5.59 -30.39 30.25
CA TYR A 120 6.69 -31.15 29.67
C TYR A 120 8.01 -31.12 30.45
N GLY A 121 8.24 -30.07 31.21
CA GLY A 121 9.42 -30.04 32.08
C GLY A 121 10.16 -28.73 32.14
N LYS A 122 11.30 -28.73 32.81
CA LYS A 122 12.08 -27.51 33.05
C LYS A 122 13.04 -27.17 31.89
N ASN A 123 13.26 -28.14 31.00
CA ASN A 123 14.26 -28.04 29.95
C ASN A 123 13.68 -28.36 28.58
N GLY A 124 13.84 -27.45 27.63
CA GLY A 124 13.35 -27.68 26.27
C GLY A 124 13.44 -26.52 25.31
N ILE A 125 13.33 -26.84 24.02
CA ILE A 125 13.32 -25.83 22.97
C ILE A 125 11.99 -25.90 22.21
N ILE A 126 11.31 -24.76 22.14
CA ILE A 126 10.00 -24.65 21.50
C ILE A 126 10.14 -23.96 20.14
N ILE A 127 9.64 -24.63 19.10
CA ILE A 127 9.52 -24.04 17.78
C ILE A 127 8.04 -23.84 17.48
N ASP A 128 7.66 -22.58 17.28
CA ASP A 128 6.29 -22.24 16.96
C ASP A 128 6.23 -21.65 15.54
N MET A 129 5.56 -22.37 14.63
CA MET A 129 5.46 -21.90 13.24
C MET A 129 4.13 -21.25 12.90
N GLY A 130 4.13 -19.92 12.94
CA GLY A 130 2.98 -19.12 12.51
C GLY A 130 3.40 -18.06 11.52
N THR A 131 2.81 -16.88 11.65
CA THR A 131 3.13 -15.74 10.81
C THR A 131 4.64 -15.46 10.82
N ALA A 132 5.20 -15.45 12.01
CA ALA A 132 6.64 -15.52 12.19
C ALA A 132 6.91 -16.91 12.76
N THR A 133 8.14 -17.39 12.59
CA THR A 133 8.54 -18.62 13.24
C THR A 133 9.47 -18.28 14.39
N THR A 134 9.15 -18.87 15.53
CA THR A 134 9.73 -18.51 16.79
C THR A 134 10.47 -19.71 17.39
N VAL A 135 11.63 -19.43 17.98
CA VAL A 135 12.42 -20.40 18.77
C VAL A 135 12.55 -19.89 20.19
N ASP A 136 12.13 -20.69 21.17
CA ASP A 136 12.23 -20.32 22.60
C ASP A 136 12.98 -21.37 23.40
N LEU A 137 13.94 -20.90 24.19
CA LEU A 137 14.77 -21.76 25.01
C LEU A 137 14.39 -21.66 26.48
N VAL A 138 14.09 -22.82 27.08
CA VAL A 138 13.83 -22.97 28.52
C VAL A 138 14.91 -23.85 29.14
N VAL A 139 15.59 -23.34 30.16
CA VAL A 139 16.65 -24.09 30.84
C VAL A 139 16.47 -23.98 32.35
N ASN A 140 16.32 -25.14 33.00
CA ASN A 140 16.07 -25.22 34.44
C ASN A 140 14.95 -24.30 34.94
N GLY A 141 13.85 -24.26 34.18
CA GLY A 141 12.71 -23.39 34.49
C GLY A 141 12.94 -21.92 34.15
N SER A 142 14.06 -21.62 33.53
CA SER A 142 14.36 -20.24 33.15
C SER A 142 14.28 -20.05 31.64
N TYR A 143 13.49 -19.08 31.23
CA TYR A 143 13.38 -18.72 29.82
C TYR A 143 14.63 -17.90 29.45
N GLU A 144 15.32 -18.35 28.41
CA GLU A 144 16.66 -17.83 28.11
C GLU A 144 16.71 -16.89 26.92
N GLY A 145 15.59 -16.81 26.20
CA GLY A 145 15.50 -16.01 24.98
C GLY A 145 15.36 -16.94 23.78
N GLY A 146 15.65 -16.43 22.60
CA GLY A 146 15.53 -17.24 21.40
C GLY A 146 15.87 -16.57 20.08
N ALA A 147 15.10 -16.96 19.06
CA ALA A 147 15.23 -16.41 17.71
C ALA A 147 13.85 -16.11 17.12
N ILE A 148 13.81 -15.11 16.24
CA ILE A 148 12.61 -14.83 15.43
C ILE A 148 13.00 -14.90 13.95
N LEU A 149 12.23 -15.66 13.18
CA LEU A 149 12.37 -15.67 11.71
C LEU A 149 11.03 -15.47 11.00
N PRO A 150 11.05 -14.98 9.74
CA PRO A 150 9.81 -14.89 9.00
C PRO A 150 9.21 -16.28 8.78
N GLY A 151 7.88 -16.37 8.81
CA GLY A 151 7.20 -17.64 8.56
C GLY A 151 7.27 -17.99 7.09
N PHE A 152 6.90 -19.24 6.77
CA PHE A 152 6.94 -19.73 5.38
C PHE A 152 6.16 -18.83 4.44
N PHE A 153 4.90 -18.53 4.78
CA PHE A 153 4.10 -17.64 3.93
C PHE A 153 4.63 -16.21 3.86
N MET A 154 5.08 -15.66 4.97
CA MET A 154 5.67 -14.32 4.99
C MET A 154 6.81 -14.24 3.99
N MET A 155 7.60 -15.30 3.94
CA MET A 155 8.76 -15.40 3.05
C MET A 155 8.37 -15.46 1.58
N VAL A 156 7.46 -16.36 1.21
CA VAL A 156 7.07 -16.48 -0.20
C VAL A 156 6.35 -15.20 -0.68
N HIS A 157 5.58 -14.61 0.23
CA HIS A 157 4.90 -13.35 -0.05
C HIS A 157 5.88 -12.20 -0.24
N SER A 158 6.96 -12.19 0.55
CA SER A 158 7.95 -11.10 0.48
C SER A 158 8.72 -11.12 -0.83
N LEU A 159 8.99 -12.33 -1.32
CA LEU A 159 9.64 -12.55 -2.59
C LEU A 159 8.74 -12.14 -3.76
N PHE A 160 7.47 -12.52 -3.66
CA PHE A 160 6.46 -12.13 -4.64
C PHE A 160 6.33 -10.61 -4.73
N ARG A 161 6.05 -9.95 -3.60
CA ARG A 161 5.84 -8.49 -3.55
C ARG A 161 7.09 -7.65 -3.73
N GLY A 162 8.25 -8.20 -3.36
CA GLY A 162 9.50 -7.45 -3.36
C GLY A 162 10.31 -7.56 -4.63
N THR A 163 9.84 -8.37 -5.58
CA THR A 163 10.49 -8.50 -6.88
C THR A 163 9.53 -8.27 -8.04
N ALA A 164 10.08 -7.91 -9.19
CA ALA A 164 9.32 -7.84 -10.44
C ALA A 164 8.83 -9.22 -10.95
N LYS A 165 9.73 -10.20 -10.95
CA LYS A 165 9.53 -11.43 -11.74
C LYS A 165 9.02 -12.66 -11.00
N LEU A 166 9.05 -12.64 -9.68
CA LEU A 166 8.72 -13.84 -8.93
C LEU A 166 7.23 -13.92 -8.66
N PRO A 167 6.65 -15.11 -8.89
CA PRO A 167 5.23 -15.33 -8.58
C PRO A 167 5.08 -15.67 -7.11
N LEU A 168 3.84 -15.70 -6.63
CA LEU A 168 3.54 -16.20 -5.31
C LEU A 168 3.49 -17.71 -5.33
N VAL A 169 4.42 -18.34 -4.62
CA VAL A 169 4.52 -19.79 -4.62
C VAL A 169 3.81 -20.38 -3.40
N GLU A 170 3.01 -21.42 -3.63
CA GLU A 170 2.40 -22.20 -2.55
C GLU A 170 3.47 -22.77 -1.62
N VAL A 171 3.15 -22.89 -0.34
CA VAL A 171 4.11 -23.44 0.62
C VAL A 171 4.08 -24.98 0.63
N LYS A 172 5.16 -25.58 0.12
CA LYS A 172 5.26 -27.02 -0.12
C LYS A 172 6.75 -27.39 -0.13
N PRO A 173 7.17 -28.33 0.74
CA PRO A 173 8.60 -28.66 0.79
C PRO A 173 9.09 -29.20 -0.55
N ALA A 174 10.36 -28.96 -0.84
CA ALA A 174 11.02 -29.54 -1.99
C ALA A 174 11.39 -31.00 -1.68
N ASP A 175 11.25 -31.87 -2.69
CA ASP A 175 11.79 -33.22 -2.63
C ASP A 175 12.90 -33.38 -3.68
N PHE A 176 13.73 -32.35 -3.79
CA PHE A 176 14.82 -32.32 -4.77
C PHE A 176 16.00 -31.52 -4.21
N VAL A 177 17.18 -31.73 -4.81
CA VAL A 177 18.42 -31.12 -4.36
C VAL A 177 18.57 -29.70 -4.91
N VAL A 178 18.13 -29.50 -6.16
CA VAL A 178 18.06 -28.18 -6.78
C VAL A 178 16.74 -28.02 -7.53
N GLY A 179 16.16 -26.82 -7.46
CA GLY A 179 14.96 -26.51 -8.22
C GLY A 179 15.24 -26.40 -9.71
N LYS A 180 14.33 -26.91 -10.53
CA LYS A 180 14.46 -26.90 -12.00
C LYS A 180 13.56 -25.86 -12.67
N ASP A 181 12.75 -25.19 -11.86
CA ASP A 181 12.02 -24.00 -12.28
C ASP A 181 11.86 -23.03 -11.11
N THR A 182 11.33 -21.85 -11.40
CA THR A 182 11.23 -20.76 -10.43
C THR A 182 10.52 -21.16 -9.14
N GLU A 183 9.37 -21.82 -9.28
CA GLU A 183 8.59 -22.27 -8.13
C GLU A 183 9.36 -23.27 -7.26
N GLU A 184 10.08 -24.18 -7.90
CA GLU A 184 10.86 -25.20 -7.21
C GLU A 184 12.04 -24.57 -6.49
N ASN A 185 12.64 -23.55 -7.11
CA ASN A 185 13.72 -22.76 -6.51
C ASN A 185 13.29 -22.08 -5.21
N ILE A 186 12.11 -21.46 -5.23
CA ILE A 186 11.56 -20.77 -4.04
C ILE A 186 11.11 -21.75 -2.93
N ARG A 187 10.49 -22.87 -3.31
CA ARG A 187 10.11 -23.92 -2.36
C ARG A 187 11.32 -24.45 -1.59
N LEU A 188 12.37 -24.81 -2.33
CA LEU A 188 13.64 -25.24 -1.76
C LEU A 188 14.24 -24.18 -0.81
N GLY A 189 14.29 -22.93 -1.29
CA GLY A 189 14.88 -21.81 -0.55
C GLY A 189 14.17 -21.43 0.74
N VAL A 190 12.83 -21.33 0.67
CA VAL A 190 12.01 -20.87 1.80
C VAL A 190 11.72 -22.00 2.77
N VAL A 191 11.15 -23.09 2.27
CA VAL A 191 10.72 -24.19 3.11
C VAL A 191 11.90 -25.03 3.59
N ASN A 192 12.63 -25.67 2.67
CA ASN A 192 13.79 -26.47 3.09
C ASN A 192 14.81 -25.61 3.80
N GLY A 193 15.08 -24.43 3.23
CA GLY A 193 15.97 -23.44 3.86
C GLY A 193 15.59 -23.09 5.29
N SER A 194 14.32 -22.74 5.51
CA SER A 194 13.84 -22.39 6.86
C SER A 194 14.01 -23.51 7.85
N VAL A 195 13.87 -24.75 7.38
CA VAL A 195 14.07 -25.93 8.22
C VAL A 195 15.55 -26.06 8.63
N TYR A 196 16.46 -25.92 7.65
CA TYR A 196 17.92 -25.85 7.88
C TYR A 196 18.30 -24.73 8.85
N ALA A 197 17.70 -23.55 8.66
CA ALA A 197 17.89 -22.40 9.53
C ALA A 197 17.52 -22.73 10.96
N LEU A 198 16.37 -23.36 11.13
CA LEU A 198 15.91 -23.79 12.45
C LEU A 198 16.82 -24.83 13.08
N GLU A 199 17.19 -25.86 12.31
CA GLU A 199 18.05 -26.94 12.79
C GLU A 199 19.44 -26.45 13.17
N GLY A 200 19.92 -25.45 12.43
CA GLY A 200 21.23 -24.83 12.71
C GLY A 200 21.22 -24.04 14.01
N ILE A 201 20.13 -23.30 14.27
CA ILE A 201 19.95 -22.54 15.50
C ILE A 201 19.84 -23.50 16.69
N ILE A 202 19.01 -24.53 16.53
CA ILE A 202 18.85 -25.62 17.51
C ILE A 202 20.17 -26.33 17.84
N GLY A 203 20.94 -26.67 16.81
CA GLY A 203 22.23 -27.34 16.97
C GLY A 203 23.19 -26.55 17.85
N ARG A 204 23.26 -25.24 17.60
CA ARG A 204 24.13 -24.35 18.36
C ARG A 204 23.68 -24.20 19.83
N ILE A 205 22.36 -24.21 20.04
CA ILE A 205 21.80 -24.16 21.40
C ILE A 205 22.22 -25.42 22.16
N LYS A 206 22.08 -26.57 21.51
CA LYS A 206 22.42 -27.86 22.09
C LYS A 206 23.90 -28.02 22.46
N GLU A 207 24.81 -27.36 21.75
CA GLU A 207 26.22 -27.49 22.11
C GLU A 207 26.65 -26.65 23.31
N VAL A 208 25.84 -25.65 23.65
CA VAL A 208 26.04 -24.81 24.82
C VAL A 208 25.24 -25.33 26.01
N TYR A 209 23.99 -25.72 25.76
CA TYR A 209 23.07 -26.10 26.82
C TYR A 209 22.81 -27.60 26.89
N GLY A 210 23.43 -28.36 25.99
CA GLY A 210 23.29 -29.81 25.97
C GLY A 210 22.06 -30.25 25.18
N ASP A 211 21.83 -31.55 25.16
CA ASP A 211 20.68 -32.14 24.47
C ASP A 211 19.40 -31.81 25.23
N LEU A 212 18.42 -31.25 24.52
CA LEU A 212 17.14 -30.87 25.10
C LEU A 212 16.05 -31.33 24.15
N PRO A 213 14.88 -31.72 24.70
CA PRO A 213 13.76 -32.08 23.82
C PRO A 213 13.24 -30.88 23.03
N VAL A 214 12.90 -31.12 21.77
CA VAL A 214 12.32 -30.12 20.90
C VAL A 214 10.81 -30.36 20.80
N VAL A 215 10.03 -29.32 21.07
CA VAL A 215 8.58 -29.36 20.85
C VAL A 215 8.20 -28.46 19.68
N LEU A 216 7.43 -29.03 18.76
CA LEU A 216 6.93 -28.33 17.58
C LEU A 216 5.48 -27.92 17.76
N THR A 217 5.17 -26.67 17.40
CA THR A 217 3.79 -26.20 17.41
C THR A 217 3.56 -25.17 16.30
N GLY A 218 2.33 -24.67 16.21
CA GLY A 218 1.99 -23.65 15.22
C GLY A 218 1.19 -24.20 14.05
N GLY A 219 0.41 -23.33 13.42
CA GLY A 219 -0.39 -23.71 12.26
C GLY A 219 0.40 -24.18 11.06
N GLN A 220 1.63 -23.68 10.91
CA GLN A 220 2.46 -24.01 9.75
C GLN A 220 3.44 -25.17 10.01
N SER A 221 3.37 -25.77 11.20
CA SER A 221 4.28 -26.86 11.59
C SER A 221 3.98 -28.19 10.86
N LYS A 222 2.70 -28.43 10.58
CA LYS A 222 2.23 -29.65 9.91
C LYS A 222 2.95 -30.01 8.61
N ILE A 223 3.23 -28.99 7.78
CA ILE A 223 3.79 -29.18 6.43
C ILE A 223 5.20 -29.77 6.46
N VAL A 224 5.94 -29.48 7.53
CA VAL A 224 7.37 -29.79 7.63
C VAL A 224 7.65 -30.64 8.87
N LYS A 225 6.58 -31.15 9.48
CA LYS A 225 6.62 -31.96 10.69
C LYS A 225 7.77 -32.99 10.72
N ASP A 226 7.86 -33.80 9.68
CA ASP A 226 8.90 -34.83 9.55
C ASP A 226 10.31 -34.33 9.27
N MET A 227 10.46 -33.03 8.97
CA MET A 227 11.73 -32.50 8.48
C MET A 227 12.63 -32.01 9.61
N ILE A 228 12.02 -31.79 10.77
CA ILE A 228 12.75 -31.33 11.97
C ILE A 228 12.62 -32.40 13.03
N LYS A 229 13.74 -32.84 13.57
CA LYS A 229 13.73 -33.78 14.67
C LYS A 229 13.15 -33.11 15.91
N HIS A 230 12.07 -33.68 16.41
CA HIS A 230 11.40 -33.17 17.60
C HIS A 230 10.97 -34.34 18.46
N GLU A 231 10.86 -34.09 19.76
CA GLU A 231 10.47 -35.12 20.70
C GLU A 231 8.95 -35.04 20.92
N ILE A 232 8.41 -33.84 20.80
CA ILE A 232 7.00 -33.60 21.07
C ILE A 232 6.39 -32.78 19.92
N PHE A 233 5.22 -33.19 19.48
CA PHE A 233 4.39 -32.34 18.64
C PHE A 233 3.09 -32.00 19.36
N ASP A 234 2.86 -30.71 19.61
CA ASP A 234 1.67 -30.27 20.32
C ASP A 234 1.13 -28.99 19.69
N GLU A 235 0.11 -29.14 18.86
CA GLU A 235 -0.55 -28.01 18.23
C GLU A 235 -1.35 -27.15 19.21
N ASP A 236 -1.58 -27.67 20.41
CA ASP A 236 -2.36 -26.96 21.43
C ASP A 236 -1.53 -26.21 22.47
N LEU A 237 -0.21 -26.15 22.28
CA LEU A 237 0.70 -25.61 23.30
C LEU A 237 0.36 -24.18 23.77
N THR A 238 0.04 -23.28 22.83
CA THR A 238 -0.28 -21.89 23.17
C THR A 238 -1.57 -21.78 23.96
N ILE A 239 -2.62 -22.43 23.48
CA ILE A 239 -3.92 -22.47 24.14
C ILE A 239 -3.86 -23.10 25.55
N LYS A 240 -3.05 -24.15 25.71
CA LYS A 240 -2.73 -24.76 27.00
C LYS A 240 -2.07 -23.77 27.97
N GLY A 241 -1.12 -22.98 27.46
CA GLY A 241 -0.45 -21.95 28.23
C GLY A 241 -1.41 -20.88 28.71
N VAL A 242 -2.30 -20.45 27.83
CA VAL A 242 -3.34 -19.47 28.16
C VAL A 242 -4.22 -20.03 29.28
N TYR A 243 -4.53 -21.32 29.21
CA TYR A 243 -5.35 -21.93 30.25
C TYR A 243 -4.62 -21.94 31.61
N HIS A 244 -3.39 -22.45 31.60
CA HIS A 244 -2.57 -22.56 32.80
C HIS A 244 -2.26 -21.21 33.44
N PHE A 245 -1.97 -20.20 32.61
CA PHE A 245 -1.67 -18.86 33.13
C PHE A 245 -2.89 -18.25 33.78
N CYS A 246 -4.03 -18.37 33.11
CA CYS A 246 -5.25 -17.68 33.50
C CYS A 246 -6.04 -18.46 34.53
N PHE A 247 -6.13 -19.77 34.34
CA PHE A 247 -7.04 -20.62 35.12
C PHE A 247 -6.36 -21.79 35.85
N GLY A 248 -5.02 -21.80 35.83
CA GLY A 248 -4.24 -22.78 36.57
C GLY A 248 -4.23 -24.17 35.97
N MET B 1 43.51 -0.97 -29.73
CA MET B 1 42.86 -0.12 -28.68
C MET B 1 42.05 -0.89 -27.64
N ASP B 2 41.55 -0.12 -26.66
CA ASP B 2 40.85 -0.67 -25.51
C ASP B 2 39.50 0.07 -25.37
N PRO B 3 38.50 -0.34 -26.16
CA PRO B 3 37.19 0.33 -26.14
C PRO B 3 36.50 0.21 -24.78
N MET B 4 35.92 1.32 -24.34
CA MET B 4 35.21 1.35 -23.07
C MET B 4 33.77 0.88 -23.24
N TYR B 5 33.38 -0.08 -22.43
CA TYR B 5 32.02 -0.59 -22.40
C TYR B 5 31.36 -0.26 -21.07
N LEU B 6 30.09 0.14 -21.14
CA LEU B 6 29.24 0.28 -19.97
C LEU B 6 28.49 -1.02 -19.70
N LEU B 7 28.61 -1.49 -18.47
CA LEU B 7 27.92 -2.69 -18.03
C LEU B 7 26.90 -2.30 -16.97
N VAL B 8 25.70 -2.87 -17.09
CA VAL B 8 24.59 -2.53 -16.23
C VAL B 8 23.96 -3.79 -15.65
N ASP B 9 23.80 -3.81 -14.33
CA ASP B 9 23.05 -4.84 -13.65
C ASP B 9 21.84 -4.20 -12.96
N VAL B 10 20.66 -4.38 -13.55
CA VAL B 10 19.42 -3.81 -13.03
C VAL B 10 18.75 -4.75 -12.03
N GLY B 11 18.83 -4.39 -10.75
CA GLY B 11 18.22 -5.17 -9.69
C GLY B 11 16.89 -4.59 -9.28
N ASN B 12 16.19 -5.29 -8.41
CA ASN B 12 14.90 -4.84 -7.89
C ASN B 12 14.97 -3.62 -6.98
N THR B 13 16.08 -3.43 -6.27
CA THR B 13 16.24 -2.23 -5.44
C THR B 13 17.30 -1.28 -6.01
N HIS B 14 18.44 -1.84 -6.41
CA HIS B 14 19.57 -1.06 -6.92
C HIS B 14 20.01 -1.48 -8.32
N SER B 15 20.51 -0.50 -9.08
CA SER B 15 21.08 -0.76 -10.40
C SER B 15 22.57 -0.44 -10.38
N VAL B 16 23.39 -1.38 -10.82
CA VAL B 16 24.85 -1.19 -10.86
C VAL B 16 25.32 -0.78 -12.26
N PHE B 17 26.12 0.27 -12.31
CA PHE B 17 26.72 0.77 -13.53
C PHE B 17 28.25 0.68 -13.46
N SER B 18 28.85 0.01 -14.44
CA SER B 18 30.28 -0.19 -14.46
C SER B 18 30.90 0.04 -15.82
N ILE B 19 32.09 0.65 -15.83
CA ILE B 19 32.87 0.83 -17.04
C ILE B 19 34.16 0.03 -16.99
N THR B 20 34.54 -0.51 -18.14
CA THR B 20 35.77 -1.28 -18.28
C THR B 20 36.34 -1.11 -19.67
N GLU B 21 37.67 -1.14 -19.77
CA GLU B 21 38.36 -0.99 -21.05
C GLU B 21 39.09 -2.28 -21.42
N ASP B 22 39.04 -3.28 -20.56
CA ASP B 22 39.80 -4.51 -20.74
C ASP B 22 39.05 -5.77 -20.30
N GLY B 23 37.96 -5.55 -19.56
CA GLY B 23 37.15 -6.65 -19.03
C GLY B 23 37.83 -7.39 -17.89
N LYS B 24 38.85 -6.77 -17.30
CA LYS B 24 39.61 -7.33 -16.18
C LYS B 24 39.53 -6.41 -14.96
N THR B 25 39.53 -5.09 -15.20
CA THR B 25 39.33 -4.11 -14.13
C THR B 25 38.08 -3.25 -14.40
N PHE B 26 37.35 -2.94 -13.33
CA PHE B 26 36.04 -2.30 -13.43
C PHE B 26 35.93 -1.09 -12.47
N ARG B 27 35.51 0.06 -13.01
CA ARG B 27 35.05 1.18 -12.18
C ARG B 27 33.54 1.04 -12.05
N ARG B 28 33.03 1.15 -10.83
CA ARG B 28 31.60 0.92 -10.63
C ARG B 28 30.89 1.91 -9.71
N TRP B 29 29.61 2.11 -10.04
CA TRP B 29 28.71 2.99 -9.31
C TRP B 29 27.40 2.27 -9.09
N ARG B 30 26.59 2.80 -8.18
CA ARG B 30 25.32 2.18 -7.84
C ARG B 30 24.25 3.27 -7.67
N LEU B 31 23.05 2.98 -8.17
CA LEU B 31 21.92 3.89 -8.01
C LEU B 31 20.69 3.08 -7.61
N SER B 32 19.69 3.74 -7.04
CA SER B 32 18.39 3.12 -6.85
C SER B 32 17.79 2.80 -8.22
N THR B 33 17.02 1.73 -8.29
CA THR B 33 16.40 1.36 -9.56
C THR B 33 15.39 2.43 -10.01
N GLY B 34 14.36 2.70 -9.23
CA GLY B 34 13.51 3.85 -9.54
C GLY B 34 12.46 3.58 -10.61
N VAL B 35 11.24 3.37 -10.12
CA VAL B 35 10.08 2.93 -10.90
C VAL B 35 9.74 3.80 -12.11
N PHE B 36 9.67 5.11 -11.91
CA PHE B 36 9.20 6.04 -12.94
C PHE B 36 10.34 6.82 -13.59
N GLN B 37 11.58 6.35 -13.40
CA GLN B 37 12.78 7.01 -13.92
C GLN B 37 12.80 7.08 -15.44
N THR B 38 13.25 8.21 -15.98
CA THR B 38 13.40 8.37 -17.42
C THR B 38 14.86 8.24 -17.84
N GLU B 39 15.08 8.21 -19.16
CA GLU B 39 16.43 8.17 -19.73
C GLU B 39 17.26 9.41 -19.40
N ASP B 40 16.62 10.58 -19.45
CA ASP B 40 17.27 11.85 -19.08
C ASP B 40 17.64 11.90 -17.59
N GLU B 41 16.82 11.27 -16.77
CA GLU B 41 17.05 11.19 -15.32
C GLU B 41 18.23 10.27 -15.03
N LEU B 42 18.31 9.18 -15.77
CA LEU B 42 19.46 8.27 -15.70
C LEU B 42 20.75 9.00 -16.10
N PHE B 43 20.71 9.67 -17.24
CA PHE B 43 21.85 10.44 -17.73
C PHE B 43 22.30 11.47 -16.70
N SER B 44 21.35 12.26 -16.20
CA SER B 44 21.63 13.27 -15.19
C SER B 44 22.29 12.69 -13.91
N HIS B 45 21.86 11.51 -13.49
CA HIS B 45 22.47 10.82 -12.35
C HIS B 45 23.90 10.36 -12.61
N LEU B 46 24.15 9.88 -13.82
CA LEU B 46 25.44 9.30 -14.20
C LEU B 46 26.49 10.35 -14.58
N HIS B 47 26.02 11.50 -15.05
CA HIS B 47 26.88 12.56 -15.58
C HIS B 47 28.05 12.95 -14.65
N PRO B 48 27.77 13.30 -13.37
CA PRO B 48 28.89 13.65 -12.49
C PRO B 48 29.70 12.45 -12.00
N LEU B 49 29.17 11.24 -12.15
CA LEU B 49 29.88 10.03 -11.73
C LEU B 49 30.86 9.54 -12.79
N LEU B 50 30.38 9.44 -14.03
CA LEU B 50 31.21 8.97 -15.14
C LEU B 50 32.15 10.05 -15.69
N GLY B 51 31.78 11.32 -15.52
CA GLY B 51 32.54 12.44 -16.08
C GLY B 51 32.76 12.31 -17.58
N ASP B 52 34.02 12.42 -17.99
CA ASP B 52 34.39 12.44 -19.41
C ASP B 52 34.44 11.07 -20.05
N ALA B 53 34.57 10.03 -19.20
CA ALA B 53 34.49 8.65 -19.65
C ALA B 53 33.16 8.32 -20.33
N MET B 54 32.11 9.06 -20.00
CA MET B 54 30.79 8.93 -20.65
C MET B 54 30.91 8.97 -22.17
N ARG B 55 31.73 9.90 -22.67
CA ARG B 55 31.91 10.15 -24.10
C ARG B 55 32.65 9.04 -24.85
N GLU B 56 33.24 8.11 -24.10
CA GLU B 56 34.12 7.08 -24.65
C GLU B 56 33.47 5.69 -24.73
N ILE B 57 32.24 5.58 -24.26
CA ILE B 57 31.51 4.31 -24.25
C ILE B 57 31.13 3.85 -25.65
N LYS B 58 31.49 2.61 -25.99
CA LYS B 58 31.29 2.06 -27.33
C LYS B 58 30.24 0.94 -27.40
N GLY B 59 29.88 0.39 -26.24
CA GLY B 59 28.88 -0.67 -26.16
C GLY B 59 28.24 -0.73 -24.79
N ILE B 60 26.96 -1.08 -24.76
CA ILE B 60 26.22 -1.17 -23.50
C ILE B 60 25.64 -2.56 -23.34
N GLY B 61 26.07 -3.25 -22.29
CA GLY B 61 25.55 -4.57 -21.96
C GLY B 61 24.72 -4.50 -20.70
N VAL B 62 23.60 -5.23 -20.68
CA VAL B 62 22.64 -5.17 -19.58
C VAL B 62 22.12 -6.54 -19.15
N ALA B 63 22.21 -6.81 -17.84
CA ALA B 63 21.45 -7.87 -17.17
C ALA B 63 20.39 -7.18 -16.33
N SER B 64 19.12 -7.57 -16.52
CA SER B 64 18.01 -6.91 -15.84
C SER B 64 16.96 -7.90 -15.33
N VAL B 65 16.55 -7.74 -14.09
CA VAL B 65 15.48 -8.55 -13.50
C VAL B 65 14.22 -7.73 -13.22
N VAL B 66 14.15 -6.54 -13.83
CA VAL B 66 13.01 -5.64 -13.76
C VAL B 66 12.60 -5.25 -15.18
N PRO B 67 11.72 -6.05 -15.83
CA PRO B 67 11.25 -5.76 -17.20
C PRO B 67 10.80 -4.33 -17.50
N THR B 68 10.13 -3.64 -16.57
CA THR B 68 9.69 -2.27 -16.83
C THR B 68 10.84 -1.28 -17.02
N GLN B 69 11.99 -1.57 -16.40
CA GLN B 69 13.15 -0.68 -16.51
C GLN B 69 13.78 -0.74 -17.89
N ASN B 70 13.52 -1.83 -18.61
CA ASN B 70 14.22 -2.12 -19.86
C ASN B 70 14.00 -1.09 -20.96
N THR B 71 12.78 -0.55 -21.01
CA THR B 71 12.43 0.46 -21.98
C THR B 71 13.25 1.73 -21.76
N VAL B 72 13.51 2.04 -20.48
CA VAL B 72 14.30 3.19 -20.06
C VAL B 72 15.78 3.04 -20.39
N ILE B 73 16.33 1.83 -20.18
CA ILE B 73 17.73 1.55 -20.51
C ILE B 73 17.96 1.63 -22.03
N GLU B 74 17.05 1.03 -22.80
CA GLU B 74 17.03 1.09 -24.26
C GLU B 74 17.01 2.53 -24.79
N ARG B 75 16.18 3.38 -24.18
CA ARG B 75 16.07 4.79 -24.60
C ARG B 75 17.29 5.62 -24.22
N PHE B 76 17.89 5.30 -23.09
CA PHE B 76 19.13 5.92 -22.63
C PHE B 76 20.29 5.64 -23.60
N SER B 77 20.46 4.36 -23.96
CA SER B 77 21.48 3.92 -24.89
C SER B 77 21.31 4.56 -26.27
N GLN B 78 20.08 4.58 -26.77
CA GLN B 78 19.78 5.12 -28.08
C GLN B 78 19.91 6.64 -28.12
N LYS B 79 19.30 7.32 -27.14
CA LYS B 79 19.34 8.79 -27.13
C LYS B 79 20.77 9.32 -26.95
N TYR B 80 21.48 8.77 -25.99
CA TYR B 80 22.76 9.35 -25.59
C TYR B 80 23.98 8.76 -26.28
N PHE B 81 23.83 7.57 -26.86
CA PHE B 81 24.97 6.85 -27.46
C PHE B 81 24.69 6.35 -28.87
N HIS B 82 23.44 6.47 -29.31
CA HIS B 82 22.97 6.02 -30.64
C HIS B 82 23.23 4.54 -30.92
N ILE B 83 23.22 3.74 -29.85
CA ILE B 83 23.38 2.29 -29.94
C ILE B 83 22.27 1.58 -29.15
N SER B 84 21.99 0.33 -29.50
CA SER B 84 21.08 -0.47 -28.71
C SER B 84 21.89 -1.27 -27.68
N PRO B 85 21.34 -1.43 -26.46
CA PRO B 85 22.05 -2.26 -25.48
C PRO B 85 21.92 -3.75 -25.82
N ILE B 86 22.90 -4.54 -25.38
CA ILE B 86 22.88 -6.00 -25.52
C ILE B 86 22.32 -6.57 -24.24
N TRP B 87 21.35 -7.46 -24.37
CA TRP B 87 20.65 -8.01 -23.22
C TRP B 87 21.12 -9.42 -22.87
N VAL B 88 21.50 -9.60 -21.61
CA VAL B 88 21.86 -10.92 -21.09
C VAL B 88 20.60 -11.77 -20.98
N LYS B 89 20.70 -12.96 -21.56
CA LYS B 89 19.61 -13.91 -21.68
C LYS B 89 20.27 -15.29 -21.71
N ALA B 90 19.56 -16.30 -21.22
CA ALA B 90 20.01 -17.67 -21.39
C ALA B 90 19.91 -18.05 -22.88
N LYS B 91 21.06 -18.39 -23.47
CA LYS B 91 21.10 -18.96 -24.80
C LYS B 91 22.07 -20.14 -24.79
N ASN B 92 21.97 -21.01 -25.78
CA ASN B 92 22.92 -22.11 -25.95
C ASN B 92 24.31 -21.62 -26.36
N GLY B 93 25.30 -22.49 -26.20
CA GLY B 93 26.68 -22.13 -26.48
C GLY B 93 27.62 -22.68 -25.44
N CYS B 94 28.30 -21.77 -24.74
CA CYS B 94 29.28 -22.14 -23.72
C CYS B 94 28.66 -22.69 -22.44
N VAL B 95 27.38 -22.37 -22.21
CA VAL B 95 26.64 -22.91 -21.07
C VAL B 95 25.44 -23.69 -21.59
N LYS B 96 25.23 -24.88 -21.06
CA LYS B 96 24.00 -25.63 -21.28
C LYS B 96 23.04 -25.31 -20.15
N TRP B 97 21.80 -24.96 -20.49
CA TRP B 97 20.79 -24.58 -19.48
C TRP B 97 19.79 -25.72 -19.22
N ASN B 98 20.14 -26.57 -18.25
CA ASN B 98 19.44 -27.84 -18.00
C ASN B 98 18.29 -27.68 -16.97
N VAL B 99 17.38 -26.75 -17.26
CA VAL B 99 16.23 -26.46 -16.42
C VAL B 99 14.96 -26.45 -17.29
N LYS B 100 13.79 -26.49 -16.65
CA LYS B 100 12.53 -26.58 -17.38
C LYS B 100 12.33 -25.46 -18.42
N ASN B 101 12.37 -24.20 -17.97
CA ASN B 101 12.30 -23.05 -18.88
C ASN B 101 13.48 -22.10 -18.67
N PRO B 102 14.54 -22.26 -19.48
CA PRO B 102 15.74 -21.42 -19.44
C PRO B 102 15.48 -19.92 -19.63
N SER B 103 14.41 -19.56 -20.34
CA SER B 103 14.13 -18.15 -20.60
C SER B 103 13.54 -17.44 -19.38
N GLU B 104 13.25 -18.21 -18.34
CA GLU B 104 12.68 -17.69 -17.11
C GLU B 104 13.70 -17.40 -15.99
N VAL B 105 14.91 -17.95 -16.13
CA VAL B 105 15.95 -17.70 -15.11
C VAL B 105 16.45 -16.26 -15.19
N GLY B 106 16.59 -15.63 -14.03
CA GLY B 106 16.99 -14.22 -13.94
C GLY B 106 18.27 -13.97 -14.70
N ALA B 107 18.30 -12.84 -15.43
CA ALA B 107 19.47 -12.42 -16.20
C ALA B 107 20.73 -12.26 -15.34
N ASP B 108 20.57 -11.87 -14.08
CA ASP B 108 21.71 -11.76 -13.16
C ASP B 108 22.34 -13.13 -12.84
N ARG B 109 21.48 -14.15 -12.67
CA ARG B 109 21.94 -15.53 -12.45
C ARG B 109 22.63 -16.09 -13.70
N VAL B 110 22.07 -15.80 -14.87
CA VAL B 110 22.70 -16.11 -16.16
C VAL B 110 24.09 -15.48 -16.25
N ALA B 111 24.17 -14.19 -15.94
CA ALA B 111 25.44 -13.47 -15.94
C ALA B 111 26.44 -14.06 -14.94
N ASN B 112 25.96 -14.43 -13.76
CA ASN B 112 26.78 -15.07 -12.73
C ASN B 112 27.38 -16.39 -13.22
N VAL B 113 26.55 -17.22 -13.84
CA VAL B 113 26.96 -18.52 -14.39
C VAL B 113 27.91 -18.37 -15.59
N VAL B 114 27.68 -17.34 -16.42
CA VAL B 114 28.57 -17.04 -17.55
C VAL B 114 29.94 -16.58 -17.03
N ALA B 115 29.94 -15.70 -16.03
CA ALA B 115 31.19 -15.23 -15.42
C ALA B 115 31.99 -16.36 -14.80
N PHE B 116 31.29 -17.28 -14.12
CA PHE B 116 31.93 -18.37 -13.41
C PHE B 116 32.61 -19.35 -14.38
N VAL B 117 31.82 -19.89 -15.31
CA VAL B 117 32.27 -20.85 -16.31
C VAL B 117 33.42 -20.30 -17.18
N LYS B 118 33.34 -19.01 -17.51
CA LYS B 118 34.38 -18.34 -18.29
C LYS B 118 35.64 -18.12 -17.48
N GLU B 119 35.47 -17.79 -16.20
CA GLU B 119 36.56 -17.26 -15.39
C GLU B 119 37.10 -18.20 -14.31
N TYR B 120 36.24 -19.08 -13.78
CA TYR B 120 36.58 -19.89 -12.62
C TYR B 120 36.58 -21.40 -12.83
N GLY B 121 35.65 -21.91 -13.62
CA GLY B 121 35.63 -23.34 -13.90
C GLY B 121 34.32 -23.92 -14.36
N LYS B 122 34.33 -25.25 -14.52
CA LYS B 122 33.25 -26.03 -15.10
C LYS B 122 32.23 -26.42 -14.04
N ASN B 123 32.68 -26.46 -12.79
CA ASN B 123 31.88 -26.95 -11.67
C ASN B 123 31.93 -25.95 -10.54
N GLY B 124 30.77 -25.61 -9.98
CA GLY B 124 30.72 -24.66 -8.88
C GLY B 124 29.34 -24.36 -8.33
N ILE B 125 29.31 -23.65 -7.21
CA ILE B 125 28.08 -23.23 -6.54
C ILE B 125 28.19 -21.73 -6.31
N ILE B 126 27.26 -20.97 -6.88
CA ILE B 126 27.26 -19.50 -6.80
C ILE B 126 26.19 -19.05 -5.82
N ILE B 127 26.59 -18.23 -4.84
CA ILE B 127 25.65 -17.66 -3.87
C ILE B 127 25.62 -16.16 -4.08
N ASP B 128 24.51 -15.66 -4.60
CA ASP B 128 24.36 -14.23 -4.83
C ASP B 128 23.37 -13.67 -3.81
N MET B 129 23.88 -12.85 -2.88
CA MET B 129 23.07 -12.24 -1.84
C MET B 129 22.67 -10.83 -2.21
N GLY B 130 21.42 -10.68 -2.65
CA GLY B 130 20.89 -9.37 -3.01
C GLY B 130 19.54 -9.14 -2.36
N THR B 131 18.62 -8.54 -3.12
CA THR B 131 17.23 -8.31 -2.72
C THR B 131 16.63 -9.64 -2.33
N ALA B 132 16.79 -10.62 -3.21
CA ALA B 132 16.64 -12.03 -2.91
C ALA B 132 18.03 -12.68 -2.91
N THR B 133 18.17 -13.78 -2.19
CA THR B 133 19.42 -14.53 -2.18
C THR B 133 19.26 -15.76 -3.07
N THR B 134 20.20 -15.90 -4.00
CA THR B 134 20.18 -16.95 -4.99
C THR B 134 21.28 -17.98 -4.73
N VAL B 135 20.98 -19.24 -5.04
CA VAL B 135 21.96 -20.35 -5.09
C VAL B 135 21.94 -20.93 -6.51
N ASP B 136 23.09 -21.01 -7.17
CA ASP B 136 23.15 -21.56 -8.53
C ASP B 136 24.11 -22.73 -8.66
N LEU B 137 23.64 -23.82 -9.28
CA LEU B 137 24.48 -25.01 -9.46
C LEU B 137 24.99 -25.17 -10.90
N VAL B 138 26.32 -25.23 -11.03
CA VAL B 138 27.00 -25.48 -12.32
C VAL B 138 27.79 -26.80 -12.26
N VAL B 139 27.41 -27.76 -13.10
CA VAL B 139 28.09 -29.05 -13.19
C VAL B 139 28.51 -29.35 -14.63
N ASN B 140 29.82 -29.52 -14.85
CA ASN B 140 30.39 -29.78 -16.18
C ASN B 140 29.98 -28.71 -17.22
N GLY B 141 30.04 -27.46 -16.80
CA GLY B 141 29.64 -26.32 -17.65
C GLY B 141 28.14 -26.25 -17.93
N SER B 142 27.37 -27.06 -17.21
CA SER B 142 25.92 -27.14 -17.41
C SER B 142 25.22 -26.54 -16.18
N TYR B 143 24.26 -25.65 -16.43
CA TYR B 143 23.49 -25.03 -15.34
C TYR B 143 22.38 -25.99 -14.89
N GLU B 144 22.38 -26.32 -13.59
CA GLU B 144 21.50 -27.38 -13.08
C GLU B 144 20.27 -26.88 -12.32
N GLY B 145 20.24 -25.59 -12.00
CA GLY B 145 19.14 -25.02 -11.22
C GLY B 145 19.65 -24.45 -9.91
N GLY B 146 18.74 -24.22 -8.96
CA GLY B 146 19.14 -23.70 -7.66
C GLY B 146 18.04 -23.50 -6.63
N ALA B 147 18.23 -22.47 -5.81
CA ALA B 147 17.28 -22.06 -4.79
C ALA B 147 17.15 -20.53 -4.80
N ILE B 148 16.01 -20.05 -4.33
CA ILE B 148 15.78 -18.62 -4.11
C ILE B 148 15.24 -18.45 -2.68
N LEU B 149 15.86 -17.56 -1.92
CA LEU B 149 15.36 -17.21 -0.61
C LEU B 149 15.27 -15.70 -0.49
N PRO B 150 14.44 -15.20 0.45
CA PRO B 150 14.44 -13.76 0.68
C PRO B 150 15.82 -13.33 1.15
N GLY B 151 16.24 -12.13 0.74
CA GLY B 151 17.50 -11.56 1.19
C GLY B 151 17.34 -11.08 2.63
N PHE B 152 18.47 -10.68 3.23
CA PHE B 152 18.52 -10.27 4.64
C PHE B 152 17.53 -9.17 4.96
N PHE B 153 17.56 -8.09 4.17
CA PHE B 153 16.68 -6.96 4.41
C PHE B 153 15.25 -7.28 4.11
N MET B 154 15.03 -8.08 3.08
CA MET B 154 13.68 -8.53 2.72
C MET B 154 13.06 -9.23 3.92
N MET B 155 13.86 -10.04 4.61
CA MET B 155 13.42 -10.74 5.80
C MET B 155 13.09 -9.83 6.98
N VAL B 156 14.00 -8.93 7.37
CA VAL B 156 13.74 -8.05 8.53
C VAL B 156 12.61 -7.09 8.25
N HIS B 157 12.51 -6.65 7.00
CA HIS B 157 11.42 -5.78 6.58
C HIS B 157 10.06 -6.50 6.57
N SER B 158 10.03 -7.76 6.13
CA SER B 158 8.78 -8.53 6.13
C SER B 158 8.28 -8.82 7.55
N LEU B 159 9.20 -9.00 8.49
CA LEU B 159 8.84 -9.18 9.90
C LEU B 159 8.30 -7.89 10.51
N PHE B 160 8.94 -6.78 10.15
CA PHE B 160 8.48 -5.46 10.57
C PHE B 160 7.07 -5.15 10.05
N ARG B 161 6.86 -5.30 8.75
CA ARG B 161 5.59 -4.94 8.14
C ARG B 161 4.46 -5.96 8.31
N GLY B 162 4.83 -7.22 8.52
CA GLY B 162 3.86 -8.31 8.68
C GLY B 162 3.39 -8.58 10.10
N THR B 163 3.92 -7.85 11.08
CA THR B 163 3.49 -7.99 12.48
C THR B 163 3.16 -6.66 13.10
N ALA B 164 2.40 -6.70 14.21
CA ALA B 164 2.06 -5.49 14.95
C ALA B 164 3.21 -5.01 15.84
N LYS B 165 3.92 -5.96 16.47
CA LYS B 165 4.89 -5.66 17.54
C LYS B 165 6.35 -5.52 17.13
N LEU B 166 6.75 -6.18 16.04
CA LEU B 166 8.17 -6.24 15.64
C LEU B 166 8.67 -4.96 14.96
N PRO B 167 9.87 -4.48 15.37
CA PRO B 167 10.49 -3.31 14.78
C PRO B 167 11.34 -3.67 13.55
N LEU B 168 11.72 -2.66 12.78
CA LEU B 168 12.67 -2.82 11.70
C LEU B 168 14.06 -2.94 12.29
N VAL B 169 14.65 -4.12 12.17
CA VAL B 169 15.96 -4.39 12.73
C VAL B 169 17.07 -4.19 11.67
N GLU B 170 18.22 -3.70 12.13
CA GLU B 170 19.40 -3.55 11.29
C GLU B 170 20.03 -4.92 11.03
N VAL B 171 20.48 -5.13 9.79
CA VAL B 171 21.08 -6.41 9.40
C VAL B 171 22.52 -6.52 9.91
N LYS B 172 22.69 -7.38 10.91
CA LYS B 172 23.97 -7.55 11.59
C LYS B 172 23.99 -8.95 12.21
N PRO B 173 25.03 -9.74 11.90
CA PRO B 173 25.17 -11.09 12.47
C PRO B 173 25.07 -11.15 14.01
N ALA B 174 24.45 -12.21 14.50
CA ALA B 174 24.36 -12.47 15.93
C ALA B 174 25.63 -13.18 16.43
N ASP B 175 26.20 -12.66 17.50
CA ASP B 175 27.37 -13.26 18.13
C ASP B 175 27.00 -13.97 19.43
N PHE B 176 25.78 -14.50 19.46
CA PHE B 176 25.24 -15.15 20.66
C PHE B 176 24.41 -16.36 20.23
N VAL B 177 24.18 -17.27 21.17
CA VAL B 177 23.51 -18.53 20.87
C VAL B 177 21.99 -18.34 20.84
N VAL B 178 21.51 -17.46 21.72
CA VAL B 178 20.09 -17.06 21.82
C VAL B 178 20.00 -15.57 22.08
N GLY B 179 19.07 -14.90 21.40
CA GLY B 179 18.87 -13.47 21.59
C GLY B 179 18.19 -13.15 22.91
N LYS B 180 18.58 -12.03 23.50
CA LYS B 180 18.10 -11.65 24.84
C LYS B 180 17.11 -10.48 24.78
N ASP B 181 16.95 -9.91 23.60
CA ASP B 181 15.89 -8.96 23.33
C ASP B 181 15.35 -9.16 21.91
N THR B 182 14.30 -8.42 21.57
CA THR B 182 13.60 -8.58 20.28
C THR B 182 14.52 -8.43 19.07
N GLU B 183 15.35 -7.39 19.10
CA GLU B 183 16.30 -7.10 18.04
C GLU B 183 17.31 -8.24 17.87
N GLU B 184 17.85 -8.72 18.98
CA GLU B 184 18.74 -9.88 18.95
C GLU B 184 18.08 -11.17 18.44
N ASN B 185 16.82 -11.36 18.81
CA ASN B 185 16.05 -12.49 18.30
C ASN B 185 15.96 -12.51 16.78
N ILE B 186 15.62 -11.37 16.21
CA ILE B 186 15.46 -11.22 14.77
C ILE B 186 16.79 -11.38 14.03
N ARG B 187 17.85 -10.77 14.56
CA ARG B 187 19.19 -10.86 13.99
C ARG B 187 19.67 -12.31 13.92
N LEU B 188 19.48 -13.06 15.01
CA LEU B 188 19.84 -14.49 15.05
C LEU B 188 19.03 -15.31 14.03
N GLY B 189 17.73 -15.09 13.98
CA GLY B 189 16.85 -15.82 13.08
C GLY B 189 17.07 -15.50 11.61
N VAL B 190 17.29 -14.22 11.30
CA VAL B 190 17.42 -13.76 9.93
C VAL B 190 18.83 -13.95 9.39
N VAL B 191 19.82 -13.38 10.06
CA VAL B 191 21.18 -13.35 9.50
C VAL B 191 21.89 -14.68 9.69
N ASN B 192 21.92 -15.20 10.92
CA ASN B 192 22.51 -16.48 11.21
C ASN B 192 21.68 -17.62 10.61
N GLY B 193 20.36 -17.48 10.74
CA GLY B 193 19.42 -18.42 10.16
C GLY B 193 19.59 -18.62 8.68
N SER B 194 19.66 -17.51 7.92
CA SER B 194 19.87 -17.56 6.46
C SER B 194 21.23 -18.16 6.07
N VAL B 195 22.25 -17.94 6.91
CA VAL B 195 23.54 -18.60 6.72
C VAL B 195 23.42 -20.10 6.90
N TYR B 196 22.66 -20.51 7.91
CA TYR B 196 22.39 -21.93 8.15
C TYR B 196 21.58 -22.58 7.02
N ALA B 197 20.60 -21.83 6.50
CA ALA B 197 19.75 -22.28 5.39
C ALA B 197 20.58 -22.57 4.15
N LEU B 198 21.49 -21.65 3.84
CA LEU B 198 22.42 -21.79 2.73
C LEU B 198 23.40 -22.95 2.91
N GLU B 199 23.97 -23.10 4.10
CA GLU B 199 24.89 -24.20 4.40
C GLU B 199 24.22 -25.57 4.23
N GLY B 200 22.92 -25.65 4.55
CA GLY B 200 22.14 -26.88 4.36
C GLY B 200 21.89 -27.22 2.90
N ILE B 201 21.50 -26.22 2.12
CA ILE B 201 21.23 -26.40 0.69
C ILE B 201 22.53 -26.80 -0.02
N ILE B 202 23.60 -26.09 0.28
CA ILE B 202 24.94 -26.36 -0.24
C ILE B 202 25.45 -27.75 0.16
N GLY B 203 25.33 -28.09 1.45
CA GLY B 203 25.72 -29.40 1.96
C GLY B 203 25.00 -30.53 1.24
N ARG B 204 23.70 -30.34 1.03
CA ARG B 204 22.87 -31.31 0.34
C ARG B 204 23.22 -31.43 -1.16
N ILE B 205 23.60 -30.31 -1.77
CA ILE B 205 24.12 -30.31 -3.15
C ILE B 205 25.43 -31.09 -3.27
N LYS B 206 26.34 -30.85 -2.32
CA LYS B 206 27.65 -31.50 -2.27
C LYS B 206 27.58 -33.01 -2.01
N GLU B 207 26.48 -33.46 -1.40
CA GLU B 207 26.23 -34.88 -1.19
C GLU B 207 25.98 -35.63 -2.50
N VAL B 208 25.45 -34.92 -3.49
CA VAL B 208 25.01 -35.53 -4.75
C VAL B 208 25.99 -35.23 -5.90
N TYR B 209 26.72 -34.14 -5.80
CA TYR B 209 27.56 -33.66 -6.90
C TYR B 209 29.02 -33.48 -6.48
N GLY B 210 29.32 -33.78 -5.21
CA GLY B 210 30.69 -33.72 -4.70
C GLY B 210 31.08 -32.34 -4.17
N ASP B 211 32.30 -32.24 -3.65
CA ASP B 211 32.82 -30.98 -3.08
C ASP B 211 33.08 -29.88 -4.14
N LEU B 212 32.00 -29.27 -4.61
CA LEU B 212 32.08 -28.17 -5.57
C LEU B 212 32.58 -26.89 -4.91
N PRO B 213 33.47 -26.14 -5.58
CA PRO B 213 33.86 -24.86 -5.00
C PRO B 213 32.69 -23.87 -4.89
N VAL B 214 32.68 -23.09 -3.82
CA VAL B 214 31.61 -22.14 -3.54
C VAL B 214 32.09 -20.72 -3.81
N VAL B 215 31.27 -19.95 -4.52
CA VAL B 215 31.56 -18.55 -4.86
C VAL B 215 30.55 -17.65 -4.17
N LEU B 216 31.04 -16.61 -3.50
CA LEU B 216 30.18 -15.60 -2.88
C LEU B 216 30.21 -14.30 -3.67
N THR B 217 29.03 -13.72 -3.89
CA THR B 217 28.89 -12.40 -4.53
C THR B 217 27.63 -11.69 -4.03
N GLY B 218 27.39 -10.47 -4.52
CA GLY B 218 26.21 -9.69 -4.14
C GLY B 218 26.50 -8.66 -3.08
N GLY B 219 25.76 -7.56 -3.10
CA GLY B 219 25.97 -6.44 -2.17
C GLY B 219 25.87 -6.78 -0.70
N GLN B 220 25.10 -7.81 -0.36
CA GLN B 220 24.91 -8.20 1.05
C GLN B 220 25.85 -9.30 1.53
N SER B 221 26.73 -9.79 0.65
CA SER B 221 27.63 -10.88 0.99
C SER B 221 28.73 -10.50 1.99
N LYS B 222 29.18 -9.24 1.97
CA LYS B 222 30.32 -8.78 2.79
C LYS B 222 30.17 -9.04 4.30
N ILE B 223 28.97 -8.81 4.82
CA ILE B 223 28.72 -8.86 6.26
C ILE B 223 28.66 -10.30 6.80
N VAL B 224 28.69 -11.27 5.89
CA VAL B 224 28.43 -12.67 6.22
C VAL B 224 29.52 -13.63 5.71
N LYS B 225 30.50 -13.09 4.98
CA LYS B 225 31.51 -13.93 4.31
C LYS B 225 32.42 -14.75 5.26
N ASP B 226 32.62 -14.25 6.48
CA ASP B 226 33.36 -14.99 7.51
C ASP B 226 32.50 -15.99 8.28
N MET B 227 31.26 -16.17 7.83
CA MET B 227 30.33 -17.15 8.41
C MET B 227 30.01 -18.30 7.45
N ILE B 228 30.26 -18.10 6.15
CA ILE B 228 30.02 -19.13 5.15
C ILE B 228 31.35 -19.58 4.54
N LYS B 229 31.53 -20.89 4.45
CA LYS B 229 32.71 -21.48 3.80
C LYS B 229 32.64 -21.23 2.29
N HIS B 230 33.66 -20.57 1.75
CA HIS B 230 33.71 -20.27 0.31
C HIS B 230 35.15 -20.28 -0.18
N GLU B 231 35.34 -20.65 -1.45
CA GLU B 231 36.65 -20.63 -2.09
C GLU B 231 36.86 -19.33 -2.87
N ILE B 232 35.78 -18.76 -3.36
CA ILE B 232 35.85 -17.51 -4.11
C ILE B 232 34.90 -16.46 -3.53
N PHE B 233 35.41 -15.24 -3.38
CA PHE B 233 34.60 -14.09 -3.08
C PHE B 233 34.80 -13.09 -4.20
N ASP B 234 33.75 -12.85 -4.99
CA ASP B 234 33.87 -11.96 -6.15
C ASP B 234 32.64 -11.08 -6.31
N GLU B 235 32.71 -9.88 -5.75
CA GLU B 235 31.62 -8.92 -5.82
C GLU B 235 31.33 -8.38 -7.22
N ASP B 236 32.21 -8.69 -8.16
CA ASP B 236 32.12 -8.23 -9.55
C ASP B 236 31.58 -9.30 -10.50
N LEU B 237 31.24 -10.47 -9.96
CA LEU B 237 30.80 -11.62 -10.76
C LEU B 237 29.70 -11.32 -11.79
N THR B 238 28.61 -10.66 -11.38
CA THR B 238 27.50 -10.35 -12.31
C THR B 238 27.94 -9.45 -13.47
N ILE B 239 28.59 -8.34 -13.12
CA ILE B 239 29.17 -7.40 -14.08
C ILE B 239 30.18 -8.07 -15.04
N LYS B 240 31.00 -8.98 -14.51
CA LYS B 240 31.88 -9.82 -15.34
C LYS B 240 31.07 -10.67 -16.31
N GLY B 241 29.95 -11.20 -15.84
CA GLY B 241 29.03 -11.95 -16.69
C GLY B 241 28.44 -11.11 -17.80
N VAL B 242 28.08 -9.87 -17.48
CA VAL B 242 27.54 -8.93 -18.47
C VAL B 242 28.57 -8.66 -19.57
N TYR B 243 29.82 -8.37 -19.17
CA TYR B 243 30.93 -8.16 -20.11
C TYR B 243 31.22 -9.37 -21.02
N HIS B 244 31.39 -10.54 -20.42
CA HIS B 244 31.71 -11.74 -21.19
C HIS B 244 30.59 -12.10 -22.16
N PHE B 245 29.34 -12.00 -21.70
CA PHE B 245 28.18 -12.34 -22.53
C PHE B 245 28.10 -11.43 -23.74
N CYS B 246 28.21 -10.14 -23.48
CA CYS B 246 27.95 -9.10 -24.47
C CYS B 246 29.17 -8.82 -25.34
N PHE B 247 30.34 -8.77 -24.71
CA PHE B 247 31.55 -8.25 -25.36
C PHE B 247 32.69 -9.24 -25.48
N GLY B 248 32.47 -10.47 -25.01
CA GLY B 248 33.35 -11.60 -25.33
C GLY B 248 34.61 -11.71 -24.51
N MET C 1 42.05 30.12 10.28
CA MET C 1 41.40 29.48 9.09
C MET C 1 39.97 29.03 9.41
N ASP C 2 39.16 28.88 8.37
CA ASP C 2 37.73 28.63 8.54
C ASP C 2 37.29 27.38 7.78
N PRO C 3 37.60 26.19 8.33
CA PRO C 3 37.34 24.93 7.64
C PRO C 3 35.84 24.67 7.39
N MET C 4 35.53 24.06 6.27
CA MET C 4 34.14 23.81 5.89
C MET C 4 33.60 22.52 6.48
N TYR C 5 32.46 22.62 7.13
CA TYR C 5 31.79 21.46 7.69
C TYR C 5 30.46 21.24 6.99
N LEU C 6 30.16 19.99 6.64
CA LEU C 6 28.86 19.62 6.10
C LEU C 6 27.97 19.10 7.23
N LEU C 7 26.80 19.71 7.34
CA LEU C 7 25.81 19.35 8.34
C LEU C 7 24.61 18.74 7.64
N VAL C 8 24.15 17.62 8.19
CA VAL C 8 23.01 16.87 7.63
C VAL C 8 21.89 16.65 8.65
N ASP C 9 20.67 17.01 8.25
CA ASP C 9 19.48 16.65 9.01
C ASP C 9 18.59 15.72 8.16
N VAL C 10 18.62 14.43 8.49
CA VAL C 10 17.82 13.43 7.79
C VAL C 10 16.46 13.24 8.46
N GLY C 11 15.43 13.80 7.83
CA GLY C 11 14.06 13.64 8.28
C GLY C 11 13.32 12.60 7.46
N ASN C 12 12.09 12.32 7.87
CA ASN C 12 11.31 11.24 7.26
C ASN C 12 10.91 11.45 5.80
N THR C 13 10.68 12.70 5.41
CA THR C 13 10.41 13.01 4.03
C THR C 13 11.57 13.77 3.34
N HIS C 14 12.23 14.67 4.06
CA HIS C 14 13.35 15.44 3.49
C HIS C 14 14.65 15.38 4.30
N SER C 15 15.76 15.47 3.56
CA SER C 15 17.06 15.68 4.16
C SER C 15 17.57 17.08 3.85
N VAL C 16 18.03 17.76 4.90
CA VAL C 16 18.64 19.08 4.80
C VAL C 16 20.16 18.94 4.79
N PHE C 17 20.79 19.48 3.76
CA PHE C 17 22.25 19.53 3.66
C PHE C 17 22.70 20.98 3.74
N SER C 18 23.63 21.24 4.65
CA SER C 18 24.09 22.61 4.90
C SER C 18 25.60 22.68 5.08
N ILE C 19 26.23 23.72 4.53
CA ILE C 19 27.66 23.96 4.74
C ILE C 19 27.91 25.24 5.52
N THR C 20 28.93 25.20 6.38
CA THR C 20 29.36 26.38 7.14
C THR C 20 30.88 26.44 7.26
N GLU C 21 31.40 27.65 7.46
CA GLU C 21 32.81 27.86 7.68
C GLU C 21 33.04 28.53 9.03
N ASP C 22 31.95 28.94 9.69
CA ASP C 22 32.02 29.65 10.97
C ASP C 22 31.02 29.19 12.04
N GLY C 23 30.03 28.39 11.64
CA GLY C 23 28.97 27.95 12.54
C GLY C 23 27.97 29.04 12.94
N LYS C 24 27.94 30.11 12.14
CA LYS C 24 27.04 31.25 12.36
C LYS C 24 26.21 31.54 11.11
N THR C 25 26.85 31.43 9.94
CA THR C 25 26.21 31.60 8.66
C THR C 25 26.14 30.24 7.99
N PHE C 26 25.02 29.95 7.33
CA PHE C 26 24.79 28.63 6.75
C PHE C 26 24.23 28.74 5.33
N ARG C 27 24.80 27.93 4.43
CA ARG C 27 24.22 27.75 3.10
C ARG C 27 23.53 26.39 3.10
N ARG C 28 22.26 26.35 2.72
CA ARG C 28 21.49 25.12 2.85
C ARG C 28 20.73 24.70 1.60
N TRP C 29 20.62 23.39 1.44
CA TRP C 29 19.90 22.76 0.35
C TRP C 29 19.04 21.65 0.94
N ARG C 30 17.99 21.29 0.22
CA ARG C 30 17.03 20.30 0.69
C ARG C 30 16.82 19.28 -0.42
N LEU C 31 16.87 18.01 -0.05
CA LEU C 31 16.58 16.90 -0.97
C LEU C 31 15.56 15.96 -0.32
N SER C 32 14.83 15.20 -1.12
CA SER C 32 13.93 14.20 -0.56
C SER C 32 14.79 13.08 0.02
N THR C 33 14.34 12.49 1.12
CA THR C 33 15.10 11.42 1.76
C THR C 33 15.27 10.17 0.88
N GLY C 34 14.20 9.62 0.35
CA GLY C 34 14.30 8.49 -0.58
C GLY C 34 14.84 7.19 0.02
N VAL C 35 13.96 6.20 0.13
CA VAL C 35 14.29 4.88 0.71
C VAL C 35 15.52 4.17 0.15
N PHE C 36 15.61 4.07 -1.18
CA PHE C 36 16.59 3.17 -1.80
C PHE C 36 17.86 3.86 -2.30
N GLN C 37 18.06 5.13 -1.93
CA GLN C 37 19.18 5.91 -2.42
C GLN C 37 20.54 5.31 -2.07
N THR C 38 21.52 5.56 -2.93
CA THR C 38 22.90 5.16 -2.69
C THR C 38 23.76 6.41 -2.43
N GLU C 39 24.99 6.18 -1.99
CA GLU C 39 25.99 7.23 -1.79
C GLU C 39 26.34 7.97 -3.10
N ASP C 40 26.45 7.23 -4.20
CA ASP C 40 26.70 7.81 -5.53
C ASP C 40 25.52 8.67 -5.99
N GLU C 41 24.30 8.21 -5.68
CA GLU C 41 23.09 8.97 -5.99
C GLU C 41 23.04 10.28 -5.21
N LEU C 42 23.38 10.19 -3.93
CA LEU C 42 23.51 11.34 -3.05
C LEU C 42 24.58 12.33 -3.54
N PHE C 43 25.78 11.83 -3.87
CA PHE C 43 26.84 12.68 -4.45
C PHE C 43 26.39 13.34 -5.76
N SER C 44 25.71 12.57 -6.58
CA SER C 44 25.18 13.04 -7.84
C SER C 44 24.18 14.19 -7.67
N HIS C 45 23.27 14.07 -6.69
CA HIS C 45 22.32 15.15 -6.36
C HIS C 45 22.98 16.42 -5.81
N LEU C 46 24.03 16.23 -5.00
CA LEU C 46 24.72 17.34 -4.33
C LEU C 46 25.74 18.06 -5.22
N HIS C 47 26.29 17.33 -6.19
CA HIS C 47 27.34 17.86 -7.08
C HIS C 47 27.04 19.26 -7.65
N PRO C 48 25.94 19.42 -8.41
CA PRO C 48 25.70 20.77 -8.96
C PRO C 48 25.19 21.80 -7.95
N LEU C 49 24.84 21.35 -6.74
CA LEU C 49 24.38 22.25 -5.68
C LEU C 49 25.54 22.86 -4.89
N LEU C 50 26.48 22.00 -4.46
CA LEU C 50 27.61 22.45 -3.66
C LEU C 50 28.77 22.99 -4.50
N GLY C 51 28.94 22.47 -5.71
CA GLY C 51 29.95 22.94 -6.64
C GLY C 51 31.37 22.72 -6.15
N ASP C 52 32.19 23.76 -6.22
CA ASP C 52 33.59 23.71 -5.80
C ASP C 52 33.72 23.49 -4.29
N ALA C 53 32.72 23.95 -3.54
CA ALA C 53 32.69 23.77 -2.08
C ALA C 53 32.78 22.31 -1.63
N MET C 54 32.38 21.40 -2.51
CA MET C 54 32.46 19.95 -2.28
C MET C 54 33.88 19.50 -1.92
N ARG C 55 34.86 20.19 -2.47
CA ARG C 55 36.28 19.88 -2.27
C ARG C 55 36.78 20.29 -0.90
N GLU C 56 36.14 21.31 -0.32
CA GLU C 56 36.64 21.99 0.88
C GLU C 56 36.13 21.41 2.22
N ILE C 57 35.20 20.45 2.16
CA ILE C 57 34.59 19.89 3.37
C ILE C 57 35.59 19.08 4.21
N LYS C 58 35.68 19.42 5.50
CA LYS C 58 36.63 18.80 6.43
C LYS C 58 35.98 17.91 7.49
N GLY C 59 34.66 18.04 7.65
CA GLY C 59 33.93 17.27 8.66
C GLY C 59 32.46 17.16 8.32
N ILE C 60 31.86 16.02 8.66
CA ILE C 60 30.46 15.76 8.39
C ILE C 60 29.69 15.42 9.67
N GLY C 61 28.66 16.21 9.94
CA GLY C 61 27.82 16.06 11.12
C GLY C 61 26.41 15.75 10.70
N VAL C 62 25.77 14.79 11.38
CA VAL C 62 24.47 14.26 10.98
C VAL C 62 23.52 14.05 12.17
N ALA C 63 22.33 14.66 12.09
CA ALA C 63 21.19 14.20 12.89
C ALA C 63 20.25 13.40 11.99
N SER C 64 19.85 12.20 12.43
CA SER C 64 19.00 11.33 11.62
C SER C 64 17.88 10.66 12.43
N VAL C 65 16.66 10.71 11.89
CA VAL C 65 15.50 9.99 12.46
C VAL C 65 15.00 8.89 11.52
N VAL C 66 15.88 8.48 10.60
CA VAL C 66 15.61 7.40 9.64
C VAL C 66 16.82 6.45 9.65
N PRO C 67 16.85 5.51 10.60
CA PRO C 67 18.00 4.58 10.76
C PRO C 67 18.47 3.83 9.49
N THR C 68 17.56 3.48 8.59
CA THR C 68 17.93 2.81 7.34
C THR C 68 18.78 3.70 6.43
N GLN C 69 18.59 5.02 6.53
CA GLN C 69 19.35 5.97 5.74
C GLN C 69 20.78 6.15 6.22
N ASN C 70 21.09 5.64 7.41
CA ASN C 70 22.40 5.88 8.03
C ASN C 70 23.59 5.21 7.34
N THR C 71 23.41 3.99 6.84
CA THR C 71 24.48 3.33 6.09
C THR C 71 24.78 4.06 4.76
N VAL C 72 23.77 4.72 4.20
CA VAL C 72 23.93 5.53 2.98
C VAL C 72 24.82 6.76 3.27
N ILE C 73 24.50 7.50 4.32
CA ILE C 73 25.27 8.69 4.75
C ILE C 73 26.72 8.34 5.13
N GLU C 74 26.89 7.24 5.86
CA GLU C 74 28.19 6.71 6.23
C GLU C 74 29.07 6.39 5.02
N ARG C 75 28.50 5.67 4.05
CA ARG C 75 29.18 5.28 2.82
C ARG C 75 29.52 6.49 1.95
N PHE C 76 28.64 7.48 1.93
CA PHE C 76 28.86 8.74 1.21
C PHE C 76 30.07 9.48 1.76
N SER C 77 30.12 9.61 3.08
CA SER C 77 31.19 10.29 3.79
C SER C 77 32.54 9.60 3.57
N GLN C 78 32.58 8.28 3.74
CA GLN C 78 33.81 7.51 3.63
C GLN C 78 34.30 7.47 2.18
N LYS C 79 33.37 7.29 1.24
CA LYS C 79 33.74 7.15 -0.16
C LYS C 79 34.25 8.46 -0.74
N TYR C 80 33.56 9.56 -0.46
CA TYR C 80 33.85 10.80 -1.16
C TYR C 80 34.71 11.80 -0.39
N PHE C 81 34.80 11.63 0.93
CA PHE C 81 35.58 12.52 1.79
C PHE C 81 36.57 11.79 2.68
N HIS C 82 36.50 10.45 2.66
CA HIS C 82 37.40 9.59 3.44
C HIS C 82 37.34 9.83 4.95
N ILE C 83 36.14 10.15 5.43
CA ILE C 83 35.90 10.41 6.84
C ILE C 83 34.60 9.73 7.33
N SER C 84 34.55 9.41 8.61
CA SER C 84 33.32 8.92 9.19
C SER C 84 32.48 10.11 9.65
N PRO C 85 31.13 10.01 9.51
CA PRO C 85 30.29 11.09 10.01
C PRO C 85 30.22 11.06 11.53
N ILE C 86 29.97 12.22 12.12
CA ILE C 86 29.68 12.32 13.54
C ILE C 86 28.18 12.37 13.69
N TRP C 87 27.66 11.50 14.57
CA TRP C 87 26.23 11.32 14.71
C TRP C 87 25.71 11.99 15.96
N VAL C 88 24.74 12.88 15.79
CA VAL C 88 24.10 13.56 16.92
C VAL C 88 23.31 12.54 17.73
N LYS C 89 23.50 12.63 19.05
CA LYS C 89 23.00 11.66 19.99
C LYS C 89 22.81 12.40 21.30
N ALA C 90 21.81 12.02 22.08
CA ALA C 90 21.68 12.49 23.46
C ALA C 90 22.80 11.89 24.31
N LYS C 91 23.64 12.75 24.86
CA LYS C 91 24.68 12.33 25.80
C LYS C 91 24.80 13.36 26.93
N ASN C 92 25.40 12.95 28.04
CA ASN C 92 25.58 13.81 29.21
C ASN C 92 26.58 14.93 28.94
N GLY C 93 26.46 16.03 29.70
CA GLY C 93 27.32 17.20 29.48
C GLY C 93 26.58 18.53 29.61
N CYS C 94 26.53 19.30 28.53
CA CYS C 94 25.89 20.62 28.52
C CYS C 94 24.36 20.56 28.73
N VAL C 95 23.75 19.45 28.31
CA VAL C 95 22.32 19.22 28.50
C VAL C 95 22.12 18.01 29.42
N LYS C 96 21.22 18.14 30.39
CA LYS C 96 20.77 16.99 31.18
C LYS C 96 19.48 16.46 30.60
N TRP C 97 19.38 15.14 30.51
CA TRP C 97 18.25 14.50 29.85
C TRP C 97 17.34 13.84 30.87
N ASN C 98 16.40 14.62 31.40
CA ASN C 98 15.52 14.17 32.48
C ASN C 98 14.28 13.43 31.95
N VAL C 99 14.53 12.35 31.21
CA VAL C 99 13.47 11.51 30.64
C VAL C 99 13.75 10.02 30.85
N LYS C 100 12.71 9.19 30.71
CA LYS C 100 12.82 7.74 30.91
C LYS C 100 13.97 7.09 30.13
N ASN C 101 14.00 7.27 28.80
CA ASN C 101 15.11 6.79 27.98
C ASN C 101 15.57 7.81 26.94
N PRO C 102 16.64 8.56 27.28
CA PRO C 102 17.23 9.61 26.43
C PRO C 102 17.76 9.12 25.07
N SER C 103 18.16 7.85 24.97
CA SER C 103 18.61 7.30 23.69
C SER C 103 17.49 7.13 22.68
N GLU C 104 16.24 7.22 23.15
CA GLU C 104 15.10 7.03 22.28
C GLU C 104 14.60 8.33 21.65
N VAL C 105 14.97 9.47 22.24
CA VAL C 105 14.56 10.77 21.69
C VAL C 105 15.26 11.05 20.36
N GLY C 106 14.49 11.60 19.43
CA GLY C 106 14.93 11.79 18.05
C GLY C 106 16.08 12.77 17.97
N ALA C 107 17.07 12.43 17.15
CA ALA C 107 18.29 13.21 17.02
C ALA C 107 18.01 14.66 16.62
N ASP C 108 16.94 14.89 15.87
CA ASP C 108 16.55 16.24 15.48
C ASP C 108 16.14 17.08 16.68
N ARG C 109 15.42 16.44 17.60
CA ARG C 109 15.03 17.07 18.87
C ARG C 109 16.24 17.34 19.74
N VAL C 110 17.15 16.36 19.80
CA VAL C 110 18.44 16.52 20.48
C VAL C 110 19.18 17.77 19.97
N ALA C 111 19.34 17.85 18.65
CA ALA C 111 20.00 18.98 18.00
C ALA C 111 19.34 20.30 18.35
N ASN C 112 18.01 20.35 18.25
CA ASN C 112 17.24 21.54 18.63
C ASN C 112 17.56 22.02 20.02
N VAL C 113 17.52 21.09 20.98
CA VAL C 113 17.80 21.36 22.40
C VAL C 113 19.23 21.85 22.61
N VAL C 114 20.19 21.17 21.97
CA VAL C 114 21.60 21.55 22.04
C VAL C 114 21.83 22.97 21.53
N ALA C 115 21.30 23.27 20.34
CA ALA C 115 21.40 24.62 19.76
C ALA C 115 20.74 25.69 20.64
N PHE C 116 19.58 25.36 21.21
CA PHE C 116 18.88 26.30 22.09
C PHE C 116 19.71 26.66 23.33
N VAL C 117 20.29 25.64 23.97
CA VAL C 117 21.12 25.82 25.16
C VAL C 117 22.43 26.58 24.86
N LYS C 118 22.97 26.41 23.65
CA LYS C 118 24.18 27.12 23.23
C LYS C 118 23.95 28.59 22.90
N GLU C 119 22.84 28.87 22.23
CA GLU C 119 22.63 30.20 21.66
C GLU C 119 21.59 31.05 22.36
N TYR C 120 20.59 30.43 22.98
CA TYR C 120 19.45 31.21 23.45
C TYR C 120 19.25 31.28 24.95
N GLY C 121 19.30 30.14 25.63
CA GLY C 121 19.13 30.11 27.08
C GLY C 121 18.97 28.73 27.66
N LYS C 122 18.82 28.67 28.98
CA LYS C 122 18.61 27.39 29.67
C LYS C 122 17.13 27.06 29.87
N ASN C 123 16.27 27.98 29.46
CA ASN C 123 14.83 27.86 29.64
C ASN C 123 14.11 28.23 28.37
N GLY C 124 13.29 27.31 27.87
CA GLY C 124 12.54 27.54 26.64
C GLY C 124 11.68 26.36 26.21
N ILE C 125 10.74 26.66 25.33
CA ILE C 125 9.85 25.68 24.73
C ILE C 125 10.12 25.67 23.22
N ILE C 126 10.56 24.54 22.71
CA ILE C 126 10.91 24.43 21.29
C ILE C 126 9.80 23.72 20.52
N ILE C 127 9.38 24.35 19.43
CA ILE C 127 8.37 23.80 18.55
C ILE C 127 8.99 23.62 17.18
N ASP C 128 9.04 22.37 16.74
CA ASP C 128 9.59 22.02 15.45
C ASP C 128 8.48 21.43 14.57
N MET C 129 8.09 22.18 13.54
CA MET C 129 7.03 21.78 12.63
C MET C 129 7.59 21.14 11.37
N GLY C 130 7.59 19.81 11.35
CA GLY C 130 8.04 19.05 10.17
C GLY C 130 7.03 17.97 9.83
N THR C 131 7.53 16.79 9.49
CA THR C 131 6.72 15.60 9.21
C THR C 131 5.78 15.33 10.38
N ALA C 132 6.38 15.26 11.56
CA ALA C 132 5.67 15.36 12.82
C ALA C 132 5.95 16.74 13.42
N THR C 133 5.04 17.24 14.24
CA THR C 133 5.32 18.45 14.99
C THR C 133 5.71 18.08 16.42
N THR C 134 6.85 18.57 16.87
CA THR C 134 7.32 18.29 18.22
C THR C 134 7.35 19.54 19.09
N VAL C 135 7.08 19.34 20.38
CA VAL C 135 7.28 20.33 21.43
C VAL C 135 8.37 19.75 22.35
N ASP C 136 9.38 20.55 22.65
CA ASP C 136 10.42 20.13 23.58
C ASP C 136 10.57 21.16 24.69
N LEU C 137 10.66 20.67 25.94
CA LEU C 137 10.82 21.53 27.10
C LEU C 137 12.22 21.45 27.69
N VAL C 138 12.87 22.61 27.82
CA VAL C 138 14.15 22.74 28.51
C VAL C 138 13.96 23.69 29.70
N VAL C 139 14.28 23.20 30.90
CA VAL C 139 14.16 23.96 32.14
C VAL C 139 15.50 23.90 32.88
N ASN C 140 16.08 25.07 33.14
CA ASN C 140 17.40 25.19 33.75
C ASN C 140 18.44 24.19 33.22
N GLY C 141 18.55 24.11 31.89
CA GLY C 141 19.54 23.27 31.23
C GLY C 141 19.17 21.81 31.16
N SER C 142 17.94 21.49 31.57
CA SER C 142 17.48 20.10 31.61
C SER C 142 16.34 19.86 30.63
N TYR C 143 16.51 18.86 29.77
CA TYR C 143 15.46 18.46 28.84
C TYR C 143 14.42 17.67 29.61
N GLU C 144 13.18 18.14 29.57
CA GLU C 144 12.13 17.60 30.42
C GLU C 144 11.17 16.66 29.70
N GLY C 145 11.24 16.66 28.36
CA GLY C 145 10.30 15.89 27.54
C GLY C 145 9.45 16.80 26.68
N GLY C 146 8.29 16.31 26.24
CA GLY C 146 7.42 17.11 25.39
C GLY C 146 6.19 16.43 24.84
N ALA C 147 5.90 16.70 23.57
CA ALA C 147 4.78 16.12 22.86
C ALA C 147 5.15 15.90 21.40
N ILE C 148 4.49 14.92 20.79
CA ILE C 148 4.58 14.65 19.35
C ILE C 148 3.16 14.75 18.79
N LEU C 149 3.01 15.54 17.73
CA LEU C 149 1.74 15.69 17.00
C LEU C 149 2.00 15.33 15.54
N PRO C 150 0.95 14.87 14.81
CA PRO C 150 1.13 14.74 13.36
C PRO C 150 1.37 16.11 12.75
N GLY C 151 2.20 16.17 11.70
CA GLY C 151 2.44 17.44 11.02
C GLY C 151 1.24 17.87 10.20
N PHE C 152 1.24 19.13 9.77
CA PHE C 152 0.15 19.66 8.94
C PHE C 152 -0.17 18.80 7.73
N PHE C 153 0.85 18.49 6.91
CA PHE C 153 0.62 17.63 5.74
C PHE C 153 0.28 16.19 6.10
N MET C 154 0.85 15.67 7.18
CA MET C 154 0.49 14.34 7.65
C MET C 154 -1.03 14.24 7.90
N MET C 155 -1.59 15.31 8.44
CA MET C 155 -2.99 15.41 8.82
C MET C 155 -3.93 15.49 7.62
N VAL C 156 -3.65 16.40 6.69
CA VAL C 156 -4.48 16.51 5.47
C VAL C 156 -4.45 15.25 4.63
N HIS C 157 -3.27 14.66 4.51
CA HIS C 157 -3.06 13.40 3.81
C HIS C 157 -3.79 12.20 4.48
N SER C 158 -3.80 12.17 5.82
CA SER C 158 -4.48 11.09 6.54
C SER C 158 -6.00 11.16 6.36
N LEU C 159 -6.53 12.37 6.31
CA LEU C 159 -7.95 12.60 6.05
C LEU C 159 -8.33 12.18 4.63
N PHE C 160 -7.50 12.57 3.67
CA PHE C 160 -7.64 12.16 2.27
C PHE C 160 -7.58 10.63 2.12
N ARG C 161 -6.56 9.98 2.67
CA ARG C 161 -6.40 8.52 2.50
C ARG C 161 -7.32 7.67 3.35
N GLY C 162 -7.69 8.16 4.53
CA GLY C 162 -8.49 7.41 5.48
C GLY C 162 -9.99 7.58 5.38
N THR C 163 -10.43 8.36 4.40
CA THR C 163 -11.86 8.51 4.14
C THR C 163 -12.17 8.36 2.66
N ALA C 164 -13.41 7.97 2.37
CA ALA C 164 -13.94 7.89 1.01
C ALA C 164 -14.10 9.25 0.32
N LYS C 165 -14.58 10.26 1.05
CA LYS C 165 -15.07 11.49 0.42
C LYS C 165 -14.16 12.72 0.50
N LEU C 166 -13.17 12.70 1.38
CA LEU C 166 -12.36 13.90 1.60
C LEU C 166 -11.25 14.04 0.57
N PRO C 167 -11.08 15.26 0.00
CA PRO C 167 -9.99 15.54 -0.93
C PRO C 167 -8.70 15.80 -0.17
N LEU C 168 -7.57 15.83 -0.89
CA LEU C 168 -6.31 16.31 -0.37
C LEU C 168 -6.30 17.84 -0.38
N VAL C 169 -6.35 18.44 0.80
CA VAL C 169 -6.42 19.88 0.91
C VAL C 169 -5.02 20.45 1.07
N GLU C 170 -4.80 21.62 0.46
CA GLU C 170 -3.53 22.35 0.58
C GLU C 170 -3.44 22.95 2.00
N VAL C 171 -2.24 22.98 2.55
CA VAL C 171 -2.06 23.51 3.90
C VAL C 171 -2.03 25.05 3.90
N LYS C 172 -3.11 25.65 4.40
CA LYS C 172 -3.34 27.10 4.37
C LYS C 172 -4.24 27.50 5.53
N PRO C 173 -3.79 28.45 6.37
CA PRO C 173 -4.60 28.93 7.48
C PRO C 173 -5.99 29.41 7.06
N ALA C 174 -6.97 29.19 7.93
CA ALA C 174 -8.33 29.64 7.75
C ALA C 174 -8.48 31.05 8.33
N ASP C 175 -9.12 31.94 7.58
CA ASP C 175 -9.36 33.31 8.04
C ASP C 175 -10.84 33.51 8.38
N PHE C 176 -11.49 32.41 8.75
CA PHE C 176 -12.91 32.38 9.05
C PHE C 176 -13.16 31.56 10.31
N VAL C 177 -14.32 31.75 10.92
CA VAL C 177 -14.70 31.10 12.17
C VAL C 177 -15.20 29.66 11.95
N VAL C 178 -15.91 29.45 10.83
CA VAL C 178 -16.36 28.14 10.40
C VAL C 178 -16.18 27.98 8.90
N GLY C 179 -15.74 26.80 8.47
CA GLY C 179 -15.63 26.47 7.06
C GLY C 179 -16.99 26.41 6.40
N LYS C 180 -17.06 26.91 5.16
CA LYS C 180 -18.31 26.95 4.39
C LYS C 180 -18.29 25.95 3.24
N ASP C 181 -17.17 25.23 3.11
CA ASP C 181 -17.07 24.08 2.24
C ASP C 181 -16.07 23.10 2.81
N THR C 182 -15.88 21.98 2.13
CA THR C 182 -15.06 20.87 2.62
C THR C 182 -13.60 21.26 2.85
N GLU C 183 -12.98 21.89 1.86
CA GLU C 183 -11.57 22.31 1.92
C GLU C 183 -11.36 23.25 3.09
N GLU C 184 -12.28 24.21 3.24
CA GLU C 184 -12.27 25.19 4.32
C GLU C 184 -12.41 24.54 5.69
N ASN C 185 -13.25 23.52 5.78
CA ASN C 185 -13.45 22.77 7.01
C ASN C 185 -12.18 22.09 7.48
N ILE C 186 -11.45 21.50 6.53
CA ILE C 186 -10.19 20.80 6.81
C ILE C 186 -9.08 21.78 7.19
N ARG C 187 -8.98 22.90 6.48
CA ARG C 187 -8.03 23.98 6.83
C ARG C 187 -8.19 24.47 8.28
N LEU C 188 -9.43 24.77 8.66
CA LEU C 188 -9.74 25.17 10.03
C LEU C 188 -9.36 24.11 11.07
N GLY C 189 -9.76 22.87 10.81
CA GLY C 189 -9.54 21.78 11.74
C GLY C 189 -8.09 21.41 11.86
N VAL C 190 -7.40 21.32 10.71
CA VAL C 190 -6.03 20.86 10.66
C VAL C 190 -5.02 21.97 10.96
N VAL C 191 -5.11 23.09 10.26
CA VAL C 191 -4.12 24.16 10.41
C VAL C 191 -4.37 24.97 11.69
N ASN C 192 -5.50 25.68 11.76
CA ASN C 192 -5.86 26.44 12.94
C ASN C 192 -5.93 25.59 14.19
N GLY C 193 -6.51 24.39 14.04
CA GLY C 193 -6.67 23.43 15.14
C GLY C 193 -5.36 22.97 15.75
N SER C 194 -4.37 22.68 14.89
CA SER C 194 -3.02 22.29 15.32
C SER C 194 -2.33 23.44 16.04
N VAL C 195 -2.59 24.67 15.59
CA VAL C 195 -2.11 25.87 16.28
C VAL C 195 -2.69 25.95 17.70
N TYR C 196 -4.00 25.68 17.82
CA TYR C 196 -4.70 25.62 19.10
C TYR C 196 -4.17 24.51 20.00
N ALA C 197 -3.95 23.33 19.40
CA ALA C 197 -3.34 22.18 20.08
C ALA C 197 -2.03 22.59 20.74
N LEU C 198 -1.16 23.22 19.93
CA LEU C 198 0.14 23.70 20.39
C LEU C 198 0.03 24.80 21.45
N GLU C 199 -0.83 25.79 21.22
CA GLU C 199 -1.11 26.84 22.21
C GLU C 199 -1.60 26.26 23.55
N GLY C 200 -2.43 25.22 23.49
CA GLY C 200 -2.93 24.54 24.69
C GLY C 200 -1.84 23.84 25.49
N ILE C 201 -0.94 23.14 24.76
CA ILE C 201 0.18 22.42 25.38
C ILE C 201 1.22 23.40 25.92
N ILE C 202 1.46 24.49 25.19
CA ILE C 202 2.35 25.55 25.65
C ILE C 202 1.78 26.19 26.90
N GLY C 203 0.48 26.52 26.88
CA GLY C 203 -0.16 27.19 28.01
C GLY C 203 -0.05 26.37 29.29
N ARG C 204 -0.28 25.06 29.15
CA ARG C 204 -0.28 24.15 30.28
C ARG C 204 1.13 23.99 30.85
N ILE C 205 2.12 24.02 29.96
CA ILE C 205 3.53 24.03 30.35
C ILE C 205 3.87 25.29 31.11
N LYS C 206 3.44 26.44 30.60
CA LYS C 206 3.69 27.74 31.24
C LYS C 206 2.99 27.87 32.61
N GLU C 207 1.86 27.17 32.77
CA GLU C 207 1.16 27.14 34.06
C GLU C 207 2.01 26.50 35.16
N VAL C 208 2.81 25.50 34.78
CA VAL C 208 3.66 24.76 35.71
C VAL C 208 5.03 25.41 35.88
N TYR C 209 5.64 25.81 34.77
CA TYR C 209 7.07 26.18 34.75
C TYR C 209 7.38 27.67 34.62
N GLY C 210 6.37 28.49 34.30
CA GLY C 210 6.57 29.93 34.11
C GLY C 210 6.59 30.32 32.64
N ASP C 211 6.61 31.62 32.38
CA ASP C 211 6.47 32.16 31.02
C ASP C 211 7.72 31.98 30.13
N LEU C 212 8.03 30.73 29.80
CA LEU C 212 9.23 30.40 29.05
C LEU C 212 9.15 30.90 27.60
N PRO C 213 10.29 31.37 27.05
CA PRO C 213 10.29 31.79 25.66
C PRO C 213 9.99 30.62 24.74
N VAL C 214 9.19 30.86 23.71
CA VAL C 214 8.87 29.84 22.72
C VAL C 214 9.69 30.10 21.47
N VAL C 215 10.36 29.06 20.97
CA VAL C 215 11.10 29.13 19.71
C VAL C 215 10.43 28.25 18.66
N LEU C 216 10.31 28.79 17.45
CA LEU C 216 9.70 28.09 16.32
C LEU C 216 10.75 27.72 15.29
N THR C 217 10.64 26.50 14.76
CA THR C 217 11.50 26.04 13.68
C THR C 217 10.76 24.99 12.84
N GLY C 218 11.42 24.46 11.81
CA GLY C 218 10.86 23.42 10.97
C GLY C 218 10.38 23.93 9.64
N GLY C 219 10.48 23.10 8.61
CA GLY C 219 10.04 23.48 7.25
C GLY C 219 8.55 23.75 7.04
N GLN C 220 7.73 23.60 8.07
CA GLN C 220 6.30 23.89 7.96
C GLN C 220 5.86 25.05 8.87
N SER C 221 6.79 25.59 9.65
CA SER C 221 6.50 26.66 10.63
C SER C 221 6.17 28.02 10.00
N LYS C 222 6.71 28.28 8.82
CA LYS C 222 6.60 29.57 8.14
C LYS C 222 5.18 29.99 7.80
N ILE C 223 4.32 29.03 7.44
CA ILE C 223 2.95 29.36 7.06
C ILE C 223 2.03 29.61 8.27
N VAL C 224 2.47 29.23 9.46
CA VAL C 224 1.69 29.48 10.67
C VAL C 224 2.38 30.39 11.71
N LYS C 225 3.61 30.80 11.44
CA LYS C 225 4.41 31.54 12.44
C LYS C 225 3.72 32.82 12.92
N ASP C 226 3.03 33.49 12.00
CA ASP C 226 2.24 34.69 12.30
C ASP C 226 0.94 34.40 13.08
N MET C 227 0.67 33.13 13.34
CA MET C 227 -0.52 32.67 14.10
C MET C 227 -0.25 32.21 15.52
N ILE C 228 1.03 31.98 15.86
CA ILE C 228 1.43 31.55 17.20
C ILE C 228 2.32 32.60 17.82
N LYS C 229 2.05 32.93 19.09
CA LYS C 229 2.95 33.76 19.88
C LYS C 229 4.25 32.99 20.14
N HIS C 230 5.36 33.60 19.77
CA HIS C 230 6.70 33.03 19.95
C HIS C 230 7.73 34.16 20.03
N GLU C 231 8.87 33.87 20.64
CA GLU C 231 9.88 34.87 20.94
C GLU C 231 11.05 34.79 19.96
N ILE C 232 11.32 33.59 19.48
CA ILE C 232 12.39 33.34 18.53
C ILE C 232 11.85 32.54 17.34
N PHE C 233 12.20 32.97 16.14
CA PHE C 233 11.98 32.20 14.95
C PHE C 233 13.33 31.91 14.29
N ASP C 234 13.67 30.62 14.19
CA ASP C 234 14.96 30.20 13.69
C ASP C 234 14.86 28.90 12.90
N GLU C 235 14.86 29.02 11.58
CA GLU C 235 14.80 27.86 10.68
C GLU C 235 16.06 27.01 10.68
N ASP C 236 17.15 27.56 11.21
CA ASP C 236 18.44 26.88 11.22
C ASP C 236 18.73 26.14 12.51
N LEU C 237 17.76 26.10 13.43
CA LEU C 237 17.99 25.56 14.78
C LEU C 237 18.53 24.13 14.78
N THR C 238 17.93 23.24 13.98
CA THR C 238 18.40 21.84 13.97
C THR C 238 19.83 21.75 13.43
N ILE C 239 20.08 22.42 12.30
CA ILE C 239 21.40 22.49 11.69
C ILE C 239 22.45 23.13 12.62
N LYS C 240 22.07 24.20 13.32
CA LYS C 240 22.94 24.81 14.33
C LYS C 240 23.27 23.82 15.44
N GLY C 241 22.29 22.98 15.80
CA GLY C 241 22.46 21.99 16.85
C GLY C 241 23.42 20.89 16.45
N VAL C 242 23.30 20.45 15.19
CA VAL C 242 24.23 19.48 14.61
C VAL C 242 25.65 20.03 14.63
N TYR C 243 25.81 21.30 14.24
CA TYR C 243 27.13 21.96 14.25
C TYR C 243 27.76 22.01 15.65
N HIS C 244 26.98 22.47 16.64
CA HIS C 244 27.49 22.62 17.99
C HIS C 244 27.86 21.27 18.60
N PHE C 245 27.00 20.28 18.42
CA PHE C 245 27.25 18.93 18.92
C PHE C 245 28.54 18.34 18.36
N CYS C 246 28.67 18.38 17.05
CA CYS C 246 29.73 17.68 16.33
C CYS C 246 31.05 18.43 16.29
N PHE C 247 30.98 19.76 16.16
CA PHE C 247 32.14 20.58 15.84
C PHE C 247 32.39 21.74 16.81
N GLY C 248 31.54 21.85 17.83
CA GLY C 248 31.78 22.74 18.96
C GLY C 248 31.37 24.18 18.77
N MET D 1 -50.01 0.59 16.61
CA MET D 1 -48.76 -0.16 16.38
C MET D 1 -47.50 0.72 16.37
N ASP D 2 -46.38 0.08 16.70
CA ASP D 2 -45.09 0.73 16.77
C ASP D 2 -44.13 -0.03 15.84
N PRO D 3 -44.18 0.29 14.53
CA PRO D 3 -43.38 -0.44 13.53
C PRO D 3 -41.89 -0.37 13.81
N MET D 4 -41.19 -1.47 13.55
CA MET D 4 -39.75 -1.50 13.71
C MET D 4 -39.02 -0.95 12.49
N TYR D 5 -38.13 0.00 12.74
CA TYR D 5 -37.31 0.55 11.68
C TYR D 5 -35.86 0.19 11.93
N LEU D 6 -35.15 -0.12 10.84
CA LEU D 6 -33.71 -0.28 10.87
C LEU D 6 -33.04 1.02 10.45
N LEU D 7 -32.16 1.52 11.31
CA LEU D 7 -31.35 2.70 11.03
C LEU D 7 -29.89 2.31 10.87
N VAL D 8 -29.27 2.84 9.82
CA VAL D 8 -27.90 2.53 9.49
C VAL D 8 -27.06 3.80 9.36
N ASP D 9 -25.87 3.77 9.96
CA ASP D 9 -24.87 4.82 9.87
C ASP D 9 -23.59 4.20 9.29
N VAL D 10 -23.39 4.35 7.97
CA VAL D 10 -22.22 3.80 7.27
C VAL D 10 -21.03 4.77 7.36
N GLY D 11 -20.11 4.45 8.27
CA GLY D 11 -18.90 5.22 8.47
C GLY D 11 -17.72 4.58 7.76
N ASN D 12 -16.64 5.34 7.63
CA ASN D 12 -15.43 4.92 6.92
C ASN D 12 -14.75 3.66 7.48
N THR D 13 -14.82 3.46 8.80
CA THR D 13 -14.27 2.23 9.40
C THR D 13 -15.37 1.29 9.95
N HIS D 14 -16.41 1.87 10.56
CA HIS D 14 -17.47 1.05 11.15
C HIS D 14 -18.86 1.47 10.68
N SER D 15 -19.76 0.50 10.60
CA SER D 15 -21.17 0.77 10.31
C SER D 15 -22.04 0.44 11.52
N VAL D 16 -22.89 1.38 11.89
CA VAL D 16 -23.79 1.20 13.02
C VAL D 16 -25.18 0.80 12.53
N PHE D 17 -25.69 -0.31 13.07
CA PHE D 17 -27.02 -0.80 12.74
C PHE D 17 -27.88 -0.73 14.00
N SER D 18 -29.00 -0.02 13.90
CA SER D 18 -29.85 0.21 15.04
C SER D 18 -31.32 -0.05 14.73
N ILE D 19 -32.04 -0.59 15.72
CA ILE D 19 -33.48 -0.80 15.60
C ILE D 19 -34.24 -0.02 16.66
N THR D 20 -35.36 0.53 16.24
CA THR D 20 -36.26 1.23 17.14
C THR D 20 -37.70 0.95 16.76
N GLU D 21 -38.58 1.00 17.76
CA GLU D 21 -40.01 0.87 17.53
C GLU D 21 -40.71 2.20 17.78
N ASP D 22 -40.00 3.15 18.38
CA ASP D 22 -40.61 4.42 18.81
C ASP D 22 -39.84 5.67 18.38
N GLY D 23 -38.58 5.50 18.01
CA GLY D 23 -37.69 6.62 17.73
C GLY D 23 -37.20 7.31 18.99
N LYS D 24 -37.37 6.63 20.12
CA LYS D 24 -36.99 7.16 21.43
C LYS D 24 -35.98 6.26 22.15
N THR D 25 -36.15 4.95 22.03
CA THR D 25 -35.16 3.98 22.52
C THR D 25 -34.63 3.13 21.36
N PHE D 26 -33.34 2.86 21.40
CA PHE D 26 -32.63 2.22 20.29
C PHE D 26 -31.75 1.06 20.76
N ARG D 27 -31.87 -0.08 20.10
CA ARG D 27 -30.91 -1.17 20.26
C ARG D 27 -29.92 -1.04 19.12
N ARG D 28 -28.63 -1.12 19.43
CA ARG D 28 -27.61 -0.88 18.42
C ARG D 28 -26.49 -1.91 18.40
N TRP D 29 -26.03 -2.21 17.19
CA TRP D 29 -24.90 -3.08 16.93
C TRP D 29 -23.90 -2.31 16.07
N ARG D 30 -22.67 -2.78 16.05
CA ARG D 30 -21.64 -2.17 15.22
C ARG D 30 -20.84 -3.26 14.50
N LEU D 31 -20.55 -3.00 13.23
CA LEU D 31 -19.76 -3.90 12.40
C LEU D 31 -18.74 -3.08 11.61
N SER D 32 -17.67 -3.73 11.15
CA SER D 32 -16.73 -3.06 10.25
C SER D 32 -17.43 -2.77 8.93
N THR D 33 -17.04 -1.67 8.29
CA THR D 33 -17.62 -1.34 7.00
C THR D 33 -17.08 -2.30 5.94
N GLY D 34 -15.80 -2.24 5.62
CA GLY D 34 -15.24 -3.27 4.75
C GLY D 34 -15.71 -3.22 3.31
N VAL D 35 -14.71 -3.18 2.44
CA VAL D 35 -14.85 -2.75 1.06
C VAL D 35 -15.61 -3.71 0.12
N PHE D 36 -15.36 -5.01 0.26
CA PHE D 36 -15.87 -6.03 -0.69
C PHE D 36 -17.08 -6.83 -0.19
N GLN D 37 -17.70 -6.35 0.88
CA GLN D 37 -18.83 -7.04 1.53
C GLN D 37 -20.09 -7.09 0.65
N THR D 38 -20.86 -8.17 0.80
CA THR D 38 -22.08 -8.35 0.02
C THR D 38 -23.33 -8.24 0.90
N GLU D 39 -24.51 -8.24 0.26
CA GLU D 39 -25.79 -8.24 0.97
C GLU D 39 -26.02 -9.52 1.78
N ASP D 40 -25.64 -10.66 1.23
CA ASP D 40 -25.72 -11.94 1.95
C ASP D 40 -24.75 -11.96 3.14
N GLU D 41 -23.58 -11.34 2.95
CA GLU D 41 -22.57 -11.24 4.00
C GLU D 41 -23.05 -10.33 5.14
N LEU D 42 -23.68 -9.23 4.78
CA LEU D 42 -24.33 -8.35 5.73
C LEU D 42 -25.45 -9.07 6.49
N PHE D 43 -26.33 -9.75 5.75
CA PHE D 43 -27.42 -10.48 6.38
C PHE D 43 -26.90 -11.48 7.42
N SER D 44 -25.89 -12.25 7.00
CA SER D 44 -25.28 -13.26 7.84
C SER D 44 -24.68 -12.69 9.12
N HIS D 45 -23.98 -11.56 9.01
CA HIS D 45 -23.48 -10.85 10.19
C HIS D 45 -24.60 -10.38 11.14
N LEU D 46 -25.68 -9.86 10.55
CA LEU D 46 -26.76 -9.28 11.31
C LEU D 46 -27.70 -10.32 11.93
N HIS D 47 -27.77 -11.49 11.30
CA HIS D 47 -28.71 -12.55 11.69
C HIS D 47 -28.69 -12.97 13.18
N PRO D 48 -27.51 -13.36 13.72
CA PRO D 48 -27.51 -13.77 15.12
C PRO D 48 -27.56 -12.58 16.08
N LEU D 49 -27.41 -11.37 15.55
CA LEU D 49 -27.47 -10.16 16.36
C LEU D 49 -28.90 -9.69 16.56
N LEU D 50 -29.64 -9.54 15.45
CA LEU D 50 -31.02 -9.07 15.53
C LEU D 50 -32.00 -10.18 15.90
N GLY D 51 -31.64 -11.42 15.59
CA GLY D 51 -32.49 -12.57 15.86
C GLY D 51 -33.83 -12.43 15.17
N ASP D 52 -34.91 -12.52 15.95
CA ASP D 52 -36.27 -12.54 15.42
C ASP D 52 -36.85 -11.16 15.15
N ALA D 53 -36.11 -10.12 15.53
CA ALA D 53 -36.48 -8.74 15.25
C ALA D 53 -36.32 -8.40 13.77
N MET D 54 -35.45 -9.15 13.08
CA MET D 54 -35.23 -8.95 11.64
C MET D 54 -36.51 -9.04 10.81
N ARG D 55 -37.36 -10.01 11.15
CA ARG D 55 -38.62 -10.26 10.44
C ARG D 55 -39.59 -9.08 10.55
N GLU D 56 -39.37 -8.22 11.54
CA GLU D 56 -40.33 -7.18 11.91
C GLU D 56 -40.05 -5.82 11.29
N ILE D 57 -38.88 -5.68 10.66
CA ILE D 57 -38.43 -4.42 10.06
C ILE D 57 -39.32 -3.99 8.91
N LYS D 58 -39.88 -2.78 9.03
CA LYS D 58 -40.80 -2.24 8.05
C LYS D 58 -40.23 -1.05 7.26
N GLY D 59 -39.06 -0.57 7.66
CA GLY D 59 -38.42 0.56 6.99
C GLY D 59 -36.93 0.60 7.27
N ILE D 60 -36.16 1.06 6.29
CA ILE D 60 -34.70 1.13 6.40
C ILE D 60 -34.23 2.52 6.02
N GLY D 61 -33.59 3.20 6.97
CA GLY D 61 -33.07 4.54 6.75
C GLY D 61 -31.56 4.50 6.90
N VAL D 62 -30.86 5.27 6.06
CA VAL D 62 -29.40 5.19 6.02
C VAL D 62 -28.72 6.55 5.83
N ALA D 63 -27.76 6.85 6.71
CA ALA D 63 -26.77 7.87 6.42
C ALA D 63 -25.48 7.15 6.08
N SER D 64 -24.87 7.51 4.96
CA SER D 64 -23.61 6.90 4.52
C SER D 64 -22.60 7.93 4.05
N VAL D 65 -21.36 7.75 4.47
CA VAL D 65 -20.23 8.58 4.01
C VAL D 65 -19.23 7.77 3.18
N VAL D 66 -19.67 6.58 2.73
CA VAL D 66 -18.89 5.68 1.88
C VAL D 66 -19.74 5.29 0.66
N PRO D 67 -19.74 6.12 -0.40
CA PRO D 67 -20.59 5.86 -1.59
C PRO D 67 -20.51 4.45 -2.20
N THR D 68 -19.35 3.77 -2.09
CA THR D 68 -19.22 2.39 -2.61
C THR D 68 -20.01 1.35 -1.83
N GLN D 69 -20.34 1.65 -0.57
CA GLN D 69 -21.10 0.73 0.25
C GLN D 69 -22.59 0.80 -0.03
N ASN D 70 -23.00 1.87 -0.70
CA ASN D 70 -24.40 2.19 -0.89
C ASN D 70 -25.17 1.17 -1.73
N THR D 71 -24.45 0.51 -2.64
CA THR D 71 -25.07 -0.53 -3.46
C THR D 71 -25.35 -1.79 -2.65
N VAL D 72 -24.46 -2.08 -1.70
CA VAL D 72 -24.62 -3.23 -0.80
C VAL D 72 -25.82 -3.05 0.15
N ILE D 73 -25.94 -1.87 0.74
CA ILE D 73 -27.10 -1.53 1.59
C ILE D 73 -28.42 -1.62 0.81
N GLU D 74 -28.47 -1.01 -0.37
CA GLU D 74 -29.64 -1.04 -1.25
C GLU D 74 -30.05 -2.47 -1.63
N ARG D 75 -29.08 -3.31 -1.99
CA ARG D 75 -29.37 -4.71 -2.35
C ARG D 75 -29.78 -5.57 -1.17
N PHE D 76 -29.26 -5.26 0.02
CA PHE D 76 -29.63 -5.96 1.25
C PHE D 76 -31.08 -5.63 1.63
N SER D 77 -31.43 -4.34 1.53
CA SER D 77 -32.78 -3.88 1.81
C SER D 77 -33.76 -4.53 0.85
N GLN D 78 -33.44 -4.49 -0.44
CA GLN D 78 -34.29 -5.03 -1.48
C GLN D 78 -34.43 -6.56 -1.40
N LYS D 79 -33.32 -7.27 -1.24
CA LYS D 79 -33.39 -8.74 -1.25
C LYS D 79 -34.08 -9.31 0.00
N TYR D 80 -33.78 -8.75 1.17
CA TYR D 80 -34.25 -9.36 2.41
C TYR D 80 -35.50 -8.72 3.01
N PHE D 81 -35.89 -7.57 2.49
CA PHE D 81 -37.02 -6.80 3.05
C PHE D 81 -37.94 -6.26 1.97
N HIS D 82 -37.52 -6.40 0.71
CA HIS D 82 -38.28 -5.94 -0.47
C HIS D 82 -38.64 -4.46 -0.44
N ILE D 83 -37.79 -3.69 0.22
CA ILE D 83 -37.95 -2.25 0.32
C ILE D 83 -36.64 -1.58 -0.11
N SER D 84 -36.74 -0.38 -0.65
CA SER D 84 -35.56 0.42 -0.88
C SER D 84 -35.29 1.27 0.36
N PRO D 85 -33.99 1.48 0.69
CA PRO D 85 -33.71 2.31 1.85
C PRO D 85 -33.97 3.79 1.59
N ILE D 86 -34.18 4.55 2.66
CA ILE D 86 -34.26 6.00 2.60
C ILE D 86 -32.90 6.62 2.94
N TRP D 87 -32.40 7.47 2.05
CA TRP D 87 -31.06 8.04 2.17
C TRP D 87 -31.07 9.43 2.78
N VAL D 88 -30.35 9.61 3.88
CA VAL D 88 -30.23 10.92 4.53
C VAL D 88 -29.45 11.84 3.60
N LYS D 89 -29.98 13.04 3.40
CA LYS D 89 -29.48 14.00 2.43
C LYS D 89 -29.77 15.40 2.93
N ALA D 90 -28.90 16.35 2.63
CA ALA D 90 -29.24 17.75 2.87
C ALA D 90 -30.33 18.18 1.90
N LYS D 91 -31.44 18.67 2.43
CA LYS D 91 -32.51 19.22 1.63
C LYS D 91 -33.19 20.38 2.38
N ASN D 92 -33.95 21.20 1.66
CA ASN D 92 -34.72 22.28 2.29
C ASN D 92 -35.84 21.76 3.18
N GLY D 93 -36.18 22.54 4.20
CA GLY D 93 -37.15 22.13 5.20
C GLY D 93 -36.88 22.84 6.51
N CYS D 94 -36.93 22.08 7.60
CA CYS D 94 -36.71 22.61 8.96
C CYS D 94 -35.25 22.99 9.27
N VAL D 95 -34.35 22.72 8.34
CA VAL D 95 -32.95 23.15 8.47
C VAL D 95 -32.58 23.93 7.22
N LYS D 96 -32.10 25.15 7.42
CA LYS D 96 -31.49 25.93 6.36
C LYS D 96 -30.02 25.60 6.27
N TRP D 97 -29.56 25.33 5.04
CA TRP D 97 -28.20 24.89 4.80
C TRP D 97 -27.35 26.04 4.26
N ASN D 98 -26.80 26.83 5.18
CA ASN D 98 -26.05 28.03 4.82
C ASN D 98 -24.57 27.75 4.60
N VAL D 99 -24.27 26.84 3.67
CA VAL D 99 -22.92 26.58 3.19
C VAL D 99 -22.90 26.67 1.66
N LYS D 100 -21.70 26.62 1.08
CA LYS D 100 -21.51 26.76 -0.37
C LYS D 100 -22.21 25.67 -1.17
N ASN D 101 -22.01 24.42 -0.76
CA ASN D 101 -22.66 23.30 -1.44
C ASN D 101 -23.16 22.26 -0.45
N PRO D 102 -24.44 22.38 -0.06
CA PRO D 102 -25.12 21.45 0.87
C PRO D 102 -25.07 19.97 0.47
N SER D 103 -24.99 19.67 -0.83
CA SER D 103 -24.93 18.28 -1.28
C SER D 103 -23.60 17.58 -0.94
N GLU D 104 -22.57 18.37 -0.64
CA GLU D 104 -21.24 17.85 -0.28
C GLU D 104 -21.10 17.50 1.21
N VAL D 105 -21.97 18.07 2.03
CA VAL D 105 -21.93 17.84 3.46
C VAL D 105 -22.21 16.36 3.77
N GLY D 106 -21.32 15.74 4.55
CA GLY D 106 -21.44 14.34 4.94
C GLY D 106 -22.79 14.05 5.57
N ALA D 107 -23.40 12.92 5.19
CA ALA D 107 -24.73 12.53 5.65
C ALA D 107 -24.77 12.27 7.16
N ASP D 108 -23.64 11.88 7.74
CA ASP D 108 -23.58 11.72 9.19
C ASP D 108 -23.77 13.07 9.92
N ARG D 109 -23.20 14.13 9.36
CA ARG D 109 -23.35 15.48 9.90
C ARG D 109 -24.77 16.03 9.71
N VAL D 110 -25.33 15.80 8.52
CA VAL D 110 -26.72 16.14 8.20
C VAL D 110 -27.66 15.53 9.27
N ALA D 111 -27.45 14.23 9.55
CA ALA D 111 -28.18 13.50 10.59
C ALA D 111 -28.00 14.11 11.98
N ASN D 112 -26.76 14.46 12.33
CA ASN D 112 -26.48 15.10 13.61
C ASN D 112 -27.27 16.40 13.79
N VAL D 113 -27.27 17.23 12.76
CA VAL D 113 -27.94 18.52 12.77
C VAL D 113 -29.47 18.36 12.84
N VAL D 114 -29.99 17.40 12.07
CA VAL D 114 -31.42 17.06 12.13
C VAL D 114 -31.83 16.56 13.52
N ALA D 115 -31.08 15.60 14.08
CA ALA D 115 -31.35 15.12 15.44
C ALA D 115 -31.26 16.25 16.46
N PHE D 116 -30.30 17.15 16.28
CA PHE D 116 -30.12 18.27 17.21
C PHE D 116 -31.28 19.26 17.19
N VAL D 117 -31.66 19.72 16.00
CA VAL D 117 -32.78 20.67 15.85
C VAL D 117 -34.12 20.08 16.35
N LYS D 118 -34.32 18.80 16.09
CA LYS D 118 -35.54 18.08 16.47
C LYS D 118 -35.68 17.86 17.98
N GLU D 119 -34.55 17.56 18.66
CA GLU D 119 -34.60 17.13 20.05
C GLU D 119 -34.01 18.07 21.08
N TYR D 120 -33.11 18.96 20.66
CA TYR D 120 -32.32 19.73 21.61
C TYR D 120 -32.47 21.23 21.55
N GLY D 121 -32.52 21.79 20.35
CA GLY D 121 -32.67 23.23 20.20
C GLY D 121 -32.23 23.78 18.86
N LYS D 122 -32.37 25.09 18.68
CA LYS D 122 -32.08 25.76 17.41
C LYS D 122 -30.64 26.26 17.36
N ASN D 123 -29.95 26.22 18.50
CA ASN D 123 -28.59 26.76 18.62
C ASN D 123 -27.66 25.77 19.31
N GLY D 124 -26.62 25.35 18.61
CA GLY D 124 -25.66 24.44 19.21
C GLY D 124 -24.39 24.22 18.42
N ILE D 125 -23.40 23.66 19.10
CA ILE D 125 -22.18 23.19 18.46
C ILE D 125 -22.10 21.66 18.64
N ILE D 126 -21.99 20.94 17.54
CA ILE D 126 -21.91 19.48 17.57
C ILE D 126 -20.49 18.99 17.31
N ILE D 127 -19.96 18.20 18.22
CA ILE D 127 -18.67 17.55 18.05
C ILE D 127 -18.86 16.05 17.90
N ASP D 128 -18.49 15.54 16.73
CA ASP D 128 -18.60 14.11 16.45
C ASP D 128 -17.21 13.50 16.32
N MET D 129 -16.84 12.66 17.29
CA MET D 129 -15.53 11.99 17.28
C MET D 129 -15.61 10.58 16.69
N GLY D 130 -15.13 10.43 15.46
CA GLY D 130 -15.13 9.14 14.77
C GLY D 130 -13.82 8.99 14.02
N THR D 131 -13.87 8.40 12.82
CA THR D 131 -12.68 8.27 11.96
C THR D 131 -12.01 9.62 11.78
N ALA D 132 -12.81 10.60 11.36
CA ALA D 132 -12.46 12.00 11.45
C ALA D 132 -13.29 12.61 12.57
N THR D 133 -12.85 13.75 13.07
CA THR D 133 -13.64 14.47 14.07
C THR D 133 -14.22 15.72 13.41
N THR D 134 -15.54 15.84 13.48
CA THR D 134 -16.25 16.98 12.89
C THR D 134 -16.76 17.94 13.97
N VAL D 135 -16.85 19.22 13.59
CA VAL D 135 -17.51 20.26 14.39
C VAL D 135 -18.59 20.86 13.48
N ASP D 136 -19.82 20.92 13.97
CA ASP D 136 -20.94 21.46 13.22
C ASP D 136 -21.57 22.58 14.02
N LEU D 137 -21.73 23.75 13.39
CA LEU D 137 -22.39 24.89 13.99
C LEU D 137 -23.84 25.01 13.51
N VAL D 138 -24.77 25.11 14.46
CA VAL D 138 -26.19 25.34 14.17
C VAL D 138 -26.62 26.63 14.85
N VAL D 139 -27.14 27.58 14.08
CA VAL D 139 -27.55 28.89 14.62
C VAL D 139 -28.97 29.17 14.16
N ASN D 140 -29.85 29.43 15.12
CA ASN D 140 -31.29 29.57 14.88
C ASN D 140 -31.83 28.63 13.77
N GLY D 141 -31.56 27.33 13.93
CA GLY D 141 -32.10 26.29 13.03
C GLY D 141 -31.47 26.21 11.67
N SER D 142 -30.39 26.98 11.48
CA SER D 142 -29.67 27.02 10.23
C SER D 142 -28.26 26.45 10.44
N TYR D 143 -27.80 25.63 9.49
CA TYR D 143 -26.46 25.07 9.53
C TYR D 143 -25.43 26.02 8.91
N GLU D 144 -24.43 26.42 9.69
CA GLU D 144 -23.47 27.43 9.25
C GLU D 144 -22.14 26.89 8.73
N GLY D 145 -21.91 25.59 8.90
CA GLY D 145 -20.64 24.98 8.49
C GLY D 145 -19.86 24.48 9.68
N GLY D 146 -18.55 24.32 9.53
CA GLY D 146 -17.74 23.83 10.65
C GLY D 146 -16.29 23.51 10.40
N ALA D 147 -15.83 22.43 11.01
CA ALA D 147 -14.45 21.97 10.88
C ALA D 147 -14.37 20.44 10.75
N ILE D 148 -13.32 19.98 10.08
CA ILE D 148 -12.96 18.57 10.04
C ILE D 148 -11.50 18.45 10.47
N LEU D 149 -11.26 17.57 11.44
CA LEU D 149 -9.91 17.22 11.79
C LEU D 149 -9.77 15.70 11.81
N PRO D 150 -8.52 15.20 11.74
CA PRO D 150 -8.28 13.77 11.90
C PRO D 150 -8.77 13.27 13.27
N GLY D 151 -9.32 12.07 13.29
CA GLY D 151 -9.69 11.41 14.53
C GLY D 151 -8.47 10.94 15.29
N PHE D 152 -8.66 10.58 16.54
CA PHE D 152 -7.58 10.15 17.43
C PHE D 152 -6.74 9.04 16.83
N PHE D 153 -7.38 7.94 16.44
CA PHE D 153 -6.66 6.82 15.85
C PHE D 153 -6.01 7.16 14.51
N MET D 154 -6.75 7.84 13.65
CA MET D 154 -6.18 8.32 12.39
C MET D 154 -4.86 9.05 12.67
N MET D 155 -4.84 9.91 13.68
CA MET D 155 -3.63 10.63 14.08
C MET D 155 -2.49 9.72 14.53
N VAL D 156 -2.72 8.87 15.54
CA VAL D 156 -1.68 7.95 16.05
C VAL D 156 -1.21 6.98 14.98
N HIS D 157 -2.13 6.53 14.13
CA HIS D 157 -1.78 5.68 13.01
C HIS D 157 -0.94 6.40 11.95
N SER D 158 -1.27 7.67 11.69
CA SER D 158 -0.50 8.45 10.70
C SER D 158 0.92 8.72 11.18
N LEU D 159 1.07 8.89 12.49
CA LEU D 159 2.38 9.07 13.10
C LEU D 159 3.20 7.78 13.00
N PHE D 160 2.54 6.66 13.25
CA PHE D 160 3.12 5.33 13.09
C PHE D 160 3.59 5.10 11.65
N ARG D 161 2.69 5.21 10.67
CA ARG D 161 3.01 4.86 9.28
C ARG D 161 3.86 5.88 8.53
N GLY D 162 3.77 7.15 8.91
CA GLY D 162 4.50 8.22 8.21
C GLY D 162 5.87 8.52 8.79
N THR D 163 6.29 7.69 9.73
CA THR D 163 7.54 7.86 10.45
C THR D 163 8.31 6.54 10.55
N ALA D 164 9.65 6.61 10.56
CA ALA D 164 10.50 5.43 10.76
C ALA D 164 10.52 4.92 12.22
N LYS D 165 10.67 5.83 13.17
CA LYS D 165 10.92 5.45 14.58
C LYS D 165 9.70 5.35 15.50
N LEU D 166 8.60 6.00 15.14
CA LEU D 166 7.45 6.06 16.06
C LEU D 166 6.62 4.79 16.03
N PRO D 167 6.21 4.31 17.22
CA PRO D 167 5.30 3.17 17.33
C PRO D 167 3.83 3.59 17.20
N LEU D 168 2.96 2.59 17.04
CA LEU D 168 1.53 2.79 17.10
C LEU D 168 1.12 2.85 18.57
N VAL D 169 0.68 4.02 19.00
CA VAL D 169 0.33 4.28 20.38
C VAL D 169 -1.18 4.10 20.61
N GLU D 170 -1.54 3.53 21.75
CA GLU D 170 -2.95 3.40 22.16
C GLU D 170 -3.53 4.79 22.49
N VAL D 171 -4.78 5.03 22.11
CA VAL D 171 -5.41 6.31 22.35
C VAL D 171 -5.88 6.43 23.81
N LYS D 172 -5.16 7.25 24.56
CA LYS D 172 -5.35 7.37 26.00
C LYS D 172 -4.91 8.77 26.45
N PRO D 173 -5.76 9.49 27.21
CA PRO D 173 -5.44 10.84 27.67
C PRO D 173 -4.17 10.87 28.51
N ALA D 174 -3.34 11.88 28.28
CA ALA D 174 -2.21 12.17 29.12
C ALA D 174 -2.69 12.79 30.41
N ASP D 175 -2.10 12.37 31.53
CA ASP D 175 -2.31 13.04 32.80
C ASP D 175 -0.96 13.59 33.33
N PHE D 176 -0.25 14.27 32.46
CA PHE D 176 1.03 14.93 32.77
C PHE D 176 1.16 16.12 31.83
N VAL D 177 2.05 17.05 32.17
CA VAL D 177 2.16 18.31 31.44
C VAL D 177 3.15 18.18 30.28
N VAL D 178 4.16 17.32 30.44
CA VAL D 178 5.04 16.89 29.34
C VAL D 178 5.29 15.38 29.41
N GLY D 179 5.29 14.73 28.24
CA GLY D 179 5.60 13.31 28.14
C GLY D 179 7.05 13.00 28.44
N LYS D 180 7.29 11.85 29.06
CA LYS D 180 8.62 11.42 29.49
C LYS D 180 9.15 10.22 28.70
N ASP D 181 8.30 9.61 27.90
CA ASP D 181 8.74 8.67 26.86
C ASP D 181 8.02 8.96 25.53
N THR D 182 8.40 8.25 24.47
CA THR D 182 7.83 8.47 23.14
C THR D 182 6.31 8.34 23.17
N GLU D 183 5.81 7.26 23.79
CA GLU D 183 4.39 6.96 23.80
C GLU D 183 3.56 7.99 24.53
N GLU D 184 4.05 8.52 25.64
CA GLU D 184 3.32 9.60 26.28
C GLU D 184 3.47 10.98 25.61
N ASN D 185 4.59 11.20 24.90
CA ASN D 185 4.71 12.34 23.96
C ASN D 185 3.56 12.35 22.93
N ILE D 186 3.33 11.21 22.28
CA ILE D 186 2.26 11.04 21.30
C ILE D 186 0.84 11.20 21.90
N ARG D 187 0.59 10.53 23.03
CA ARG D 187 -0.67 10.66 23.76
C ARG D 187 -1.01 12.11 24.08
N LEU D 188 -0.06 12.86 24.62
CA LEU D 188 -0.25 14.28 24.94
C LEU D 188 -0.55 15.11 23.69
N GLY D 189 0.24 14.89 22.64
CA GLY D 189 0.09 15.62 21.38
C GLY D 189 -1.22 15.34 20.67
N VAL D 190 -1.58 14.06 20.60
CA VAL D 190 -2.77 13.64 19.85
C VAL D 190 -4.06 13.77 20.66
N VAL D 191 -4.10 13.21 21.87
CA VAL D 191 -5.36 13.22 22.65
C VAL D 191 -5.63 14.58 23.30
N ASN D 192 -4.77 15.01 24.20
CA ASN D 192 -4.91 16.32 24.84
C ASN D 192 -4.86 17.43 23.78
N GLY D 193 -3.91 17.30 22.87
CA GLY D 193 -3.78 18.20 21.73
C GLY D 193 -5.05 18.35 20.91
N SER D 194 -5.66 17.25 20.51
CA SER D 194 -6.92 17.30 19.78
C SER D 194 -8.06 17.95 20.57
N VAL D 195 -8.10 17.69 21.88
CA VAL D 195 -9.05 18.33 22.79
C VAL D 195 -8.83 19.86 22.84
N TYR D 196 -7.57 20.29 22.91
CA TYR D 196 -7.20 21.71 22.82
C TYR D 196 -7.61 22.35 21.48
N ALA D 197 -7.40 21.60 20.40
CA ALA D 197 -7.78 22.03 19.04
C ALA D 197 -9.28 22.33 18.98
N LEU D 198 -10.07 21.41 19.54
CA LEU D 198 -11.51 21.51 19.62
C LEU D 198 -11.99 22.67 20.48
N GLU D 199 -11.38 22.82 21.66
CA GLU D 199 -11.69 23.95 22.56
C GLU D 199 -11.36 25.28 21.88
N GLY D 200 -10.25 25.30 21.14
CA GLY D 200 -9.84 26.48 20.39
C GLY D 200 -10.86 26.88 19.34
N ILE D 201 -11.32 25.89 18.58
CA ILE D 201 -12.33 26.12 17.54
C ILE D 201 -13.68 26.52 18.16
N ILE D 202 -14.11 25.80 19.19
CA ILE D 202 -15.34 26.11 19.91
C ILE D 202 -15.32 27.52 20.52
N GLY D 203 -14.24 27.84 21.24
CA GLY D 203 -14.11 29.14 21.90
C GLY D 203 -14.29 30.29 20.92
N ARG D 204 -13.71 30.12 19.74
CA ARG D 204 -13.72 31.13 18.70
C ARG D 204 -15.09 31.27 18.02
N ILE D 205 -15.81 30.15 17.88
CA ILE D 205 -17.22 30.20 17.48
C ILE D 205 -18.04 30.99 18.49
N LYS D 206 -17.87 30.69 19.78
CA LYS D 206 -18.57 31.37 20.88
C LYS D 206 -18.28 32.88 21.00
N GLU D 207 -17.11 33.31 20.55
CA GLU D 207 -16.80 34.75 20.47
C GLU D 207 -17.77 35.46 19.52
N VAL D 208 -18.11 34.80 18.42
CA VAL D 208 -18.89 35.41 17.34
C VAL D 208 -20.37 35.14 17.51
N TYR D 209 -20.71 33.95 17.99
CA TYR D 209 -22.11 33.52 18.08
C TYR D 209 -22.70 33.44 19.49
N GLY D 210 -21.85 33.53 20.52
CA GLY D 210 -22.31 33.44 21.91
C GLY D 210 -22.17 32.06 22.51
N ASP D 211 -22.55 31.92 23.79
CA ASP D 211 -22.34 30.69 24.55
C ASP D 211 -23.32 29.57 24.20
N LEU D 212 -23.18 29.02 22.99
CA LEU D 212 -24.05 27.96 22.52
C LEU D 212 -23.77 26.64 23.23
N PRO D 213 -24.83 25.87 23.55
CA PRO D 213 -24.60 24.53 24.11
C PRO D 213 -23.78 23.65 23.17
N VAL D 214 -22.91 22.83 23.75
CA VAL D 214 -22.05 21.94 22.99
C VAL D 214 -22.51 20.51 23.22
N VAL D 215 -22.70 19.77 22.13
CA VAL D 215 -23.07 18.35 22.21
C VAL D 215 -21.93 17.45 21.72
N LEU D 216 -21.64 16.44 22.52
CA LEU D 216 -20.59 15.48 22.25
C LEU D 216 -21.23 14.19 21.77
N THR D 217 -20.69 13.63 20.69
CA THR D 217 -21.15 12.34 20.15
C THR D 217 -20.00 11.60 19.45
N GLY D 218 -20.27 10.38 18.98
CA GLY D 218 -19.27 9.59 18.28
C GLY D 218 -18.62 8.56 19.18
N GLY D 219 -18.07 7.52 18.56
CA GLY D 219 -17.51 6.40 19.29
C GLY D 219 -16.21 6.69 20.00
N GLN D 220 -15.49 7.72 19.58
CA GLN D 220 -14.24 8.08 20.23
C GLN D 220 -14.43 9.14 21.33
N SER D 221 -15.68 9.59 21.53
CA SER D 221 -15.94 10.72 22.42
C SER D 221 -15.90 10.41 23.93
N LYS D 222 -16.14 9.15 24.27
CA LYS D 222 -16.25 8.71 25.66
C LYS D 222 -14.91 8.79 26.42
N ILE D 223 -13.81 8.63 25.70
CA ILE D 223 -12.47 8.67 26.33
C ILE D 223 -12.02 10.09 26.72
N VAL D 224 -12.68 11.11 26.15
CA VAL D 224 -12.34 12.51 26.41
C VAL D 224 -13.54 13.32 26.95
N LYS D 225 -14.64 12.60 27.20
CA LYS D 225 -15.89 13.14 27.77
C LYS D 225 -15.63 14.17 28.87
N ASP D 226 -14.77 13.82 29.83
CA ASP D 226 -14.52 14.67 31.00
C ASP D 226 -13.42 15.72 30.81
N MET D 227 -12.91 15.85 29.58
CA MET D 227 -11.86 16.85 29.28
C MET D 227 -12.39 18.04 28.51
N ILE D 228 -13.55 17.86 27.87
CA ILE D 228 -14.21 18.90 27.07
C ILE D 228 -15.51 19.32 27.72
N LYS D 229 -15.67 20.62 27.94
CA LYS D 229 -16.91 21.18 28.48
C LYS D 229 -18.05 20.99 27.48
N HIS D 230 -19.10 20.30 27.92
CA HIS D 230 -20.23 20.04 27.05
C HIS D 230 -21.49 20.10 27.87
N GLU D 231 -22.61 20.37 27.19
CA GLU D 231 -23.90 20.43 27.84
C GLU D 231 -24.66 19.13 27.63
N ILE D 232 -24.42 18.49 26.48
CA ILE D 232 -25.13 17.26 26.10
C ILE D 232 -24.14 16.18 25.63
N PHE D 233 -24.36 14.96 26.10
CA PHE D 233 -23.61 13.80 25.63
C PHE D 233 -24.59 12.76 25.12
N ASP D 234 -24.62 12.58 23.80
CA ASP D 234 -25.55 11.65 23.15
C ASP D 234 -24.88 10.86 22.05
N GLU D 235 -24.52 9.62 22.36
CA GLU D 235 -23.87 8.73 21.39
C GLU D 235 -24.84 8.24 20.29
N ASP D 236 -26.14 8.42 20.50
CA ASP D 236 -27.17 8.05 19.54
C ASP D 236 -27.61 9.18 18.60
N LEU D 237 -26.91 10.32 18.65
CA LEU D 237 -27.33 11.49 17.88
C LEU D 237 -27.46 11.25 16.37
N THR D 238 -26.45 10.65 15.75
CA THR D 238 -26.49 10.35 14.31
C THR D 238 -27.65 9.42 13.95
N ILE D 239 -27.80 8.35 14.71
CA ILE D 239 -28.90 7.39 14.53
C ILE D 239 -30.29 8.00 14.74
N LYS D 240 -30.41 8.88 15.74
CA LYS D 240 -31.65 9.66 15.95
C LYS D 240 -31.96 10.55 14.73
N GLY D 241 -30.92 11.13 14.15
CA GLY D 241 -31.05 11.95 12.95
C GLY D 241 -31.52 11.17 11.74
N VAL D 242 -31.02 9.93 11.62
CA VAL D 242 -31.43 9.00 10.57
C VAL D 242 -32.92 8.67 10.72
N TYR D 243 -33.36 8.46 11.97
CA TYR D 243 -34.76 8.15 12.26
C TYR D 243 -35.67 9.33 11.91
N HIS D 244 -35.38 10.50 12.47
CA HIS D 244 -36.19 11.71 12.23
C HIS D 244 -36.23 12.12 10.76
N PHE D 245 -35.08 12.07 10.07
CA PHE D 245 -35.04 12.36 8.64
C PHE D 245 -35.92 11.43 7.81
N CYS D 246 -35.83 10.12 8.08
CA CYS D 246 -36.51 9.12 7.27
C CYS D 246 -37.93 8.83 7.72
N PHE D 247 -38.13 8.75 9.03
CA PHE D 247 -39.38 8.22 9.58
C PHE D 247 -40.12 9.21 10.45
N GLY D 248 -39.62 10.45 10.47
CA GLY D 248 -40.40 11.59 10.92
C GLY D 248 -40.74 11.62 12.38
N MET E 1 17.92 41.28 -28.09
CA MET E 1 18.23 40.02 -27.34
C MET E 1 17.14 38.97 -27.49
N ASP E 2 17.54 37.70 -27.42
CA ASP E 2 16.65 36.57 -27.70
C ASP E 2 15.91 36.05 -26.47
N PRO E 3 14.66 35.62 -26.66
CA PRO E 3 13.92 35.06 -25.54
C PRO E 3 14.39 33.62 -25.27
N MET E 4 14.22 33.18 -24.02
CA MET E 4 14.40 31.78 -23.67
C MET E 4 13.31 31.44 -22.66
N TYR E 5 12.39 30.58 -23.08
CA TYR E 5 11.30 30.15 -22.22
C TYR E 5 11.47 28.71 -21.82
N LEU E 6 11.21 28.45 -20.53
CA LEU E 6 11.09 27.10 -20.02
C LEU E 6 9.61 26.76 -19.88
N LEU E 7 9.23 25.66 -20.51
CA LEU E 7 7.87 25.16 -20.50
C LEU E 7 7.86 23.86 -19.70
N VAL E 8 6.93 23.78 -18.75
CA VAL E 8 6.84 22.65 -17.83
C VAL E 8 5.45 22.00 -17.92
N ASP E 9 5.43 20.68 -18.08
CA ASP E 9 4.18 19.91 -18.12
C ASP E 9 4.29 18.84 -17.04
N VAL E 10 3.61 19.09 -15.92
CA VAL E 10 3.66 18.22 -14.76
C VAL E 10 2.52 17.21 -14.82
N GLY E 11 2.86 15.98 -15.20
CA GLY E 11 1.91 14.88 -15.24
C GLY E 11 2.04 14.02 -14.02
N ASN E 12 1.14 13.06 -13.88
CA ASN E 12 1.10 12.19 -12.69
C ASN E 12 2.33 11.26 -12.51
N THR E 13 2.94 10.83 -13.60
CA THR E 13 4.13 9.98 -13.50
C THR E 13 5.39 10.72 -13.93
N HIS E 14 5.32 11.40 -15.07
CA HIS E 14 6.45 12.18 -15.58
C HIS E 14 6.14 13.66 -15.72
N SER E 15 7.21 14.46 -15.75
CA SER E 15 7.12 15.88 -16.01
C SER E 15 8.04 16.26 -17.17
N VAL E 16 7.47 16.93 -18.17
CA VAL E 16 8.21 17.36 -19.36
C VAL E 16 8.72 18.78 -19.13
N PHE E 17 10.00 19.00 -19.45
CA PHE E 17 10.63 20.31 -19.38
C PHE E 17 11.14 20.66 -20.77
N SER E 18 10.75 21.82 -21.27
CA SER E 18 11.08 22.17 -22.65
C SER E 18 11.60 23.59 -22.81
N ILE E 19 12.62 23.73 -23.65
CA ILE E 19 13.31 24.99 -23.87
C ILE E 19 13.01 25.48 -25.29
N THR E 20 12.60 26.75 -25.41
CA THR E 20 12.30 27.36 -26.71
C THR E 20 12.65 28.85 -26.77
N GLU E 21 12.89 29.34 -27.99
CA GLU E 21 13.23 30.74 -28.20
C GLU E 21 12.07 31.49 -28.83
N ASP E 22 11.23 30.76 -29.55
CA ASP E 22 10.25 31.38 -30.45
C ASP E 22 8.88 30.71 -30.46
N GLY E 23 8.78 29.55 -29.83
CA GLY E 23 7.53 28.80 -29.79
C GLY E 23 7.28 28.04 -31.06
N LYS E 24 8.35 27.79 -31.81
CA LYS E 24 8.31 27.08 -33.09
C LYS E 24 9.17 25.83 -33.02
N THR E 25 10.30 25.96 -32.33
CA THR E 25 11.28 24.91 -32.18
C THR E 25 11.52 24.63 -30.70
N PHE E 26 11.58 23.35 -30.35
CA PHE E 26 11.66 22.91 -28.95
C PHE E 26 12.76 21.88 -28.72
N ARG E 27 13.55 22.09 -27.67
CA ARG E 27 14.32 21.01 -27.04
C ARG E 27 13.52 20.55 -25.86
N ARG E 28 13.48 19.24 -25.61
CA ARG E 28 12.72 18.73 -24.47
C ARG E 28 13.39 17.60 -23.69
N TRP E 29 13.11 17.60 -22.38
CA TRP E 29 13.55 16.55 -21.47
C TRP E 29 12.37 16.04 -20.66
N ARG E 30 12.56 14.89 -20.02
CA ARG E 30 11.50 14.24 -19.25
C ARG E 30 12.10 13.69 -17.97
N LEU E 31 11.44 13.93 -16.84
CA LEU E 31 11.85 13.35 -15.56
C LEU E 31 10.63 12.78 -14.86
N SER E 32 10.84 11.91 -13.86
CA SER E 32 9.72 11.48 -13.03
C SER E 32 9.20 12.65 -12.19
N THR E 33 7.89 12.69 -11.99
CA THR E 33 7.29 13.75 -11.17
C THR E 33 7.71 13.62 -9.69
N GLY E 34 7.46 12.47 -9.08
CA GLY E 34 8.05 12.17 -7.78
C GLY E 34 7.57 12.99 -6.59
N VAL E 35 6.96 12.30 -5.63
CA VAL E 35 6.57 12.91 -4.36
C VAL E 35 7.79 13.26 -3.53
N PHE E 36 7.64 14.27 -2.67
CA PHE E 36 8.69 14.72 -1.74
C PHE E 36 9.85 15.49 -2.40
N GLN E 37 9.83 15.61 -3.74
CA GLN E 37 10.88 16.32 -4.48
C GLN E 37 10.96 17.80 -4.15
N THR E 38 12.18 18.34 -4.12
CA THR E 38 12.40 19.73 -3.74
C THR E 38 12.85 20.55 -4.94
N GLU E 39 12.89 21.87 -4.78
CA GLU E 39 13.36 22.76 -5.84
C GLU E 39 14.84 22.54 -6.16
N ASP E 40 15.62 22.22 -5.12
CA ASP E 40 17.05 21.90 -5.27
C ASP E 40 17.25 20.59 -6.01
N GLU E 41 16.43 19.59 -5.68
CA GLU E 41 16.41 18.31 -6.38
C GLU E 41 16.10 18.50 -7.87
N LEU E 42 15.09 19.31 -8.14
CA LEU E 42 14.70 19.65 -9.50
C LEU E 42 15.82 20.35 -10.26
N PHE E 43 16.44 21.35 -9.64
CA PHE E 43 17.56 22.06 -10.27
C PHE E 43 18.70 21.11 -10.57
N SER E 44 18.99 20.26 -9.59
CA SER E 44 20.08 19.29 -9.66
C SER E 44 19.92 18.30 -10.82
N HIS E 45 18.68 17.90 -11.09
CA HIS E 45 18.37 17.00 -12.21
C HIS E 45 18.49 17.69 -13.58
N LEU E 46 17.98 18.92 -13.66
CA LEU E 46 17.99 19.69 -14.90
C LEU E 46 19.38 20.24 -15.29
N HIS E 47 20.25 20.43 -14.31
CA HIS E 47 21.57 21.06 -14.53
C HIS E 47 22.40 20.44 -15.69
N PRO E 48 22.72 19.13 -15.64
CA PRO E 48 23.47 18.57 -16.77
C PRO E 48 22.67 18.39 -18.08
N LEU E 49 21.36 18.62 -18.02
CA LEU E 49 20.49 18.50 -19.18
C LEU E 49 20.39 19.85 -19.92
N LEU E 50 20.03 20.91 -19.19
CA LEU E 50 19.88 22.24 -19.78
C LEU E 50 21.23 22.91 -20.06
N GLY E 51 22.26 22.52 -19.30
CA GLY E 51 23.60 23.06 -19.47
C GLY E 51 23.65 24.58 -19.42
N ASP E 52 24.23 25.18 -20.45
CA ASP E 52 24.40 26.62 -20.52
C ASP E 52 23.08 27.38 -20.66
N ALA E 53 22.09 26.76 -21.30
CA ALA E 53 20.76 27.35 -21.50
C ALA E 53 20.01 27.68 -20.21
N MET E 54 20.46 27.11 -19.10
CA MET E 54 19.86 27.34 -17.78
C MET E 54 19.87 28.82 -17.38
N ARG E 55 20.96 29.51 -17.68
CA ARG E 55 21.10 30.93 -17.31
C ARG E 55 20.45 31.88 -18.30
N GLU E 56 20.01 31.32 -19.43
CA GLU E 56 19.32 32.06 -20.48
C GLU E 56 17.82 32.19 -20.25
N ILE E 57 17.27 31.31 -19.40
CA ILE E 57 15.82 31.24 -19.18
C ILE E 57 15.28 32.55 -18.59
N LYS E 58 14.32 33.14 -19.31
CA LYS E 58 13.79 34.46 -18.99
C LYS E 58 12.34 34.40 -18.54
N GLY E 59 11.66 33.31 -18.86
CA GLY E 59 10.26 33.12 -18.47
C GLY E 59 9.93 31.66 -18.29
N ILE E 60 9.01 31.37 -17.37
CA ILE E 60 8.60 30.00 -17.11
C ILE E 60 7.07 29.86 -17.16
N GLY E 61 6.60 28.97 -18.03
CA GLY E 61 5.19 28.60 -18.11
C GLY E 61 4.98 27.15 -17.72
N VAL E 62 3.86 26.88 -17.04
CA VAL E 62 3.59 25.58 -16.41
C VAL E 62 2.14 25.13 -16.61
N ALA E 63 1.98 23.90 -17.11
CA ALA E 63 0.70 23.19 -17.00
C ALA E 63 0.92 22.04 -16.01
N SER E 64 0.03 21.92 -15.03
CA SER E 64 0.20 20.91 -13.98
C SER E 64 -1.11 20.26 -13.59
N VAL E 65 -1.10 18.92 -13.48
CA VAL E 65 -2.26 18.16 -12.97
C VAL E 65 -1.98 17.51 -11.61
N VAL E 66 -0.93 17.98 -10.94
CA VAL E 66 -0.53 17.49 -9.62
C VAL E 66 -0.34 18.69 -8.70
N PRO E 67 -1.44 19.16 -8.06
CA PRO E 67 -1.40 20.40 -7.25
C PRO E 67 -0.33 20.44 -6.16
N THR E 68 -0.02 19.30 -5.53
CA THR E 68 1.06 19.19 -4.55
C THR E 68 2.44 19.59 -5.10
N GLN E 69 2.68 19.37 -6.40
CA GLN E 69 3.96 19.71 -7.01
C GLN E 69 4.15 21.21 -7.27
N ASN E 70 3.04 21.96 -7.24
CA ASN E 70 3.02 23.36 -7.66
C ASN E 70 3.88 24.32 -6.84
N THR E 71 4.02 24.07 -5.54
CA THR E 71 4.86 24.90 -4.67
C THR E 71 6.35 24.63 -4.91
N VAL E 72 6.69 23.42 -5.35
CA VAL E 72 8.06 23.06 -5.73
C VAL E 72 8.50 23.83 -7.00
N ILE E 73 7.61 23.89 -7.98
CA ILE E 73 7.85 24.58 -9.23
C ILE E 73 7.95 26.11 -9.02
N GLU E 74 7.10 26.65 -8.15
CA GLU E 74 7.19 28.06 -7.77
C GLU E 74 8.53 28.36 -7.11
N ARG E 75 8.91 27.56 -6.11
CA ARG E 75 10.16 27.76 -5.37
C ARG E 75 11.40 27.55 -6.24
N PHE E 76 11.30 26.64 -7.20
CA PHE E 76 12.36 26.43 -8.19
C PHE E 76 12.53 27.68 -9.08
N SER E 77 11.41 28.23 -9.53
CA SER E 77 11.41 29.37 -10.45
C SER E 77 11.93 30.64 -9.78
N GLN E 78 11.48 30.86 -8.56
CA GLN E 78 11.90 32.03 -7.78
C GLN E 78 13.36 31.91 -7.35
N LYS E 79 13.75 30.76 -6.79
CA LYS E 79 15.09 30.59 -6.23
C LYS E 79 16.19 30.59 -7.28
N TYR E 80 15.94 29.90 -8.39
CA TYR E 80 16.99 29.69 -9.35
C TYR E 80 17.01 30.68 -10.52
N PHE E 81 15.91 31.39 -10.71
CA PHE E 81 15.75 32.26 -11.88
C PHE E 81 15.22 33.65 -11.53
N HIS E 82 14.69 33.79 -10.31
CA HIS E 82 13.93 34.98 -9.90
C HIS E 82 12.87 35.34 -10.94
N ILE E 83 12.07 34.31 -11.23
CA ILE E 83 11.00 34.36 -12.21
C ILE E 83 9.71 33.98 -11.48
N SER E 84 8.63 34.65 -11.82
CA SER E 84 7.32 34.20 -11.38
C SER E 84 6.71 33.39 -12.52
N PRO E 85 6.39 32.10 -12.27
CA PRO E 85 5.86 31.26 -13.36
C PRO E 85 4.45 31.70 -13.76
N ILE E 86 4.06 31.40 -14.98
CA ILE E 86 2.69 31.63 -15.42
C ILE E 86 2.00 30.28 -15.50
N TRP E 87 0.79 30.19 -14.95
CA TRP E 87 0.10 28.93 -14.77
C TRP E 87 -1.03 28.78 -15.77
N VAL E 88 -1.00 27.67 -16.50
CA VAL E 88 -2.04 27.37 -17.48
C VAL E 88 -3.31 26.92 -16.74
N LYS E 89 -4.42 27.55 -17.09
CA LYS E 89 -5.77 27.16 -16.67
C LYS E 89 -6.78 27.68 -17.69
N ALA E 90 -8.04 27.32 -17.51
CA ALA E 90 -9.09 27.71 -18.46
C ALA E 90 -9.50 29.16 -18.25
N LYS E 91 -9.35 29.95 -19.32
CA LYS E 91 -9.56 31.39 -19.30
C LYS E 91 -10.51 31.85 -20.41
N ASN E 92 -11.36 32.81 -20.10
CA ASN E 92 -12.21 33.48 -21.09
C ASN E 92 -11.41 34.51 -21.87
N GLY E 93 -11.50 34.42 -23.20
CA GLY E 93 -10.71 35.24 -24.14
C GLY E 93 -9.83 34.32 -24.94
N CYS E 94 -9.67 33.11 -24.42
CA CYS E 94 -8.76 32.12 -24.96
C CYS E 94 -9.51 30.80 -24.97
N VAL E 95 -10.15 30.48 -26.10
CA VAL E 95 -11.04 29.32 -26.24
C VAL E 95 -12.33 29.54 -25.42
N LYS E 96 -13.47 29.22 -26.01
CA LYS E 96 -14.73 29.19 -25.26
C LYS E 96 -14.84 27.85 -24.54
N TRP E 97 -15.07 27.90 -23.24
CA TRP E 97 -15.10 26.70 -22.40
C TRP E 97 -16.53 26.26 -22.07
N ASN E 98 -17.16 25.59 -23.04
CA ASN E 98 -18.55 25.14 -22.94
C ASN E 98 -18.71 23.86 -22.11
N VAL E 99 -18.27 23.94 -20.86
CA VAL E 99 -18.40 22.83 -19.90
C VAL E 99 -18.93 23.37 -18.57
N LYS E 100 -19.43 22.48 -17.72
CA LYS E 100 -20.06 22.87 -16.44
C LYS E 100 -19.12 23.68 -15.52
N ASN E 101 -17.86 23.28 -15.45
CA ASN E 101 -16.87 23.96 -14.60
C ASN E 101 -15.49 23.95 -15.25
N PRO E 102 -15.20 24.97 -16.08
CA PRO E 102 -13.91 25.12 -16.73
C PRO E 102 -12.72 25.01 -15.78
N SER E 103 -12.88 25.47 -14.53
CA SER E 103 -11.79 25.50 -13.57
C SER E 103 -11.29 24.09 -13.19
N GLU E 104 -12.12 23.07 -13.41
CA GLU E 104 -11.74 21.69 -13.07
C GLU E 104 -11.11 20.90 -14.25
N VAL E 105 -11.19 21.44 -15.45
CA VAL E 105 -10.53 20.84 -16.61
C VAL E 105 -9.03 20.82 -16.37
N GLY E 106 -8.41 19.67 -16.63
CA GLY E 106 -6.97 19.50 -16.41
C GLY E 106 -6.16 20.48 -17.22
N ALA E 107 -5.13 21.05 -16.60
CA ALA E 107 -4.29 22.05 -17.25
C ALA E 107 -3.54 21.52 -18.49
N ASP E 108 -3.32 20.20 -18.54
CA ASP E 108 -2.76 19.59 -19.75
C ASP E 108 -3.75 19.65 -20.92
N ARG E 109 -5.01 19.41 -20.63
CA ARG E 109 -6.09 19.43 -21.62
C ARG E 109 -6.32 20.86 -22.11
N VAL E 110 -6.31 21.81 -21.17
CA VAL E 110 -6.35 23.22 -21.52
C VAL E 110 -5.26 23.56 -22.56
N ALA E 111 -4.02 23.14 -22.27
CA ALA E 111 -2.85 23.38 -23.12
C ALA E 111 -3.02 22.78 -24.52
N ASN E 112 -3.35 21.49 -24.57
CA ASN E 112 -3.69 20.82 -25.83
C ASN E 112 -4.68 21.58 -26.71
N VAL E 113 -5.76 22.05 -26.09
CA VAL E 113 -6.85 22.73 -26.79
C VAL E 113 -6.43 24.10 -27.31
N VAL E 114 -5.70 24.85 -26.48
CA VAL E 114 -5.10 26.13 -26.85
C VAL E 114 -4.15 25.97 -28.04
N ALA E 115 -3.20 25.02 -27.93
CA ALA E 115 -2.29 24.75 -29.05
C ALA E 115 -3.03 24.33 -30.31
N PHE E 116 -4.11 23.57 -30.17
CA PHE E 116 -4.82 23.09 -31.34
C PHE E 116 -5.50 24.20 -32.12
N VAL E 117 -6.21 25.07 -31.41
CA VAL E 117 -6.91 26.22 -31.99
C VAL E 117 -5.90 27.19 -32.63
N LYS E 118 -4.76 27.37 -31.98
CA LYS E 118 -3.75 28.30 -32.44
C LYS E 118 -2.98 27.77 -33.66
N GLU E 119 -2.74 26.45 -33.70
CA GLU E 119 -1.91 25.89 -34.75
C GLU E 119 -2.64 25.12 -35.85
N TYR E 120 -3.79 24.53 -35.53
CA TYR E 120 -4.36 23.56 -36.46
C TYR E 120 -5.74 23.90 -37.00
N GLY E 121 -6.58 24.53 -36.18
CA GLY E 121 -7.92 24.91 -36.61
C GLY E 121 -8.89 25.04 -35.44
N LYS E 122 -10.15 25.38 -35.74
CA LYS E 122 -11.16 25.59 -34.72
C LYS E 122 -12.02 24.33 -34.49
N ASN E 123 -11.75 23.29 -35.26
CA ASN E 123 -12.51 22.04 -35.17
C ASN E 123 -11.60 20.81 -35.07
N GLY E 124 -11.74 20.05 -33.99
CA GLY E 124 -10.91 18.88 -33.80
C GLY E 124 -11.23 17.97 -32.64
N ILE E 125 -10.68 16.77 -32.72
CA ILE E 125 -10.66 15.81 -31.63
C ILE E 125 -9.21 15.58 -31.25
N ILE E 126 -8.88 15.86 -29.99
CA ILE E 126 -7.55 15.59 -29.43
C ILE E 126 -7.58 14.32 -28.58
N ILE E 127 -6.68 13.39 -28.89
CA ILE E 127 -6.46 12.18 -28.10
C ILE E 127 -5.05 12.20 -27.50
N ASP E 128 -4.99 12.34 -26.18
CA ASP E 128 -3.73 12.44 -25.45
C ASP E 128 -3.53 11.18 -24.62
N MET E 129 -2.49 10.42 -24.95
CA MET E 129 -2.25 9.12 -24.32
C MET E 129 -1.09 9.15 -23.35
N GLY E 130 -1.40 9.41 -22.08
CA GLY E 130 -0.43 9.40 -20.99
C GLY E 130 -0.86 8.46 -19.89
N THR E 131 -0.70 8.89 -18.65
CA THR E 131 -1.15 8.13 -17.47
C THR E 131 -2.62 7.78 -17.63
N ALA E 132 -3.45 8.79 -17.84
CA ALA E 132 -4.80 8.60 -18.33
C ALA E 132 -4.81 8.96 -19.81
N THR E 133 -5.76 8.40 -20.55
CA THR E 133 -5.97 8.76 -21.93
C THR E 133 -7.20 9.66 -22.03
N THR E 134 -6.99 10.87 -22.57
CA THR E 134 -8.06 11.84 -22.67
C THR E 134 -8.49 12.08 -24.12
N VAL E 135 -9.78 12.34 -24.28
CA VAL E 135 -10.37 12.76 -25.54
C VAL E 135 -10.93 14.15 -25.30
N ASP E 136 -10.54 15.11 -26.14
CA ASP E 136 -11.06 16.47 -26.03
C ASP E 136 -11.67 16.93 -27.35
N LEU E 137 -12.88 17.46 -27.26
CA LEU E 137 -13.62 17.93 -28.43
C LEU E 137 -13.60 19.46 -28.56
N VAL E 138 -13.10 19.94 -29.70
CA VAL E 138 -13.14 21.36 -30.05
C VAL E 138 -14.02 21.56 -31.28
N VAL E 139 -15.04 22.41 -31.14
CA VAL E 139 -15.98 22.67 -32.24
C VAL E 139 -16.19 24.16 -32.40
N ASN E 140 -15.72 24.69 -33.52
CA ASN E 140 -15.83 26.11 -33.83
C ASN E 140 -15.25 27.03 -32.76
N GLY E 141 -14.06 26.65 -32.31
CA GLY E 141 -13.32 27.39 -31.29
C GLY E 141 -13.83 27.13 -29.88
N SER E 142 -14.85 26.30 -29.76
CA SER E 142 -15.43 25.98 -28.45
C SER E 142 -15.08 24.57 -27.96
N TYR E 143 -14.60 24.50 -26.73
CA TYR E 143 -14.31 23.24 -26.05
C TYR E 143 -15.61 22.66 -25.52
N GLU E 144 -15.98 21.49 -26.03
CA GLU E 144 -17.25 20.87 -25.71
C GLU E 144 -17.17 19.84 -24.57
N GLY E 145 -15.95 19.44 -24.23
CA GLY E 145 -15.75 18.39 -23.24
C GLY E 145 -15.06 17.18 -23.84
N GLY E 146 -15.29 16.01 -23.26
CA GLY E 146 -14.71 14.79 -23.80
C GLY E 146 -14.86 13.57 -22.92
N ALA E 147 -13.78 12.79 -22.84
CA ALA E 147 -13.76 11.53 -22.15
C ALA E 147 -12.41 11.31 -21.49
N ILE E 148 -12.42 10.54 -20.40
CA ILE E 148 -11.22 10.12 -19.71
C ILE E 148 -11.23 8.60 -19.58
N LEU E 149 -10.14 7.97 -20.02
CA LEU E 149 -9.95 6.55 -19.76
C LEU E 149 -8.57 6.24 -19.16
N PRO E 150 -8.45 5.09 -18.48
CA PRO E 150 -7.12 4.69 -18.02
C PRO E 150 -6.13 4.58 -19.20
N GLY E 151 -4.89 4.99 -18.96
CA GLY E 151 -3.82 4.76 -19.93
C GLY E 151 -3.53 3.28 -20.09
N PHE E 152 -2.77 2.94 -21.13
CA PHE E 152 -2.37 1.55 -21.38
C PHE E 152 -1.69 0.89 -20.20
N PHE E 153 -0.66 1.56 -19.65
CA PHE E 153 0.09 0.99 -18.53
C PHE E 153 -0.77 0.90 -17.28
N MET E 154 -1.54 1.95 -17.00
CA MET E 154 -2.51 1.96 -15.91
C MET E 154 -3.41 0.73 -15.97
N MET E 155 -3.80 0.35 -17.19
CA MET E 155 -4.67 -0.81 -17.42
C MET E 155 -3.99 -2.15 -17.15
N VAL E 156 -2.78 -2.34 -17.68
CA VAL E 156 -2.06 -3.61 -17.46
C VAL E 156 -1.61 -3.76 -16.00
N HIS E 157 -1.27 -2.63 -15.38
CA HIS E 157 -0.92 -2.60 -13.97
C HIS E 157 -2.08 -2.95 -13.02
N SER E 158 -3.26 -2.38 -13.29
CA SER E 158 -4.47 -2.67 -12.53
C SER E 158 -4.89 -4.14 -12.64
N LEU E 159 -4.62 -4.75 -13.79
CA LEU E 159 -4.89 -6.17 -13.97
C LEU E 159 -3.90 -7.02 -13.16
N PHE E 160 -2.64 -6.62 -13.19
CA PHE E 160 -1.60 -7.26 -12.39
C PHE E 160 -1.91 -7.16 -10.89
N ARG E 161 -2.18 -5.96 -10.40
CA ARG E 161 -2.37 -5.76 -8.97
C ARG E 161 -3.73 -6.22 -8.44
N GLY E 162 -4.76 -6.15 -9.29
CA GLY E 162 -6.13 -6.45 -8.89
C GLY E 162 -6.57 -7.90 -9.00
N THR E 163 -5.64 -8.78 -9.39
CA THR E 163 -5.93 -10.21 -9.49
C THR E 163 -4.80 -11.06 -8.92
N ALA E 164 -5.11 -12.30 -8.60
CA ALA E 164 -4.09 -13.22 -8.08
C ALA E 164 -3.16 -13.77 -9.17
N LYS E 165 -3.72 -14.05 -10.34
CA LYS E 165 -3.04 -14.88 -11.34
C LYS E 165 -2.37 -14.13 -12.48
N LEU E 166 -2.79 -12.89 -12.73
CA LEU E 166 -2.34 -12.18 -13.92
C LEU E 166 -0.95 -11.56 -13.74
N PRO E 167 -0.08 -11.71 -14.76
CA PRO E 167 1.25 -11.12 -14.70
C PRO E 167 1.19 -9.65 -15.11
N LEU E 168 2.29 -8.92 -14.98
CA LEU E 168 2.37 -7.59 -15.53
C LEU E 168 2.81 -7.72 -16.99
N VAL E 169 1.93 -7.32 -17.91
CA VAL E 169 2.17 -7.52 -19.34
C VAL E 169 2.72 -6.23 -19.96
N GLU E 170 3.64 -6.37 -20.90
CA GLU E 170 4.21 -5.23 -21.63
C GLU E 170 3.20 -4.67 -22.63
N VAL E 171 3.16 -3.35 -22.74
CA VAL E 171 2.23 -2.68 -23.62
C VAL E 171 2.71 -2.81 -25.07
N LYS E 172 1.99 -3.64 -25.82
CA LYS E 172 2.33 -3.97 -27.19
C LYS E 172 1.03 -4.39 -27.86
N PRO E 173 0.74 -3.85 -29.05
CA PRO E 173 -0.44 -4.26 -29.83
C PRO E 173 -0.48 -5.76 -30.12
N ALA E 174 -1.70 -6.29 -30.20
CA ALA E 174 -1.94 -7.65 -30.64
C ALA E 174 -2.06 -7.67 -32.17
N ASP E 175 -1.47 -8.69 -32.80
CA ASP E 175 -1.61 -8.90 -34.25
C ASP E 175 -2.31 -10.23 -34.50
N PHE E 176 -3.36 -10.48 -33.73
CA PHE E 176 -4.14 -11.72 -33.79
C PHE E 176 -5.57 -11.42 -33.36
N VAL E 177 -6.49 -12.29 -33.76
CA VAL E 177 -7.91 -12.14 -33.52
C VAL E 177 -8.27 -12.47 -32.06
N VAL E 178 -7.62 -13.53 -31.54
CA VAL E 178 -7.77 -13.95 -30.14
C VAL E 178 -6.40 -14.30 -29.57
N GLY E 179 -6.18 -13.95 -28.30
CA GLY E 179 -4.96 -14.35 -27.61
C GLY E 179 -4.85 -15.84 -27.37
N LYS E 180 -3.65 -16.38 -27.59
CA LYS E 180 -3.39 -17.82 -27.42
C LYS E 180 -2.73 -18.13 -26.08
N ASP E 181 -2.35 -17.09 -25.35
CA ASP E 181 -1.88 -17.23 -23.98
C ASP E 181 -2.30 -16.00 -23.18
N THR E 182 -2.01 -16.00 -21.89
CA THR E 182 -2.47 -14.95 -20.97
C THR E 182 -1.96 -13.56 -21.35
N GLU E 183 -0.67 -13.46 -21.62
CA GLU E 183 -0.05 -12.21 -22.05
C GLU E 183 -0.70 -11.64 -23.34
N GLU E 184 -0.96 -12.52 -24.31
CA GLU E 184 -1.66 -12.16 -25.55
C GLU E 184 -3.09 -11.69 -25.29
N ASN E 185 -3.77 -12.34 -24.34
CA ASN E 185 -5.13 -11.96 -23.95
C ASN E 185 -5.21 -10.52 -23.47
N ILE E 186 -4.28 -10.16 -22.60
CA ILE E 186 -4.21 -8.84 -22.01
C ILE E 186 -3.81 -7.77 -23.04
N ARG E 187 -2.85 -8.10 -23.90
CA ARG E 187 -2.46 -7.17 -24.98
C ARG E 187 -3.65 -6.83 -25.89
N LEU E 188 -4.38 -7.86 -26.31
CA LEU E 188 -5.58 -7.65 -27.13
C LEU E 188 -6.65 -6.84 -26.40
N GLY E 189 -6.90 -7.17 -25.13
CA GLY E 189 -7.91 -6.49 -24.34
C GLY E 189 -7.59 -5.04 -24.03
N VAL E 190 -6.35 -4.76 -23.61
CA VAL E 190 -5.93 -3.43 -23.17
C VAL E 190 -5.50 -2.52 -24.33
N VAL E 191 -4.67 -3.03 -25.23
CA VAL E 191 -4.11 -2.18 -26.27
C VAL E 191 -5.12 -1.99 -27.40
N ASN E 192 -5.48 -3.09 -28.06
CA ASN E 192 -6.43 -3.07 -29.15
C ASN E 192 -7.81 -2.66 -28.65
N GLY E 193 -8.14 -3.09 -27.43
CA GLY E 193 -9.39 -2.70 -26.79
C GLY E 193 -9.52 -1.19 -26.61
N SER E 194 -8.45 -0.56 -26.13
CA SER E 194 -8.43 0.89 -25.93
C SER E 194 -8.53 1.65 -27.25
N VAL E 195 -7.86 1.16 -28.28
CA VAL E 195 -8.01 1.70 -29.64
C VAL E 195 -9.49 1.65 -30.05
N TYR E 196 -10.14 0.49 -29.85
CA TYR E 196 -11.57 0.33 -30.15
C TYR E 196 -12.45 1.26 -29.30
N ALA E 197 -12.15 1.34 -28.01
CA ALA E 197 -12.82 2.29 -27.09
C ALA E 197 -12.77 3.71 -27.66
N LEU E 198 -11.55 4.14 -28.00
CA LEU E 198 -11.31 5.45 -28.61
C LEU E 198 -12.00 5.65 -29.97
N GLU E 199 -11.91 4.65 -30.85
CA GLU E 199 -12.55 4.70 -32.17
C GLU E 199 -14.07 4.83 -32.08
N GLY E 200 -14.66 4.15 -31.10
CA GLY E 200 -16.11 4.18 -30.87
C GLY E 200 -16.60 5.52 -30.36
N ILE E 201 -15.83 6.08 -29.43
CA ILE E 201 -16.10 7.40 -28.84
C ILE E 201 -16.01 8.47 -29.92
N ILE E 202 -14.92 8.43 -30.69
CA ILE E 202 -14.68 9.32 -31.83
C ILE E 202 -15.76 9.21 -32.91
N GLY E 203 -16.19 7.98 -33.18
CA GLY E 203 -17.21 7.72 -34.20
C GLY E 203 -18.55 8.32 -33.83
N ARG E 204 -18.88 8.23 -32.55
CA ARG E 204 -20.12 8.81 -32.02
C ARG E 204 -20.05 10.34 -32.02
N ILE E 205 -18.89 10.91 -31.71
CA ILE E 205 -18.67 12.35 -31.84
C ILE E 205 -18.95 12.83 -33.26
N LYS E 206 -18.36 12.16 -34.24
CA LYS E 206 -18.50 12.50 -35.65
C LYS E 206 -19.94 12.36 -36.18
N GLU E 207 -20.70 11.42 -35.63
CA GLU E 207 -22.13 11.27 -35.97
C GLU E 207 -22.93 12.56 -35.70
N VAL E 208 -22.62 13.19 -34.58
CA VAL E 208 -23.33 14.38 -34.10
C VAL E 208 -22.74 15.66 -34.73
N TYR E 209 -21.41 15.76 -34.71
CA TYR E 209 -20.71 17.00 -35.06
C TYR E 209 -20.14 16.99 -36.48
N GLY E 210 -20.27 15.87 -37.18
CA GLY E 210 -19.69 15.71 -38.50
C GLY E 210 -18.22 15.35 -38.42
N ASP E 211 -17.63 15.05 -39.57
CA ASP E 211 -16.22 14.68 -39.65
C ASP E 211 -15.32 15.81 -39.13
N LEU E 212 -14.38 15.42 -38.28
CA LEU E 212 -13.45 16.34 -37.65
C LEU E 212 -12.08 15.72 -37.71
N PRO E 213 -11.03 16.55 -37.88
CA PRO E 213 -9.67 16.00 -37.82
C PRO E 213 -9.33 15.48 -36.43
N VAL E 214 -8.56 14.40 -36.39
CA VAL E 214 -8.09 13.82 -35.14
C VAL E 214 -6.59 14.07 -34.99
N VAL E 215 -6.19 14.63 -33.84
CA VAL E 215 -4.78 14.75 -33.48
C VAL E 215 -4.40 13.77 -32.35
N LEU E 216 -3.27 13.08 -32.52
CA LEU E 216 -2.73 12.18 -31.53
C LEU E 216 -1.52 12.80 -30.87
N THR E 217 -1.50 12.74 -29.54
CA THR E 217 -0.36 13.19 -28.74
C THR E 217 -0.23 12.33 -27.48
N GLY E 218 0.76 12.63 -26.65
CA GLY E 218 1.04 11.84 -25.44
C GLY E 218 2.15 10.83 -25.63
N GLY E 219 2.87 10.56 -24.56
CA GLY E 219 3.98 9.61 -24.56
C GLY E 219 3.62 8.21 -25.05
N GLN E 220 2.40 7.76 -24.74
CA GLN E 220 1.95 6.40 -25.09
C GLN E 220 1.32 6.30 -26.48
N SER E 221 1.27 7.39 -27.23
CA SER E 221 0.59 7.42 -28.53
C SER E 221 1.33 6.75 -29.69
N LYS E 222 2.66 6.76 -29.62
CA LYS E 222 3.52 6.27 -30.70
C LYS E 222 3.35 4.78 -31.00
N ILE E 223 3.11 3.98 -29.97
CA ILE E 223 2.98 2.52 -30.10
C ILE E 223 1.66 2.11 -30.76
N VAL E 224 0.74 3.06 -30.88
CA VAL E 224 -0.61 2.81 -31.34
C VAL E 224 -0.96 3.68 -32.57
N LYS E 225 0.04 4.45 -33.00
CA LYS E 225 -0.06 5.42 -34.12
C LYS E 225 -0.70 4.87 -35.40
N ASP E 226 -0.28 3.67 -35.80
CA ASP E 226 -0.74 3.03 -37.04
C ASP E 226 -2.08 2.32 -36.94
N MET E 227 -2.68 2.34 -35.76
CA MET E 227 -3.94 1.64 -35.49
C MET E 227 -5.14 2.56 -35.41
N ILE E 228 -4.89 3.84 -35.15
CA ILE E 228 -5.96 4.83 -35.04
C ILE E 228 -5.83 5.82 -36.19
N LYS E 229 -6.91 5.94 -36.98
CA LYS E 229 -6.99 6.95 -38.02
C LYS E 229 -6.89 8.35 -37.41
N HIS E 230 -5.94 9.11 -37.91
CA HIS E 230 -5.68 10.46 -37.42
C HIS E 230 -5.06 11.28 -38.53
N GLU E 231 -5.28 12.59 -38.50
CA GLU E 231 -4.78 13.48 -39.53
C GLU E 231 -3.50 14.17 -39.07
N ILE E 232 -3.33 14.28 -37.75
CA ILE E 232 -2.20 14.99 -37.13
C ILE E 232 -1.62 14.18 -35.97
N PHE E 233 -0.29 14.06 -35.97
CA PHE E 233 0.45 13.46 -34.88
C PHE E 233 1.46 14.49 -34.35
N ASP E 234 1.30 14.91 -33.10
CA ASP E 234 2.13 15.99 -32.54
C ASP E 234 2.43 15.82 -31.05
N GLU E 235 3.55 15.19 -30.75
CA GLU E 235 3.97 14.94 -29.35
C GLU E 235 4.29 16.21 -28.57
N ASP E 236 4.49 17.32 -29.29
CA ASP E 236 4.80 18.61 -28.68
C ASP E 236 3.56 19.46 -28.40
N LEU E 237 2.38 18.89 -28.59
CA LEU E 237 1.14 19.66 -28.53
C LEU E 237 0.95 20.34 -27.18
N THR E 238 1.15 19.61 -26.08
CA THR E 238 0.97 20.14 -24.74
C THR E 238 1.92 21.32 -24.42
N ILE E 239 3.22 21.11 -24.62
CA ILE E 239 4.21 22.19 -24.44
C ILE E 239 3.99 23.37 -25.39
N LYS E 240 3.55 23.10 -26.63
CA LYS E 240 3.11 24.18 -27.53
C LYS E 240 2.02 25.02 -26.88
N GLY E 241 1.04 24.34 -26.28
CA GLY E 241 -0.10 24.97 -25.60
C GLY E 241 0.31 25.83 -24.43
N VAL E 242 1.31 25.35 -23.68
CA VAL E 242 1.90 26.08 -22.56
C VAL E 242 2.55 27.37 -23.06
N TYR E 243 3.34 27.27 -24.13
CA TYR E 243 3.95 28.43 -24.77
C TYR E 243 2.90 29.46 -25.25
N HIS E 244 1.89 28.99 -25.98
CA HIS E 244 0.86 29.87 -26.52
C HIS E 244 0.08 30.57 -25.42
N PHE E 245 -0.40 29.79 -24.45
CA PHE E 245 -1.15 30.34 -23.33
C PHE E 245 -0.34 31.40 -22.58
N CYS E 246 0.91 31.10 -22.27
CA CYS E 246 1.71 31.96 -21.39
C CYS E 246 2.43 33.11 -22.12
N PHE E 247 2.87 32.86 -23.34
CA PHE E 247 3.84 33.75 -23.99
C PHE E 247 3.44 34.16 -25.41
N GLY E 248 2.50 33.45 -25.99
CA GLY E 248 2.06 33.72 -27.36
C GLY E 248 1.03 34.83 -27.39
N MET F 1 -32.83 -40.13 -6.46
CA MET F 1 -33.22 -39.03 -5.52
C MET F 1 -32.67 -37.66 -5.96
N ASP F 2 -32.82 -36.66 -5.09
CA ASP F 2 -32.28 -35.32 -5.33
C ASP F 2 -31.09 -35.08 -4.38
N PRO F 3 -29.85 -35.31 -4.86
CA PRO F 3 -28.67 -34.97 -4.05
C PRO F 3 -28.27 -33.50 -4.19
N MET F 4 -28.23 -32.76 -3.07
CA MET F 4 -27.87 -31.33 -3.10
C MET F 4 -26.36 -31.13 -3.25
N TYR F 5 -25.97 -30.54 -4.39
CA TYR F 5 -24.57 -30.24 -4.68
C TYR F 5 -24.25 -28.80 -4.36
N LEU F 6 -23.08 -28.56 -3.78
CA LEU F 6 -22.61 -27.20 -3.52
C LEU F 6 -21.60 -26.78 -4.59
N LEU F 7 -21.87 -25.66 -5.22
CA LEU F 7 -21.05 -25.17 -6.31
C LEU F 7 -20.39 -23.88 -5.88
N VAL F 8 -19.08 -23.80 -6.08
CA VAL F 8 -18.26 -22.69 -5.61
C VAL F 8 -17.46 -22.03 -6.76
N ASP F 9 -17.60 -20.71 -6.87
CA ASP F 9 -16.85 -19.92 -7.85
C ASP F 9 -16.09 -18.85 -7.09
N VAL F 10 -14.80 -19.09 -6.88
CA VAL F 10 -13.95 -18.17 -6.14
C VAL F 10 -13.33 -17.14 -7.09
N GLY F 11 -13.84 -15.90 -7.04
CA GLY F 11 -13.32 -14.79 -7.82
C GLY F 11 -12.37 -13.96 -6.98
N ASN F 12 -11.69 -13.00 -7.59
CA ASN F 12 -10.73 -12.16 -6.88
C ASN F 12 -11.38 -11.23 -5.85
N THR F 13 -12.60 -10.79 -6.13
CA THR F 13 -13.35 -9.94 -5.21
C THR F 13 -14.37 -10.73 -4.41
N HIS F 14 -15.25 -11.46 -5.11
CA HIS F 14 -16.31 -12.23 -4.47
C HIS F 14 -16.29 -13.69 -4.87
N SER F 15 -16.87 -14.51 -3.99
CA SER F 15 -17.06 -15.92 -4.23
C SER F 15 -18.56 -16.19 -4.25
N VAL F 16 -19.02 -16.92 -5.28
CA VAL F 16 -20.42 -17.31 -5.39
C VAL F 16 -20.57 -18.74 -4.88
N PHE F 17 -21.58 -18.95 -4.04
CA PHE F 17 -21.88 -20.25 -3.48
C PHE F 17 -23.29 -20.60 -3.90
N SER F 18 -23.43 -21.71 -4.62
CA SER F 18 -24.73 -22.10 -5.14
C SER F 18 -25.07 -23.54 -4.82
N ILE F 19 -26.36 -23.81 -4.59
CA ILE F 19 -26.81 -25.18 -4.36
C ILE F 19 -27.85 -25.59 -5.39
N THR F 20 -27.70 -26.82 -5.87
CA THR F 20 -28.59 -27.37 -6.87
C THR F 20 -28.78 -28.87 -6.62
N GLU F 21 -29.92 -29.39 -7.05
CA GLU F 21 -30.18 -30.82 -6.97
C GLU F 21 -29.95 -31.46 -8.34
N ASP F 22 -30.45 -30.79 -9.37
CA ASP F 22 -30.54 -31.35 -10.71
C ASP F 22 -29.57 -30.71 -11.70
N GLY F 23 -29.03 -29.56 -11.33
CA GLY F 23 -28.21 -28.76 -12.23
C GLY F 23 -29.05 -27.99 -13.23
N LYS F 24 -30.33 -27.85 -12.92
CA LYS F 24 -31.28 -27.06 -13.72
C LYS F 24 -31.71 -25.82 -12.96
N THR F 25 -32.05 -26.03 -11.69
CA THR F 25 -32.47 -24.96 -10.79
C THR F 25 -31.35 -24.67 -9.77
N PHE F 26 -31.00 -23.40 -9.62
CA PHE F 26 -29.93 -22.98 -8.73
C PHE F 26 -30.38 -21.96 -7.71
N ARG F 27 -29.98 -22.17 -6.46
CA ARG F 27 -30.11 -21.21 -5.37
C ARG F 27 -28.70 -20.69 -5.11
N ARG F 28 -28.50 -19.38 -5.19
CA ARG F 28 -27.14 -18.82 -5.07
C ARG F 28 -26.94 -17.70 -4.04
N TRP F 29 -25.75 -17.67 -3.45
CA TRP F 29 -25.30 -16.62 -2.53
C TRP F 29 -23.92 -16.12 -2.92
N ARG F 30 -23.60 -14.90 -2.50
CA ARG F 30 -22.33 -14.27 -2.80
C ARG F 30 -21.73 -13.70 -1.52
N LEU F 31 -20.43 -13.92 -1.34
CA LEU F 31 -19.68 -13.37 -0.21
C LEU F 31 -18.40 -12.75 -0.75
N SER F 32 -17.76 -11.88 0.01
CA SER F 32 -16.43 -11.44 -0.37
C SER F 32 -15.48 -12.63 -0.29
N THR F 33 -14.49 -12.64 -1.17
CA THR F 33 -13.45 -13.67 -1.16
C THR F 33 -12.57 -13.53 0.09
N GLY F 34 -11.99 -12.36 0.30
CA GLY F 34 -11.36 -12.09 1.58
C GLY F 34 -10.08 -12.86 1.91
N VAL F 35 -9.00 -12.11 1.98
CA VAL F 35 -7.70 -12.65 2.34
C VAL F 35 -7.67 -12.96 3.85
N PHE F 36 -6.99 -14.04 4.24
CA PHE F 36 -6.85 -14.50 5.64
C PHE F 36 -8.03 -15.31 6.19
N GLN F 37 -9.13 -15.39 5.45
CA GLN F 37 -10.34 -16.10 5.88
C GLN F 37 -10.07 -17.60 6.14
N THR F 38 -10.77 -18.17 7.11
CA THR F 38 -10.60 -19.56 7.50
C THR F 38 -11.82 -20.39 7.13
N GLU F 39 -11.73 -21.70 7.33
CA GLU F 39 -12.82 -22.63 7.07
C GLU F 39 -13.99 -22.47 8.06
N ASP F 40 -13.65 -22.15 9.30
CA ASP F 40 -14.65 -21.89 10.34
C ASP F 40 -15.42 -20.62 10.02
N GLU F 41 -14.70 -19.62 9.50
CA GLU F 41 -15.28 -18.35 9.10
C GLU F 41 -16.23 -18.52 7.89
N LEU F 42 -15.79 -19.32 6.92
CA LEU F 42 -16.61 -19.63 5.75
C LEU F 42 -17.90 -20.35 6.16
N PHE F 43 -17.78 -21.33 7.05
CA PHE F 43 -18.94 -22.01 7.62
C PHE F 43 -19.86 -21.04 8.34
N SER F 44 -19.27 -20.15 9.14
CA SER F 44 -20.03 -19.20 9.94
C SER F 44 -20.81 -18.18 9.08
N HIS F 45 -20.22 -17.75 7.96
CA HIS F 45 -20.92 -16.90 6.99
C HIS F 45 -22.08 -17.66 6.33
N LEU F 46 -21.81 -18.88 5.89
CA LEU F 46 -22.75 -19.70 5.14
C LEU F 46 -23.92 -20.27 5.95
N HIS F 47 -23.67 -20.53 7.23
CA HIS F 47 -24.67 -21.14 8.14
C HIS F 47 -26.09 -20.53 8.10
N PRO F 48 -26.24 -19.20 8.33
CA PRO F 48 -27.57 -18.61 8.27
C PRO F 48 -28.08 -18.34 6.84
N LEU F 49 -27.27 -18.67 5.84
CA LEU F 49 -27.66 -18.48 4.46
C LEU F 49 -28.23 -19.76 3.87
N LEU F 50 -27.50 -20.87 4.03
CA LEU F 50 -27.95 -22.16 3.53
C LEU F 50 -29.01 -22.79 4.43
N GLY F 51 -28.97 -22.48 5.72
CA GLY F 51 -29.87 -23.06 6.70
C GLY F 51 -29.70 -24.57 6.75
N ASP F 52 -30.84 -25.28 6.76
CA ASP F 52 -30.85 -26.75 6.85
C ASP F 52 -30.21 -27.45 5.64
N ALA F 53 -30.27 -26.81 4.47
CA ALA F 53 -29.65 -27.35 3.25
C ALA F 53 -28.19 -27.75 3.44
N MET F 54 -27.53 -27.14 4.43
CA MET F 54 -26.14 -27.41 4.79
C MET F 54 -25.87 -28.88 5.09
N ARG F 55 -26.86 -29.57 5.65
CA ARG F 55 -26.66 -30.96 6.06
C ARG F 55 -27.01 -31.94 4.94
N GLU F 56 -27.54 -31.42 3.84
CA GLU F 56 -27.90 -32.25 2.68
C GLU F 56 -26.79 -32.35 1.61
N ILE F 57 -25.70 -31.62 1.80
CA ILE F 57 -24.62 -31.51 0.78
C ILE F 57 -23.90 -32.84 0.51
N LYS F 58 -23.92 -33.26 -0.75
CA LYS F 58 -23.36 -34.55 -1.18
C LYS F 58 -22.11 -34.44 -2.05
N GLY F 59 -21.79 -33.22 -2.49
CA GLY F 59 -20.64 -32.98 -3.34
C GLY F 59 -20.33 -31.50 -3.43
N ILE F 60 -19.04 -31.18 -3.51
CA ILE F 60 -18.58 -29.80 -3.61
C ILE F 60 -17.71 -29.61 -4.86
N GLY F 61 -18.19 -28.78 -5.77
CA GLY F 61 -17.45 -28.45 -6.99
C GLY F 61 -16.94 -27.04 -6.90
N VAL F 62 -15.70 -26.81 -7.36
CA VAL F 62 -15.05 -25.50 -7.22
C VAL F 62 -14.29 -25.05 -8.48
N ALA F 63 -14.58 -23.83 -8.92
CA ALA F 63 -13.73 -23.11 -9.87
C ALA F 63 -13.12 -21.92 -9.13
N SER F 64 -11.81 -21.79 -9.17
CA SER F 64 -11.12 -20.78 -8.38
C SER F 64 -10.04 -20.09 -9.19
N VAL F 65 -10.02 -18.76 -9.12
CA VAL F 65 -8.94 -17.98 -9.71
C VAL F 65 -8.03 -17.33 -8.65
N VAL F 66 -8.15 -17.79 -7.41
CA VAL F 66 -7.36 -17.29 -6.28
C VAL F 66 -6.72 -18.50 -5.56
N PRO F 67 -5.56 -18.97 -6.08
CA PRO F 67 -4.88 -20.16 -5.54
C PRO F 67 -4.69 -20.20 -4.02
N THR F 68 -4.38 -19.08 -3.38
CA THR F 68 -4.24 -19.04 -1.90
C THR F 68 -5.50 -19.47 -1.15
N GLN F 69 -6.67 -19.27 -1.77
CA GLN F 69 -7.96 -19.62 -1.14
C GLN F 69 -8.23 -21.12 -1.13
N ASN F 70 -7.52 -21.84 -1.98
CA ASN F 70 -7.88 -23.22 -2.28
C ASN F 70 -7.74 -24.15 -1.08
N THR F 71 -6.71 -23.93 -0.25
CA THR F 71 -6.54 -24.76 0.95
C THR F 71 -7.67 -24.54 1.98
N VAL F 72 -8.22 -23.32 2.01
CA VAL F 72 -9.37 -22.99 2.88
C VAL F 72 -10.67 -23.68 2.42
N ILE F 73 -10.93 -23.65 1.12
CA ILE F 73 -12.07 -24.37 0.55
C ILE F 73 -11.96 -25.88 0.85
N GLU F 74 -10.79 -26.45 0.57
CA GLU F 74 -10.50 -27.85 0.84
C GLU F 74 -10.74 -28.23 2.31
N ARG F 75 -10.18 -27.43 3.23
CA ARG F 75 -10.34 -27.62 4.68
C ARG F 75 -11.79 -27.44 5.16
N PHE F 76 -12.50 -26.49 4.55
CA PHE F 76 -13.91 -26.27 4.84
C PHE F 76 -14.72 -27.52 4.44
N SER F 77 -14.49 -27.93 3.20
CA SER F 77 -15.18 -29.07 2.62
C SER F 77 -14.98 -30.36 3.43
N GLN F 78 -13.73 -30.65 3.78
CA GLN F 78 -13.41 -31.84 4.58
C GLN F 78 -13.89 -31.77 6.05
N LYS F 79 -13.72 -30.60 6.69
CA LYS F 79 -14.11 -30.47 8.10
C LYS F 79 -15.63 -30.57 8.29
N TYR F 80 -16.37 -29.90 7.42
CA TYR F 80 -17.80 -29.80 7.61
C TYR F 80 -18.62 -30.81 6.82
N PHE F 81 -18.00 -31.49 5.84
CA PHE F 81 -18.74 -32.42 4.98
C PHE F 81 -18.06 -33.78 4.77
N HIS F 82 -16.78 -33.85 5.16
CA HIS F 82 -15.94 -35.04 4.98
C HIS F 82 -15.79 -35.41 3.49
N ILE F 83 -15.80 -34.40 2.64
CA ILE F 83 -15.62 -34.60 1.20
C ILE F 83 -14.52 -33.70 0.66
N SER F 84 -13.82 -34.16 -0.37
CA SER F 84 -12.86 -33.30 -1.04
C SER F 84 -13.54 -32.61 -2.22
N PRO F 85 -13.28 -31.31 -2.42
CA PRO F 85 -13.83 -30.62 -3.58
C PRO F 85 -13.35 -31.21 -4.92
N ILE F 86 -14.17 -31.03 -5.96
CA ILE F 86 -13.74 -31.32 -7.33
C ILE F 86 -13.35 -29.96 -7.91
N TRP F 87 -12.14 -29.89 -8.45
CA TRP F 87 -11.58 -28.65 -8.94
C TRP F 87 -11.76 -28.55 -10.44
N VAL F 88 -12.42 -27.49 -10.89
CA VAL F 88 -12.57 -27.23 -12.31
C VAL F 88 -11.20 -26.91 -12.92
N LYS F 89 -10.94 -27.48 -14.09
CA LYS F 89 -9.61 -27.54 -14.68
C LYS F 89 -9.80 -27.85 -16.17
N ALA F 90 -8.91 -27.34 -17.02
CA ALA F 90 -8.95 -27.66 -18.47
C ALA F 90 -8.35 -29.04 -18.75
N LYS F 91 -9.21 -29.97 -19.15
CA LYS F 91 -8.80 -31.34 -19.48
C LYS F 91 -9.54 -31.85 -20.73
N ASN F 92 -9.16 -33.04 -21.19
CA ASN F 92 -9.80 -33.68 -22.33
C ASN F 92 -11.29 -33.92 -22.09
N GLY F 93 -12.09 -33.80 -23.15
CA GLY F 93 -13.53 -33.99 -23.04
C GLY F 93 -14.28 -33.33 -24.17
N CYS F 94 -15.39 -32.69 -23.83
CA CYS F 94 -16.24 -32.04 -24.84
C CYS F 94 -15.56 -30.79 -25.42
N VAL F 95 -14.69 -30.15 -24.64
CA VAL F 95 -13.96 -28.98 -25.10
C VAL F 95 -12.52 -29.33 -25.47
N LYS F 96 -12.15 -29.01 -26.71
CA LYS F 96 -10.75 -28.97 -27.10
C LYS F 96 -10.19 -27.61 -26.70
N TRP F 97 -9.13 -27.63 -25.91
CA TRP F 97 -8.50 -26.40 -25.43
C TRP F 97 -7.37 -26.00 -26.35
N ASN F 98 -7.73 -25.25 -27.39
CA ASN F 98 -6.81 -24.92 -28.49
C ASN F 98 -5.97 -23.67 -28.22
N VAL F 99 -5.30 -23.68 -27.08
CA VAL F 99 -4.40 -22.60 -26.67
C VAL F 99 -3.06 -23.21 -26.30
N LYS F 100 -2.02 -22.38 -26.22
CA LYS F 100 -0.67 -22.83 -25.93
C LYS F 100 -0.55 -23.63 -24.62
N ASN F 101 -1.17 -23.14 -23.56
CA ASN F 101 -1.13 -23.82 -22.27
C ASN F 101 -2.49 -23.82 -21.55
N PRO F 102 -3.30 -24.88 -21.80
CA PRO F 102 -4.64 -25.03 -21.21
C PRO F 102 -4.68 -24.94 -19.68
N SER F 103 -3.61 -25.38 -19.01
CA SER F 103 -3.56 -25.32 -17.53
C SER F 103 -3.45 -23.87 -17.00
N GLU F 104 -3.08 -22.94 -17.86
CA GLU F 104 -2.99 -21.52 -17.51
C GLU F 104 -4.33 -20.78 -17.58
N VAL F 105 -5.28 -21.35 -18.30
CA VAL F 105 -6.60 -20.74 -18.46
C VAL F 105 -7.34 -20.69 -17.13
N GLY F 106 -7.79 -19.51 -16.74
CA GLY F 106 -8.60 -19.31 -15.54
C GLY F 106 -9.76 -20.30 -15.45
N ALA F 107 -9.93 -20.92 -14.29
CA ALA F 107 -10.95 -21.95 -14.10
C ALA F 107 -12.40 -21.43 -14.23
N ASP F 108 -12.61 -20.13 -14.10
CA ASP F 108 -13.93 -19.53 -14.33
C ASP F 108 -14.26 -19.50 -15.82
N ARG F 109 -13.22 -19.30 -16.63
CA ARG F 109 -13.34 -19.31 -18.08
C ARG F 109 -13.56 -20.72 -18.60
N VAL F 110 -12.88 -21.69 -17.98
CA VAL F 110 -13.06 -23.10 -18.28
C VAL F 110 -14.52 -23.48 -18.04
N ALA F 111 -15.04 -23.16 -16.85
CA ALA F 111 -16.43 -23.38 -16.46
C ALA F 111 -17.45 -22.75 -17.44
N ASN F 112 -17.21 -21.49 -17.81
CA ASN F 112 -18.07 -20.79 -18.78
C ASN F 112 -18.19 -21.49 -20.11
N VAL F 113 -17.04 -21.93 -20.63
CA VAL F 113 -16.96 -22.64 -21.92
C VAL F 113 -17.61 -24.03 -21.85
N VAL F 114 -17.34 -24.76 -20.77
CA VAL F 114 -17.98 -26.05 -20.55
C VAL F 114 -19.49 -25.90 -20.51
N ALA F 115 -19.97 -24.92 -19.74
CA ALA F 115 -21.40 -24.65 -19.61
C ALA F 115 -22.02 -24.25 -20.95
N PHE F 116 -21.29 -23.46 -21.74
CA PHE F 116 -21.79 -23.01 -23.03
C PHE F 116 -21.95 -24.16 -24.01
N VAL F 117 -20.92 -25.01 -24.08
CA VAL F 117 -20.90 -26.14 -25.00
C VAL F 117 -21.99 -27.14 -24.59
N LYS F 118 -22.17 -27.32 -23.29
CA LYS F 118 -23.16 -28.25 -22.76
C LYS F 118 -24.59 -27.75 -22.92
N GLU F 119 -24.81 -26.46 -22.74
CA GLU F 119 -26.16 -25.92 -22.70
C GLU F 119 -26.60 -25.11 -23.91
N TYR F 120 -25.65 -24.46 -24.56
CA TYR F 120 -26.01 -23.53 -25.62
C TYR F 120 -25.56 -23.93 -27.01
N GLY F 121 -24.39 -24.58 -27.13
CA GLY F 121 -23.94 -25.05 -28.44
C GLY F 121 -22.45 -25.05 -28.61
N LYS F 122 -22.01 -25.36 -29.83
CA LYS F 122 -20.58 -25.55 -30.12
C LYS F 122 -19.90 -24.26 -30.59
N ASN F 123 -20.70 -23.22 -30.82
CA ASN F 123 -20.24 -21.98 -31.40
C ASN F 123 -20.72 -20.75 -30.62
N GLY F 124 -19.77 -19.97 -30.10
CA GLY F 124 -20.13 -18.78 -29.33
C GLY F 124 -19.00 -17.91 -28.86
N ILE F 125 -19.38 -16.70 -28.47
CA ILE F 125 -18.50 -15.73 -27.83
C ILE F 125 -19.06 -15.45 -26.42
N ILE F 126 -18.23 -15.69 -25.41
CA ILE F 126 -18.61 -15.50 -24.02
C ILE F 126 -17.96 -14.25 -23.45
N ILE F 127 -18.79 -13.36 -22.91
CA ILE F 127 -18.29 -12.16 -22.23
C ILE F 127 -18.64 -12.19 -20.74
N ASP F 128 -17.62 -12.27 -19.91
CA ASP F 128 -17.80 -12.35 -18.47
C ASP F 128 -17.25 -11.08 -17.84
N MET F 129 -18.14 -10.25 -17.32
CA MET F 129 -17.78 -8.99 -16.70
C MET F 129 -17.75 -9.11 -15.18
N GLY F 130 -16.54 -9.15 -14.63
CA GLY F 130 -16.34 -9.17 -13.18
C GLY F 130 -15.20 -8.24 -12.82
N THR F 131 -14.31 -8.70 -11.94
CA THR F 131 -13.10 -7.96 -11.54
C THR F 131 -12.31 -7.59 -12.79
N ALA F 132 -12.01 -8.60 -13.61
CA ALA F 132 -11.58 -8.43 -14.98
C ALA F 132 -12.75 -8.78 -15.90
N THR F 133 -12.69 -8.34 -17.14
CA THR F 133 -13.66 -8.75 -18.15
C THR F 133 -12.96 -9.65 -19.17
N THR F 134 -13.52 -10.84 -19.36
CA THR F 134 -12.97 -11.79 -20.32
C THR F 134 -13.87 -11.94 -21.55
N VAL F 135 -13.21 -12.14 -22.68
CA VAL F 135 -13.85 -12.56 -23.91
C VAL F 135 -13.35 -13.99 -24.18
N ASP F 136 -14.26 -14.92 -24.42
CA ASP F 136 -13.87 -16.30 -24.71
C ASP F 136 -14.50 -16.77 -26.00
N LEU F 137 -13.69 -17.36 -26.86
CA LEU F 137 -14.17 -17.84 -28.15
C LEU F 137 -14.20 -19.35 -28.23
N VAL F 138 -15.39 -19.91 -28.50
CA VAL F 138 -15.57 -21.33 -28.79
C VAL F 138 -16.07 -21.53 -30.23
N VAL F 139 -15.30 -22.27 -31.03
CA VAL F 139 -15.67 -22.57 -32.41
C VAL F 139 -15.65 -24.08 -32.66
N ASN F 140 -16.81 -24.62 -33.04
CA ASN F 140 -17.02 -26.04 -33.25
C ASN F 140 -16.55 -26.88 -32.03
N GLY F 141 -16.87 -26.39 -30.83
CA GLY F 141 -16.53 -27.07 -29.58
C GLY F 141 -15.07 -26.95 -29.20
N SER F 142 -14.35 -26.07 -29.89
CA SER F 142 -12.95 -25.85 -29.60
C SER F 142 -12.75 -24.45 -29.02
N TYR F 143 -12.17 -24.38 -27.83
CA TYR F 143 -11.84 -23.09 -27.22
C TYR F 143 -10.66 -22.50 -27.95
N GLU F 144 -10.84 -21.31 -28.49
CA GLU F 144 -9.82 -20.72 -29.37
C GLU F 144 -8.97 -19.67 -28.65
N GLY F 145 -9.40 -19.28 -27.45
CA GLY F 145 -8.71 -18.25 -26.68
C GLY F 145 -9.58 -17.03 -26.52
N GLY F 146 -8.98 -15.89 -26.18
CA GLY F 146 -9.78 -14.69 -26.05
C GLY F 146 -9.04 -13.43 -25.68
N ALA F 147 -9.67 -12.63 -24.84
CA ALA F 147 -9.11 -11.37 -24.39
C ALA F 147 -9.38 -11.18 -22.91
N ILE F 148 -8.46 -10.47 -22.25
CA ILE F 148 -8.69 -9.98 -20.91
C ILE F 148 -8.61 -8.45 -20.89
N LEU F 149 -9.60 -7.83 -20.28
CA LEU F 149 -9.52 -6.40 -20.04
C LEU F 149 -9.87 -6.09 -18.58
N PRO F 150 -9.47 -4.90 -18.08
CA PRO F 150 -9.87 -4.52 -16.73
C PRO F 150 -11.39 -4.40 -16.62
N GLY F 151 -11.95 -4.77 -15.47
CA GLY F 151 -13.37 -4.61 -15.22
C GLY F 151 -13.72 -3.14 -15.04
N PHE F 152 -15.01 -2.83 -15.10
CA PHE F 152 -15.53 -1.46 -14.91
C PHE F 152 -15.00 -0.80 -13.66
N PHE F 153 -15.19 -1.46 -12.51
CA PHE F 153 -14.74 -0.88 -11.27
C PHE F 153 -13.21 -0.73 -11.19
N MET F 154 -12.49 -1.75 -11.62
CA MET F 154 -11.03 -1.72 -11.70
C MET F 154 -10.53 -0.52 -12.51
N MET F 155 -11.25 -0.17 -13.56
CA MET F 155 -10.92 1.02 -14.36
C MET F 155 -11.12 2.35 -13.62
N VAL F 156 -12.30 2.55 -13.03
CA VAL F 156 -12.59 3.81 -12.32
C VAL F 156 -11.72 3.93 -11.07
N HIS F 157 -11.41 2.80 -10.45
CA HIS F 157 -10.55 2.78 -9.28
C HIS F 157 -9.08 3.08 -9.62
N SER F 158 -8.59 2.52 -10.72
CA SER F 158 -7.23 2.83 -11.20
C SER F 158 -7.05 4.32 -11.56
N LEU F 159 -8.11 4.97 -12.02
CA LEU F 159 -8.03 6.39 -12.38
C LEU F 159 -8.03 7.29 -11.15
N PHE F 160 -8.82 6.91 -10.15
CA PHE F 160 -8.86 7.58 -8.86
C PHE F 160 -7.51 7.42 -8.14
N ARG F 161 -7.06 6.17 -8.02
CA ARG F 161 -5.83 5.88 -7.30
C ARG F 161 -4.56 6.33 -8.03
N GLY F 162 -4.60 6.35 -9.36
CA GLY F 162 -3.41 6.59 -10.18
C GLY F 162 -3.18 8.04 -10.62
N THR F 163 -4.09 8.93 -10.22
CA THR F 163 -3.97 10.35 -10.50
C THR F 163 -4.18 11.17 -9.24
N ALA F 164 -3.75 12.42 -9.30
CA ALA F 164 -3.93 13.37 -8.19
C ALA F 164 -5.35 13.94 -8.14
N LYS F 165 -5.90 14.29 -9.30
CA LYS F 165 -7.11 15.11 -9.38
C LYS F 165 -8.43 14.37 -9.59
N LEU F 166 -8.36 13.12 -10.03
CA LEU F 166 -9.59 12.38 -10.37
C LEU F 166 -10.25 11.74 -9.16
N PRO F 167 -11.59 11.88 -9.03
CA PRO F 167 -12.34 11.19 -8.00
C PRO F 167 -12.63 9.72 -8.36
N LEU F 168 -13.23 8.98 -7.42
CA LEU F 168 -13.78 7.66 -7.66
C LEU F 168 -15.22 7.79 -8.18
N VAL F 169 -15.43 7.34 -9.41
CA VAL F 169 -16.69 7.57 -10.09
C VAL F 169 -17.57 6.30 -10.05
N GLU F 170 -18.86 6.50 -9.82
CA GLU F 170 -19.85 5.43 -9.89
C GLU F 170 -19.92 4.87 -11.30
N VAL F 171 -19.92 3.53 -11.40
CA VAL F 171 -20.04 2.83 -12.68
C VAL F 171 -21.47 2.89 -13.22
N LYS F 172 -21.67 3.74 -14.22
CA LYS F 172 -22.98 4.05 -14.76
C LYS F 172 -22.77 4.54 -16.20
N PRO F 173 -23.54 3.99 -17.16
CA PRO F 173 -23.39 4.39 -18.56
C PRO F 173 -23.65 5.88 -18.82
N ALA F 174 -22.87 6.45 -19.72
CA ALA F 174 -23.09 7.81 -20.22
C ALA F 174 -24.16 7.79 -21.31
N ASP F 175 -25.10 8.74 -21.23
CA ASP F 175 -26.13 8.91 -22.26
C ASP F 175 -25.92 10.22 -23.02
N PHE F 176 -24.65 10.57 -23.18
CA PHE F 176 -24.22 11.80 -23.84
C PHE F 176 -23.00 11.49 -24.73
N VAL F 177 -22.75 12.37 -25.71
CA VAL F 177 -21.68 12.18 -26.70
C VAL F 177 -20.30 12.56 -26.12
N VAL F 178 -20.27 13.60 -25.31
CA VAL F 178 -19.08 14.05 -24.57
C VAL F 178 -19.45 14.43 -23.16
N GLY F 179 -18.56 14.14 -22.21
CA GLY F 179 -18.74 14.58 -20.83
C GLY F 179 -18.61 16.08 -20.64
N LYS F 180 -19.47 16.62 -19.79
CA LYS F 180 -19.52 18.05 -19.48
C LYS F 180 -18.91 18.34 -18.11
N ASP F 181 -18.50 17.28 -17.42
CA ASP F 181 -17.72 17.40 -16.19
C ASP F 181 -16.86 16.15 -16.02
N THR F 182 -15.99 16.16 -15.01
CA THR F 182 -15.04 15.07 -14.77
C THR F 182 -15.74 13.71 -14.64
N GLU F 183 -16.75 13.63 -13.78
CA GLU F 183 -17.52 12.41 -13.56
C GLU F 183 -18.11 11.82 -14.85
N GLU F 184 -18.69 12.68 -15.68
CA GLU F 184 -19.25 12.30 -16.97
C GLU F 184 -18.17 11.86 -17.94
N ASN F 185 -17.01 12.53 -17.91
CA ASN F 185 -15.85 12.17 -18.75
C ASN F 185 -15.39 10.74 -18.52
N ILE F 186 -15.21 10.39 -17.24
CA ILE F 186 -14.80 9.05 -16.83
C ILE F 186 -15.86 8.00 -17.12
N ARG F 187 -17.13 8.32 -16.85
CA ARG F 187 -18.23 7.42 -17.18
C ARG F 187 -18.22 7.05 -18.66
N LEU F 188 -18.09 8.05 -19.52
CA LEU F 188 -18.05 7.84 -20.96
C LEU F 188 -16.80 7.04 -21.41
N GLY F 189 -15.64 7.40 -20.88
CA GLY F 189 -14.40 6.70 -21.19
C GLY F 189 -14.37 5.25 -20.75
N VAL F 190 -14.81 5.00 -19.52
CA VAL F 190 -14.76 3.67 -18.91
C VAL F 190 -15.93 2.75 -19.30
N VAL F 191 -17.16 3.22 -19.12
CA VAL F 191 -18.31 2.33 -19.30
C VAL F 191 -18.64 2.15 -20.79
N ASN F 192 -18.95 3.25 -21.47
CA ASN F 192 -19.14 3.24 -22.91
C ASN F 192 -17.90 2.81 -23.66
N GLY F 193 -16.73 3.28 -23.22
CA GLY F 193 -15.46 2.87 -23.81
C GLY F 193 -15.22 1.37 -23.75
N SER F 194 -15.46 0.75 -22.59
CA SER F 194 -15.36 -0.72 -22.45
C SER F 194 -16.32 -1.46 -23.35
N VAL F 195 -17.57 -0.98 -23.45
CA VAL F 195 -18.55 -1.57 -24.35
C VAL F 195 -18.01 -1.54 -25.78
N TYR F 196 -17.55 -0.36 -26.21
CA TYR F 196 -16.91 -0.17 -27.52
C TYR F 196 -15.72 -1.10 -27.75
N ALA F 197 -14.88 -1.22 -26.72
CA ALA F 197 -13.73 -2.12 -26.74
C ALA F 197 -14.17 -3.56 -27.01
N LEU F 198 -15.19 -4.00 -26.27
CA LEU F 198 -15.79 -5.33 -26.43
C LEU F 198 -16.44 -5.55 -27.79
N GLU F 199 -17.20 -4.56 -28.27
CA GLU F 199 -17.82 -4.63 -29.61
C GLU F 199 -16.78 -4.73 -30.73
N GLY F 200 -15.61 -4.11 -30.54
CA GLY F 200 -14.52 -4.15 -31.52
C GLY F 200 -13.87 -5.52 -31.59
N ILE F 201 -13.57 -6.07 -30.40
CA ILE F 201 -12.98 -7.41 -30.30
C ILE F 201 -13.95 -8.44 -30.90
N ILE F 202 -15.23 -8.36 -30.51
CA ILE F 202 -16.28 -9.22 -31.03
C ILE F 202 -16.42 -9.11 -32.55
N GLY F 203 -16.44 -7.88 -33.06
CA GLY F 203 -16.62 -7.61 -34.48
C GLY F 203 -15.51 -8.19 -35.32
N ARG F 204 -14.27 -8.08 -34.84
CA ARG F 204 -13.10 -8.64 -35.52
C ARG F 204 -13.11 -10.18 -35.48
N ILE F 205 -13.53 -10.76 -34.36
CA ILE F 205 -13.74 -12.21 -34.28
C ILE F 205 -14.74 -12.69 -35.35
N LYS F 206 -15.88 -12.00 -35.47
CA LYS F 206 -16.92 -12.35 -36.43
C LYS F 206 -16.50 -12.18 -37.90
N GLU F 207 -15.54 -11.29 -38.16
CA GLU F 207 -15.00 -11.12 -39.51
C GLU F 207 -14.28 -12.38 -39.97
N VAL F 208 -13.62 -13.05 -39.03
CA VAL F 208 -12.79 -14.21 -39.31
C VAL F 208 -13.60 -15.52 -39.21
N TYR F 209 -14.45 -15.61 -38.19
CA TYR F 209 -15.15 -16.86 -37.87
C TYR F 209 -16.62 -16.88 -38.30
N GLY F 210 -17.09 -15.77 -38.87
CA GLY F 210 -18.50 -15.62 -39.18
C GLY F 210 -19.32 -15.26 -37.94
N ASP F 211 -20.59 -14.96 -38.16
CA ASP F 211 -21.52 -14.61 -37.09
C ASP F 211 -21.61 -15.74 -36.07
N LEU F 212 -21.69 -15.36 -34.81
CA LEU F 212 -21.68 -16.27 -33.68
C LEU F 212 -22.55 -15.64 -32.60
N PRO F 213 -23.29 -16.48 -31.85
CA PRO F 213 -24.05 -15.93 -30.74
C PRO F 213 -23.13 -15.39 -29.63
N VAL F 214 -23.53 -14.26 -29.04
CA VAL F 214 -22.83 -13.68 -27.91
C VAL F 214 -23.61 -13.92 -26.62
N VAL F 215 -22.92 -14.39 -25.60
CA VAL F 215 -23.54 -14.59 -24.29
C VAL F 215 -22.92 -13.64 -23.27
N LEU F 216 -23.78 -12.93 -22.55
CA LEU F 216 -23.33 -12.06 -21.47
C LEU F 216 -23.54 -12.71 -20.11
N THR F 217 -22.47 -12.69 -19.32
CA THR F 217 -22.49 -13.14 -17.93
C THR F 217 -21.58 -12.27 -17.06
N GLY F 218 -21.58 -12.55 -15.75
CA GLY F 218 -20.76 -11.80 -14.80
C GLY F 218 -21.55 -10.79 -13.98
N GLY F 219 -21.06 -10.46 -12.79
CA GLY F 219 -21.75 -9.55 -11.89
C GLY F 219 -21.96 -8.14 -12.42
N GLN F 220 -21.13 -7.73 -13.39
CA GLN F 220 -21.16 -6.37 -13.89
C GLN F 220 -21.90 -6.22 -15.21
N SER F 221 -22.44 -7.32 -15.69
CA SER F 221 -23.09 -7.39 -17.00
C SER F 221 -24.39 -6.61 -17.16
N LYS F 222 -25.23 -6.60 -16.14
CA LYS F 222 -26.59 -6.04 -16.28
C LYS F 222 -26.63 -4.53 -16.48
N ILE F 223 -25.62 -3.82 -15.97
CA ILE F 223 -25.53 -2.36 -16.16
C ILE F 223 -25.34 -1.97 -17.62
N VAL F 224 -24.81 -2.89 -18.43
CA VAL F 224 -24.50 -2.61 -19.84
C VAL F 224 -25.23 -3.58 -20.77
N LYS F 225 -26.08 -4.41 -20.16
CA LYS F 225 -26.91 -5.39 -20.85
C LYS F 225 -27.51 -4.86 -22.16
N ASP F 226 -28.14 -3.70 -22.09
CA ASP F 226 -28.85 -3.11 -23.23
C ASP F 226 -27.96 -2.26 -24.15
N MET F 227 -26.65 -2.40 -24.01
CA MET F 227 -25.71 -1.62 -24.83
C MET F 227 -24.86 -2.49 -25.73
N ILE F 228 -24.81 -3.79 -25.42
CA ILE F 228 -24.06 -4.74 -26.22
C ILE F 228 -25.04 -5.74 -26.83
N LYS F 229 -24.98 -5.89 -28.14
CA LYS F 229 -25.76 -6.89 -28.82
C LYS F 229 -25.34 -8.29 -28.35
N HIS F 230 -26.32 -9.05 -27.87
CA HIS F 230 -26.08 -10.39 -27.37
C HIS F 230 -27.34 -11.23 -27.57
N GLU F 231 -27.14 -12.54 -27.69
CA GLU F 231 -28.24 -13.45 -27.94
C GLU F 231 -28.66 -14.15 -26.65
N ILE F 232 -27.75 -14.22 -25.67
CA ILE F 232 -27.99 -14.93 -24.42
C ILE F 232 -27.51 -14.09 -23.23
N PHE F 233 -28.32 -14.08 -22.18
CA PHE F 233 -27.94 -13.46 -20.92
C PHE F 233 -28.11 -14.50 -19.83
N ASP F 234 -26.99 -14.93 -19.26
CA ASP F 234 -27.01 -16.02 -18.28
C ASP F 234 -26.04 -15.77 -17.14
N GLU F 235 -26.55 -15.20 -16.05
CA GLU F 235 -25.72 -14.89 -14.88
C GLU F 235 -25.21 -16.16 -14.17
N ASP F 236 -25.85 -17.28 -14.44
CA ASP F 236 -25.51 -18.55 -13.79
C ASP F 236 -24.53 -19.41 -14.60
N LEU F 237 -23.94 -18.84 -15.66
CA LEU F 237 -23.12 -19.62 -16.57
C LEU F 237 -21.93 -20.30 -15.90
N THR F 238 -21.20 -19.55 -15.08
CA THR F 238 -20.00 -20.08 -14.41
C THR F 238 -20.35 -21.21 -13.46
N ILE F 239 -21.31 -20.97 -12.57
CA ILE F 239 -21.80 -22.01 -11.64
C ILE F 239 -22.38 -23.23 -12.39
N LYS F 240 -23.07 -22.98 -13.51
CA LYS F 240 -23.54 -24.08 -14.38
C LYS F 240 -22.38 -24.95 -14.88
N GLY F 241 -21.27 -24.31 -15.23
CA GLY F 241 -20.09 -25.00 -15.72
C GLY F 241 -19.39 -25.81 -14.66
N VAL F 242 -19.36 -25.29 -13.44
CA VAL F 242 -18.86 -26.03 -12.28
C VAL F 242 -19.68 -27.31 -12.09
N TYR F 243 -21.02 -27.19 -12.17
CA TYR F 243 -21.88 -28.37 -12.08
C TYR F 243 -21.61 -29.38 -13.19
N HIS F 244 -21.58 -28.92 -14.43
CA HIS F 244 -21.36 -29.79 -15.57
C HIS F 244 -20.01 -30.49 -15.52
N PHE F 245 -18.95 -29.75 -15.19
CA PHE F 245 -17.61 -30.34 -15.12
C PHE F 245 -17.50 -31.39 -14.01
N CYS F 246 -18.02 -31.06 -12.83
CA CYS F 246 -17.83 -31.87 -11.63
C CYS F 246 -18.86 -33.00 -11.51
N PHE F 247 -20.11 -32.71 -11.86
CA PHE F 247 -21.20 -33.64 -11.61
C PHE F 247 -22.02 -33.99 -12.86
N GLY F 248 -21.70 -33.35 -13.98
CA GLY F 248 -22.50 -33.46 -15.21
C GLY F 248 -22.50 -34.81 -15.90
PB ADP G . -0.69 -16.70 13.66
O1B ADP G . 0.56 -16.06 14.22
O2B ADP G . -1.39 -17.62 14.63
O3B ADP G . -1.59 -15.73 12.92
PA ADP G . -1.03 -18.56 11.50
O1A ADP G . -2.44 -18.60 12.04
O2A ADP G . -0.31 -19.85 11.18
O3A ADP G . -0.11 -17.72 12.53
O5' ADP G . -1.01 -17.64 10.18
C5' ADP G . -0.30 -18.01 9.00
C4' ADP G . -1.26 -18.75 8.08
O4' ADP G . -2.09 -17.80 7.39
C3' ADP G . -0.56 -19.57 7.03
O3' ADP G . -1.15 -20.87 7.04
C2' ADP G . -0.78 -18.84 5.71
O2' ADP G . -0.98 -19.74 4.62
C1' ADP G . -2.01 -17.97 5.97
N9 ADP G . -1.89 -16.62 5.35
C8 ADP G . -1.29 -15.56 5.93
N7 ADP G . -1.34 -14.46 5.13
C5 ADP G . -2.00 -14.82 4.01
C6 ADP G . -2.40 -14.13 2.75
N6 ADP G . -2.09 -12.83 2.54
N1 ADP G . -3.07 -14.86 1.83
C2 ADP G . -3.38 -16.16 2.04
N3 ADP G . -3.04 -16.85 3.15
C4 ADP G . -2.37 -16.24 4.16
O2 PAU H . 3.87 -14.17 16.81
C1 PAU H . 5.85 -12.88 17.14
C2 PAU H . 5.24 -14.22 16.93
C3 PAU H . 5.39 -11.90 16.09
C4 PAU H . 7.36 -13.00 17.09
C5 PAU H . 5.40 -12.47 18.54
O5' PAU H . 5.89 -13.38 19.46
C6 PAU H . 5.70 -11.09 19.02
O6' PAU H . 4.96 -10.15 18.66
N PAU H . 6.63 -10.84 19.78
C8 PAU H . 7.11 -9.67 20.42
C9 PAU H . 8.61 -9.76 20.35
C PAU H . 9.29 -10.81 21.20
OXT PAU H . 10.37 -10.55 21.62
O PAU H . 8.77 -11.87 21.41
PB ADP I . 19.73 -5.72 -5.92
O1B ADP I . 18.88 -6.95 -6.14
O2B ADP I . 20.96 -5.66 -6.81
O3B ADP I . 18.92 -4.44 -5.90
PA ADP I . 20.99 -4.99 -3.40
O1A ADP I . 21.67 -3.90 -4.20
O2A ADP I . 21.81 -5.79 -2.42
O3A ADP I . 20.31 -6.02 -4.44
O5' ADP I . 19.73 -4.36 -2.62
C5' ADP I . 19.22 -4.87 -1.38
C4' ADP I . 19.46 -3.84 -0.27
O4' ADP I . 18.72 -2.63 -0.51
C3' ADP I . 19.01 -4.29 1.11
O3' ADP I . 19.99 -5.09 1.78
C2' ADP I . 18.73 -2.99 1.84
O2' ADP I . 19.85 -2.54 2.61
C1' ADP I . 18.41 -1.99 0.74
N9 ADP I . 16.97 -1.67 0.87
C8 ADP I . 15.95 -2.30 0.25
N7 ADP I . 14.75 -1.77 0.60
C5 ADP I . 15.00 -0.78 1.48
C6 ADP I . 14.17 0.19 2.26
N6 ADP I . 12.82 0.22 2.17
N1 ADP I . 14.84 1.06 3.05
C2 ADP I . 16.17 1.06 3.17
N3 ADP I . 16.98 0.21 2.50
C4 ADP I . 16.46 -0.71 1.66
O2 PAU J . 17.67 -11.15 -8.29
C1 PAU J . 15.89 -12.78 -8.56
C2 PAU J . 17.26 -12.45 -7.99
C3 PAU J . 15.57 -14.12 -7.95
C4 PAU J . 14.80 -11.84 -8.09
C5 PAU J . 15.98 -12.81 -10.08
O5' PAU J . 17.07 -13.55 -10.57
C6 PAU J . 14.73 -13.16 -10.84
O6' PAU J . 13.87 -12.28 -11.02
N PAU J . 14.65 -14.29 -11.29
C8 PAU J . 13.65 -14.98 -12.04
C9 PAU J . 13.38 -16.31 -11.35
C PAU J . 14.36 -17.39 -11.67
OXT PAU J . 13.95 -18.48 -11.84
O PAU J . 15.52 -17.17 -11.81
PB ADP K . 11.12 16.52 7.66
O1B ADP K . 10.71 15.73 8.87
O2B ADP K . 12.45 17.23 7.84
O3B ADP K . 11.03 15.74 6.37
PA ADP K . 9.48 18.54 6.35
O1A ADP K . 10.57 18.57 5.31
O2A ADP K . 8.88 19.83 6.84
O3A ADP K . 10.00 17.70 7.63
O5' ADP K . 8.28 17.61 5.77
C5' ADP K . 7.00 18.15 5.40
C4' ADP K . 6.97 18.46 3.91
O4' ADP K . 6.91 17.25 3.15
C3' ADP K . 5.75 19.29 3.52
O3' ADP K . 6.19 20.47 2.85
C2' ADP K . 4.95 18.40 2.58
O2' ADP K . 4.44 19.13 1.46
C1' ADP K . 5.94 17.35 2.11
N9 ADP K . 5.28 16.04 1.82
C8 ADP K . 5.23 14.99 2.66
N7 ADP K . 4.58 13.94 2.10
C5 ADP K . 4.18 14.32 0.87
C6 ADP K . 3.44 13.68 -0.25
N6 ADP K . 2.96 12.41 -0.17
N1 ADP K . 3.24 14.41 -1.36
C2 ADP K . 3.70 15.68 -1.46
N3 ADP K . 4.38 16.32 -0.49
C4 ADP K . 4.66 15.70 0.69
O2 PAU L . 10.83 14.28 13.49
C1 PAU L . 10.02 12.73 15.17
C2 PAU L . 10.16 14.17 14.72
C3 PAU L . 9.49 11.89 13.99
C4 PAU L . 9.04 12.65 16.32
C5 PAU L . 11.41 12.29 15.59
O5' PAU L . 11.96 13.23 16.46
C6 PAU L . 11.63 10.86 16.10
O6' PAU L . 11.74 9.89 15.29
N PAU L . 11.66 10.64 17.30
C8 PAU L . 11.87 9.48 18.06
C9 PAU L . 10.97 9.54 19.25
C PAU L . 11.14 10.62 20.28
OXT PAU L . 11.54 11.72 20.05
O PAU L . 10.78 10.33 21.36
PB ADP M . -16.73 5.91 12.07
O1B ADP M . -16.46 7.25 11.44
O2B ADP M . -18.16 5.73 12.52
O3B ADP M . -16.17 4.72 11.30
PA ADP M . -15.56 4.97 14.58
O1A ADP M . -16.61 3.89 14.50
O2A ADP M . -15.36 5.71 15.87
O3A ADP M . -15.89 6.08 13.45
O5' ADP M . -14.15 4.34 14.09
C5' ADP M . -12.86 4.80 14.53
C4' ADP M . -12.18 3.71 15.35
O4' ADP M . -11.87 2.57 14.54
C3' ADP M . -10.84 4.12 15.94
O3' ADP M . -10.97 4.70 17.25
C2' ADP M . -10.03 2.84 16.00
O2' ADP M . -10.04 2.27 17.31
C1' ADP M . -10.69 1.89 14.99
N9 ADP M . -9.73 1.68 13.88
C8 ADP M . -9.68 2.37 12.74
N7 ADP M . -8.69 1.94 11.92
C5 ADP M . -8.05 0.94 12.54
C6 ADP M . -6.91 0.04 12.24
N6 ADP M . -6.22 0.13 11.07
N1 ADP M . -6.58 -0.88 13.16
C2 ADP M . -7.25 -0.98 14.33
N3 ADP M . -8.29 -0.21 14.67
C4 ADP M . -8.74 0.76 13.84
O2 PAU N . -17.31 11.23 9.11
C1 PAU N . -16.49 12.85 7.42
C2 PAU N . -16.92 12.55 8.85
C3 PAU N . -15.47 11.83 6.91
C4 PAU N . -15.81 14.20 7.42
C5 PAU N . -17.74 12.89 6.57
O5' PAU N . -18.81 13.55 7.20
C6 PAU N . -17.60 13.27 5.09
O6' PAU N . -17.20 12.42 4.24
N PAU N . -17.89 14.41 4.77
C8 PAU N . -17.92 15.10 3.51
C9 PAU N . -17.17 16.42 3.64
C PAU N . -17.96 17.52 4.26
OXT PAU N . -18.03 18.58 3.74
O PAU N . -18.52 17.33 5.27
PB ADP O . 2.11 11.57 -17.88
O1B ADP O . 0.64 11.38 -17.59
O2B ADP O . 2.45 12.94 -18.43
O3B ADP O . 3.02 11.11 -16.77
PA ADP O . 3.30 9.35 -19.38
O1A ADP O . 4.54 9.60 -18.56
O2A ADP O . 3.43 9.09 -20.85
O3A ADP O . 2.33 10.63 -19.19
O5' ADP O . 2.47 8.10 -18.79
C5' ADP O . 2.92 7.24 -17.75
C4' ADP O . 3.97 6.26 -18.25
O4' ADP O . 4.90 6.00 -17.20
C3' ADP O . 3.37 4.91 -18.62
O3' ADP O . 3.22 4.80 -20.03
C2' ADP O . 4.35 3.86 -18.09
O2' ADP O . 5.20 3.33 -19.12
C1' ADP O . 5.18 4.61 -17.06
N9 ADP O . 4.78 4.14 -15.71
C8 ADP O . 3.78 4.65 -14.96
N7 ADP O . 3.66 3.99 -13.77
C5 ADP O . 4.61 3.03 -13.77
C6 ADP O . 5.05 1.97 -12.82
N6 ADP O . 4.43 1.81 -11.62
N1 ADP O . 6.07 1.17 -13.20
C2 ADP O . 6.70 1.32 -14.38
N3 ADP O . 6.36 2.26 -15.29
C4 ADP O . 5.34 3.13 -15.04
O2 PAU P . -3.68 13.81 -17.45
C1 PAU P . -5.92 13.91 -16.47
C2 PAU P . -5.04 13.60 -17.65
C3 PAU P . -5.47 13.19 -15.20
C4 PAU P . -7.27 13.35 -16.80
C5 PAU P . -5.98 15.41 -16.18
O5' PAU P . -6.20 16.25 -17.23
C6 PAU P . -6.73 15.80 -14.97
O6' PAU P . -6.22 15.53 -13.85
N PAU P . -7.81 16.35 -15.08
C8 PAU P . -8.74 16.86 -14.15
C9 PAU P . -10.12 16.38 -14.52
C PAU P . -10.67 16.81 -15.82
OXT PAU P . -9.98 17.00 -16.80
O PAU P . -11.85 17.00 -15.83
PB ADP Q . -15.44 -11.51 -9.40
O1B ADP Q . -14.23 -11.39 -10.30
O2B ADP Q . -16.28 -12.74 -9.63
O3B ADP Q . -15.11 -11.25 -7.95
PA ADP Q . -17.38 -9.29 -9.26
O1A ADP Q . -17.49 -9.67 -7.81
O2A ADP Q . -18.61 -9.18 -10.13
O3A ADP Q . -16.39 -10.33 -10.00
O5' ADP Q . -16.68 -7.86 -9.46
C5' ADP Q . -16.09 -7.05 -8.45
C4' ADP Q . -17.08 -5.99 -8.00
O4' ADP Q . -16.88 -5.76 -6.59
C3' ADP Q . -16.86 -4.64 -8.67
O3' ADP Q . -17.71 -4.42 -9.80
C2' ADP Q . -17.15 -3.62 -7.58
O2' ADP Q . -18.50 -3.16 -7.62
C1' ADP Q . -16.88 -4.37 -6.28
N9 ADP Q . -15.54 -3.94 -5.79
C8 ADP Q . -14.36 -4.51 -6.09
N7 ADP Q . -13.34 -3.86 -5.48
C5 ADP Q . -13.86 -2.84 -4.76
C6 ADP Q . -13.35 -1.76 -3.89
N6 ADP Q . -12.02 -1.62 -3.64
N1 ADP Q . -14.26 -0.90 -3.35
C2 ADP Q . -15.57 -1.02 -3.59
N3 ADP Q . -16.11 -1.98 -4.37
C4 ADP Q . -15.32 -2.90 -4.98
O2 PAU R . -11.44 -13.63 -13.74
C1 PAU R . -9.38 -13.61 -14.86
C2 PAU R . -10.84 -13.43 -14.95
C3 PAU R . -8.81 -12.79 -13.71
C4 PAU R . -8.82 -13.07 -16.16
C5 PAU R . -9.13 -15.10 -14.68
O5' PAU R . -9.83 -15.95 -15.50
C6 PAU R . -7.73 -15.56 -14.62
O6' PAU R . -7.14 -15.39 -13.55
N PAU R . -7.18 -16.09 -15.55
C8 PAU R . -5.89 -16.65 -15.71
C9 PAU R . -5.33 -16.22 -17.05
C PAU R . -5.99 -16.74 -18.31
OXT PAU R . -7.17 -17.02 -18.31
O PAU R . -5.30 -16.90 -19.28
#